data_5YGS
#
_entry.id   5YGS
#
_cell.length_a   73.690
_cell.length_b   153.550
_cell.length_c   98.240
_cell.angle_alpha   90.000
_cell.angle_beta   90.170
_cell.angle_gamma   90.000
#
_symmetry.space_group_name_H-M   'P 1 21 1'
#
loop_
_entity.id
_entity.type
_entity.pdbx_description
1 polymer 'Human TNRSF25 death domain'
2 branched alpha-D-glucopyranose-(1-4)-alpha-D-glucopyranose-(1-4)-alpha-D-glucopyranose
3 non-polymer 'SULFATE ION'
4 water water
#
_entity_poly.entity_id   1
_entity_poly.type   'polypeptide(L)'
_entity_poly.pdbx_seq_one_letter_code
;MKIEEGKLVIWINGDKGYNGLAEVGKKFEKDTGIKVTVEHPDKLEEKFPQVAATGDGPDIIFWAHDRFGGYAQSGLLAEI
TPAAAFQDKLYPFTWDAVRYNGKLIAYPIAVEALSLIYNKDLLPNPPKTWEEIPALDKELKAKGKSALMFNLQEPYFTWP
LIAADGGYAFKYAAGKYDIKDVGVDNAGAKAGLTFLVDLIKNKHMNADTDYSIAEAAFNKGETAMTINGPWAWSNIDTSA
VNYGVTVLPTFKGQPSKPFVGVLSAGINAASPNKELAKEFLENYLLTDEGLEAVNKDKPLGAVALKSYEEELAKDPRIAA
TMENAQKGEIMPNIPQMSAFWYAVRTAVINAASGRQTVDAALAAAQTNAAAAAQLYDVMDAVPARRWKEFVRTLGLREAE
IEAVEVEIGRFRDQQYEMLKRWRQQQPAGLGAVYAALERMGLDGCVEDLRSRLQRLEHHHHHH
;
_entity_poly.pdbx_strand_id   A,B,C,D
#
loop_
_chem_comp.id
_chem_comp.type
_chem_comp.name
_chem_comp.formula
GLC D-saccharide, alpha linking alpha-D-glucopyranose 'C6 H12 O6'
SO4 non-polymer 'SULFATE ION' 'O4 S -2'
#
# COMPACT_ATOMS: atom_id res chain seq x y z
N LYS A 2 -43.29 1.15 29.47
CA LYS A 2 -42.07 0.54 29.97
C LYS A 2 -41.82 -0.81 29.29
N ILE A 3 -40.55 -1.21 29.22
CA ILE A 3 -40.19 -2.50 28.62
C ILE A 3 -40.42 -3.60 29.64
N GLU A 4 -40.83 -4.77 29.14
CA GLU A 4 -40.87 -5.98 29.94
C GLU A 4 -41.21 -7.13 29.00
N GLU A 5 -40.95 -8.34 29.48
CA GLU A 5 -41.13 -9.54 28.68
C GLU A 5 -42.45 -9.51 27.92
N GLY A 6 -42.42 -9.94 26.67
CA GLY A 6 -43.64 -10.23 25.94
C GLY A 6 -44.17 -9.12 25.06
N LYS A 7 -43.36 -8.11 24.74
CA LYS A 7 -43.80 -7.07 23.82
C LYS A 7 -42.58 -6.36 23.26
N LEU A 8 -42.78 -5.63 22.16
CA LEU A 8 -41.72 -4.90 21.48
C LEU A 8 -42.00 -3.41 21.56
N VAL A 9 -40.99 -2.64 21.95
CA VAL A 9 -41.00 -1.19 21.87
C VAL A 9 -39.88 -0.77 20.94
N ILE A 10 -40.21 0.11 19.98
CA ILE A 10 -39.28 0.53 18.94
C ILE A 10 -39.13 2.04 19.00
N TRP A 11 -37.90 2.51 18.87
CA TRP A 11 -37.59 3.93 18.78
C TRP A 11 -37.11 4.25 17.36
N ILE A 12 -37.65 5.32 16.79
CA ILE A 12 -37.23 5.80 15.48
C ILE A 12 -37.35 7.31 15.48
N ASN A 13 -36.53 7.94 14.64
CA ASN A 13 -36.49 9.40 14.62
C ASN A 13 -37.77 9.97 14.02
N GLY A 14 -38.22 11.10 14.58
CA GLY A 14 -39.51 11.65 14.21
C GLY A 14 -39.63 12.07 12.77
N ASP A 15 -38.51 12.32 12.10
CA ASP A 15 -38.55 12.71 10.70
C ASP A 15 -38.81 11.54 9.77
N LYS A 16 -38.84 10.32 10.28
CA LYS A 16 -39.07 9.13 9.48
C LYS A 16 -40.52 8.67 9.62
N GLY A 17 -40.87 7.64 8.84
CA GLY A 17 -42.24 7.17 8.76
C GLY A 17 -42.63 6.20 9.86
N TYR A 18 -42.70 6.71 11.09
CA TYR A 18 -43.05 5.85 12.23
C TYR A 18 -44.48 5.34 12.11
N ASN A 19 -45.39 6.15 11.59
CA ASN A 19 -46.78 5.71 11.44
C ASN A 19 -46.86 4.50 10.52
N GLY A 20 -46.21 4.57 9.36
CA GLY A 20 -46.12 3.39 8.51
C GLY A 20 -45.47 2.22 9.22
N LEU A 21 -44.41 2.50 9.98
CA LEU A 21 -43.78 1.46 10.79
C LEU A 21 -44.77 0.86 11.77
N ALA A 22 -45.62 1.69 12.37
CA ALA A 22 -46.63 1.18 13.29
C ALA A 22 -47.55 0.20 12.59
N GLU A 23 -47.87 0.47 11.33
CA GLU A 23 -48.69 -0.46 10.56
C GLU A 23 -48.04 -1.84 10.50
N VAL A 24 -46.73 -1.88 10.24
CA VAL A 24 -46.05 -3.17 10.13
C VAL A 24 -46.15 -3.92 11.45
N GLY A 25 -46.12 -3.19 12.56
CA GLY A 25 -46.24 -3.85 13.85
C GLY A 25 -47.64 -4.39 14.10
N LYS A 26 -48.66 -3.67 13.62
CA LYS A 26 -50.03 -4.16 13.78
C LYS A 26 -50.22 -5.50 13.07
N LYS A 27 -49.68 -5.62 11.85
CA LYS A 27 -49.63 -6.94 11.22
C LYS A 27 -48.96 -7.95 12.15
N PHE A 28 -47.78 -7.59 12.66
CA PHE A 28 -47.07 -8.45 13.60
C PHE A 28 -47.95 -8.79 14.80
N GLU A 29 -48.58 -7.78 15.39
CA GLU A 29 -49.46 -8.02 16.53
C GLU A 29 -50.63 -8.91 16.12
N LYS A 30 -51.18 -8.70 14.92
CA LYS A 30 -52.28 -9.53 14.46
C LYS A 30 -51.84 -10.98 14.26
N ASP A 31 -50.59 -11.21 13.88
CA ASP A 31 -50.12 -12.56 13.58
C ASP A 31 -49.54 -13.26 14.80
N THR A 32 -49.02 -12.51 15.78
CA THR A 32 -48.34 -13.09 16.93
C THR A 32 -48.99 -12.76 18.27
N GLY A 33 -49.97 -11.86 18.31
CA GLY A 33 -50.49 -11.39 19.58
C GLY A 33 -49.53 -10.55 20.37
N ILE A 34 -48.39 -10.19 19.78
CA ILE A 34 -47.37 -9.40 20.47
C ILE A 34 -47.62 -7.93 20.14
N LYS A 35 -47.90 -7.14 21.17
CA LYS A 35 -48.15 -5.72 20.97
C LYS A 35 -46.85 -5.03 20.55
N VAL A 36 -46.93 -4.24 19.48
CA VAL A 36 -45.79 -3.51 18.96
C VAL A 36 -46.12 -2.03 19.05
N THR A 37 -45.26 -1.28 19.73
CA THR A 37 -45.48 0.13 19.98
C THR A 37 -44.28 0.91 19.47
N VAL A 38 -44.52 1.84 18.54
CA VAL A 38 -43.47 2.67 17.97
C VAL A 38 -43.51 4.04 18.62
N GLU A 39 -42.34 4.57 18.97
CA GLU A 39 -42.22 5.88 19.57
C GLU A 39 -41.19 6.70 18.80
N HIS A 40 -41.29 8.02 18.94
CA HIS A 40 -40.35 8.94 18.30
C HIS A 40 -40.00 10.02 19.31
N PRO A 41 -39.12 9.73 20.26
CA PRO A 41 -38.76 10.71 21.29
C PRO A 41 -37.80 11.77 20.74
N ASP A 42 -37.65 12.83 21.53
CA ASP A 42 -36.74 13.92 21.18
C ASP A 42 -35.32 13.57 21.59
N LYS A 43 -34.39 13.70 20.65
CA LYS A 43 -32.99 13.41 20.91
C LYS A 43 -32.79 11.96 21.30
N LEU A 44 -33.49 11.04 20.63
CA LEU A 44 -33.34 9.63 20.94
C LEU A 44 -31.91 9.16 20.71
N GLU A 45 -31.14 9.87 19.89
CA GLU A 45 -29.73 9.56 19.72
C GLU A 45 -28.95 9.79 21.01
N GLU A 46 -29.40 10.73 21.85
CA GLU A 46 -28.77 11.02 23.13
C GLU A 46 -29.52 10.40 24.30
N LYS A 47 -30.84 10.20 24.17
CA LYS A 47 -31.61 9.62 25.26
C LYS A 47 -31.35 8.13 25.39
N PHE A 48 -31.09 7.44 24.27
CA PHE A 48 -30.77 6.02 24.35
C PHE A 48 -29.64 5.72 25.30
N PRO A 49 -28.43 6.27 25.13
CA PRO A 49 -27.33 5.94 26.05
C PRO A 49 -27.61 6.30 27.50
N GLN A 50 -28.68 7.03 27.78
CA GLN A 50 -29.07 7.30 29.16
C GLN A 50 -29.93 6.19 29.75
N VAL A 51 -30.80 5.58 28.94
CA VAL A 51 -31.85 4.71 29.44
C VAL A 51 -31.79 3.31 28.84
N ALA A 52 -30.78 3.02 28.02
CA ALA A 52 -30.70 1.73 27.36
C ALA A 52 -30.80 0.58 28.36
N ALA A 53 -29.78 0.42 29.19
CA ALA A 53 -29.72 -0.70 30.13
C ALA A 53 -30.69 -0.57 31.28
N THR A 54 -31.60 0.40 31.28
CA THR A 54 -32.62 0.52 32.32
C THR A 54 -33.91 -0.13 31.84
N GLY A 55 -34.89 -0.21 32.74
CA GLY A 55 -36.19 -0.67 32.36
C GLY A 55 -36.99 0.33 31.53
N ASP A 56 -36.35 1.42 31.09
CA ASP A 56 -37.00 2.47 30.34
C ASP A 56 -36.44 2.60 28.92
N GLY A 57 -35.66 1.61 28.47
CA GLY A 57 -35.12 1.62 27.13
C GLY A 57 -35.93 0.77 26.18
N PRO A 58 -35.75 0.98 24.89
CA PRO A 58 -36.53 0.23 23.91
C PRO A 58 -35.91 -1.13 23.61
N ASP A 59 -36.71 -1.98 22.97
CA ASP A 59 -36.18 -3.25 22.50
C ASP A 59 -35.40 -3.07 21.20
N ILE A 60 -35.94 -2.29 20.27
CA ILE A 60 -35.31 -2.03 18.99
C ILE A 60 -35.09 -0.53 18.85
N ILE A 61 -33.93 -0.15 18.37
CA ILE A 61 -33.59 1.26 18.16
C ILE A 61 -33.20 1.45 16.70
N PHE A 62 -33.61 2.57 16.13
CA PHE A 62 -33.36 2.91 14.74
C PHE A 62 -32.54 4.17 14.67
N TRP A 63 -31.45 4.14 13.92
CA TRP A 63 -30.66 5.33 13.67
C TRP A 63 -29.66 5.02 12.58
N ALA A 64 -29.14 6.09 11.96
CA ALA A 64 -28.04 5.92 11.02
C ALA A 64 -26.91 5.13 11.68
N HIS A 65 -26.14 4.44 10.85
CA HIS A 65 -25.13 3.51 11.36
C HIS A 65 -23.99 4.20 12.10
N ASP A 66 -23.90 5.53 12.09
CA ASP A 66 -22.75 6.18 12.69
C ASP A 66 -22.76 6.08 14.21
N ARG A 67 -23.94 6.00 14.82
CA ARG A 67 -24.02 5.96 16.28
C ARG A 67 -23.74 4.58 16.85
N PHE A 68 -23.89 3.52 16.07
CA PHE A 68 -23.98 2.18 16.64
C PHE A 68 -22.62 1.65 17.11
N GLY A 69 -21.51 2.14 16.55
CA GLY A 69 -20.21 1.68 17.03
C GLY A 69 -20.01 1.94 18.50
N GLY A 70 -20.29 3.17 18.94
CA GLY A 70 -20.24 3.45 20.37
C GLY A 70 -21.18 2.56 21.15
N TYR A 71 -22.46 2.56 20.75
CA TYR A 71 -23.42 1.64 21.35
C TYR A 71 -22.83 0.24 21.47
N ALA A 72 -22.30 -0.28 20.37
CA ALA A 72 -21.76 -1.64 20.37
C ALA A 72 -20.55 -1.74 21.29
N GLN A 73 -19.54 -0.90 21.06
CA GLN A 73 -18.33 -0.95 21.88
C GLN A 73 -18.69 -1.05 23.37
N SER A 74 -19.69 -0.28 23.79
CA SER A 74 -20.14 -0.30 25.18
C SER A 74 -20.95 -1.54 25.52
N GLY A 75 -21.13 -2.46 24.59
CA GLY A 75 -21.88 -3.68 24.86
C GLY A 75 -23.36 -3.44 25.10
N LEU A 76 -23.96 -2.48 24.38
CA LEU A 76 -25.37 -2.15 24.54
C LEU A 76 -26.23 -2.69 23.40
N LEU A 77 -25.68 -3.57 22.57
CA LEU A 77 -26.43 -4.13 21.45
C LEU A 77 -26.18 -5.63 21.37
N ALA A 78 -27.17 -6.35 20.86
CA ALA A 78 -27.09 -7.80 20.74
C ALA A 78 -26.56 -8.18 19.36
N GLU A 79 -25.67 -9.16 19.33
CA GLU A 79 -25.09 -9.60 18.07
C GLU A 79 -26.18 -10.16 17.16
N ILE A 80 -26.37 -9.53 16.01
CA ILE A 80 -27.35 -9.99 15.05
C ILE A 80 -26.83 -11.26 14.38
N THR A 81 -27.68 -12.29 14.33
CA THR A 81 -27.27 -13.62 13.89
C THR A 81 -28.28 -14.15 12.87
N PRO A 82 -28.29 -13.59 11.65
CA PRO A 82 -29.21 -14.08 10.63
C PRO A 82 -28.58 -15.12 9.72
N ALA A 83 -29.38 -16.05 9.20
CA ALA A 83 -28.85 -17.06 8.30
C ALA A 83 -28.23 -16.41 7.06
N ALA A 84 -27.39 -17.18 6.38
CA ALA A 84 -26.75 -16.68 5.17
C ALA A 84 -27.80 -16.33 4.12
N ALA A 85 -28.86 -17.13 4.02
CA ALA A 85 -29.88 -16.88 3.01
C ALA A 85 -30.56 -15.53 3.22
N PHE A 86 -30.65 -15.06 4.46
CA PHE A 86 -31.22 -13.74 4.72
C PHE A 86 -30.23 -12.63 4.41
N GLN A 87 -28.96 -12.81 4.80
CA GLN A 87 -27.94 -11.83 4.46
C GLN A 87 -27.87 -11.61 2.96
N ASP A 88 -28.02 -12.69 2.18
CA ASP A 88 -27.97 -12.60 0.73
C ASP A 88 -29.18 -11.91 0.14
N LYS A 89 -30.13 -11.46 0.96
CA LYS A 89 -31.24 -10.66 0.48
C LYS A 89 -31.02 -9.17 0.63
N LEU A 90 -30.04 -8.76 1.45
CA LEU A 90 -29.65 -7.37 1.60
C LEU A 90 -28.31 -7.14 0.91
N TYR A 91 -28.08 -5.91 0.47
CA TYR A 91 -26.86 -5.61 -0.25
C TYR A 91 -25.65 -5.76 0.68
N PRO A 92 -24.53 -6.30 0.18
CA PRO A 92 -23.42 -6.59 1.09
C PRO A 92 -22.84 -5.37 1.76
N PHE A 93 -22.79 -4.23 1.06
CA PHE A 93 -22.15 -3.07 1.64
C PHE A 93 -22.99 -2.47 2.75
N THR A 94 -24.31 -2.67 2.71
CA THR A 94 -25.14 -2.26 3.84
C THR A 94 -24.81 -3.08 5.08
N TRP A 95 -24.44 -4.35 4.92
CA TRP A 95 -23.99 -5.15 6.05
C TRP A 95 -22.69 -4.59 6.62
N ASP A 96 -21.79 -4.08 5.77
CA ASP A 96 -20.55 -3.51 6.26
C ASP A 96 -20.80 -2.40 7.27
N ALA A 97 -21.77 -1.52 6.97
CA ALA A 97 -22.05 -0.40 7.84
C ALA A 97 -22.33 -0.85 9.27
N VAL A 98 -23.18 -1.88 9.41
CA VAL A 98 -23.63 -2.33 10.73
C VAL A 98 -22.72 -3.43 11.25
N ARG A 99 -21.54 -3.58 10.65
CA ARG A 99 -20.55 -4.53 11.12
C ARG A 99 -19.46 -3.77 11.87
N TYR A 100 -19.26 -4.13 13.13
CA TYR A 100 -18.29 -3.45 14.00
C TYR A 100 -17.45 -4.48 14.72
N ASN A 101 -16.13 -4.44 14.50
CA ASN A 101 -15.22 -5.42 15.09
C ASN A 101 -15.59 -6.84 14.66
N GLY A 102 -15.94 -6.99 13.38
CA GLY A 102 -16.22 -8.30 12.82
C GLY A 102 -17.53 -8.91 13.25
N LYS A 103 -18.39 -8.18 13.95
CA LYS A 103 -19.67 -8.70 14.42
C LYS A 103 -20.80 -7.82 13.91
N LEU A 104 -21.92 -8.45 13.57
CA LEU A 104 -23.10 -7.71 13.15
C LEU A 104 -23.86 -7.23 14.38
N ILE A 105 -24.20 -5.94 14.38
CA ILE A 105 -24.81 -5.31 15.54
C ILE A 105 -26.19 -4.73 15.23
N ALA A 106 -26.66 -4.83 13.99
CA ALA A 106 -27.94 -4.25 13.63
C ALA A 106 -28.39 -4.83 12.29
N TYR A 107 -29.65 -4.53 11.96
CA TYR A 107 -30.19 -4.86 10.65
C TYR A 107 -30.17 -3.61 9.79
N PRO A 108 -29.45 -3.57 8.68
CA PRO A 108 -29.49 -2.39 7.81
C PRO A 108 -30.82 -2.33 7.08
N ILE A 109 -31.42 -1.14 7.07
CA ILE A 109 -32.77 -0.97 6.53
C ILE A 109 -32.69 -0.32 5.16
N ALA A 110 -32.21 0.92 5.11
CA ALA A 110 -32.19 1.68 3.87
C ALA A 110 -30.92 2.52 3.81
N VAL A 111 -30.65 3.04 2.62
CA VAL A 111 -29.50 3.92 2.38
C VAL A 111 -29.99 5.34 2.34
N GLU A 112 -29.32 6.23 3.07
CA GLU A 112 -29.69 7.63 3.16
C GLU A 112 -28.56 8.47 2.57
N ALA A 113 -28.92 9.36 1.65
CA ALA A 113 -27.95 10.26 1.02
C ALA A 113 -28.66 11.54 0.63
N LEU A 114 -28.05 12.67 0.97
CA LEU A 114 -28.61 13.96 0.61
C LEU A 114 -28.64 14.13 -0.91
N SER A 115 -29.47 15.07 -1.36
CA SER A 115 -29.58 15.37 -2.78
C SER A 115 -30.00 16.82 -2.93
N LEU A 116 -29.81 17.33 -4.14
CA LEU A 116 -30.27 18.67 -4.47
C LEU A 116 -31.74 18.60 -4.88
N ILE A 117 -32.59 19.33 -4.17
CA ILE A 117 -34.02 19.31 -4.39
C ILE A 117 -34.40 20.69 -4.93
N TYR A 118 -34.62 20.77 -6.24
CA TYR A 118 -34.88 22.02 -6.93
C TYR A 118 -36.35 22.11 -7.33
N ASN A 119 -36.80 23.34 -7.53
CA ASN A 119 -38.16 23.61 -7.98
C ASN A 119 -38.16 23.73 -9.51
N LYS A 120 -38.87 22.82 -10.17
CA LYS A 120 -38.88 22.82 -11.63
C LYS A 120 -39.50 24.10 -12.20
N ASP A 121 -40.53 24.61 -11.53
CA ASP A 121 -41.21 25.81 -12.04
C ASP A 121 -40.25 26.99 -12.08
N LEU A 122 -39.24 27.01 -11.21
CA LEU A 122 -38.30 28.11 -11.14
C LEU A 122 -36.93 27.78 -11.71
N LEU A 123 -36.66 26.53 -12.06
CA LEU A 123 -35.32 26.10 -12.42
C LEU A 123 -35.40 24.90 -13.35
N PRO A 124 -35.64 25.15 -14.64
CA PRO A 124 -35.64 24.02 -15.59
C PRO A 124 -34.27 23.38 -15.75
N ASN A 125 -33.21 24.17 -15.73
CA ASN A 125 -31.83 23.69 -15.90
C ASN A 125 -31.08 23.94 -14.60
N PRO A 126 -31.15 23.03 -13.63
CA PRO A 126 -30.49 23.28 -12.35
C PRO A 126 -29.00 23.43 -12.54
N PRO A 127 -28.35 24.22 -11.70
CA PRO A 127 -26.89 24.40 -11.84
C PRO A 127 -26.15 23.10 -11.60
N LYS A 128 -25.00 22.97 -12.26
CA LYS A 128 -24.16 21.80 -12.06
C LYS A 128 -23.10 22.01 -11.00
N THR A 129 -22.72 23.25 -10.73
CA THR A 129 -21.63 23.56 -9.83
C THR A 129 -22.10 24.47 -8.71
N TRP A 130 -21.44 24.33 -7.55
CA TRP A 130 -21.67 25.27 -6.45
C TRP A 130 -21.28 26.68 -6.83
N GLU A 131 -20.32 26.83 -7.75
CA GLU A 131 -19.82 28.14 -8.14
C GLU A 131 -20.77 28.89 -9.06
N GLU A 132 -21.75 28.22 -9.64
CA GLU A 132 -22.78 28.90 -10.43
C GLU A 132 -23.81 29.58 -9.54
N ILE A 133 -24.02 29.05 -8.33
CA ILE A 133 -25.21 29.43 -7.56
C ILE A 133 -25.25 30.91 -7.24
N PRO A 134 -24.14 31.59 -6.91
CA PRO A 134 -24.29 33.01 -6.54
C PRO A 134 -24.91 33.84 -7.63
N ALA A 135 -24.63 33.53 -8.90
CA ALA A 135 -25.22 34.30 -10.00
C ALA A 135 -26.70 33.99 -10.14
N LEU A 136 -27.08 32.72 -10.06
CA LEU A 136 -28.48 32.36 -10.22
C LEU A 136 -29.33 32.97 -9.12
N ASP A 137 -28.83 32.96 -7.88
CA ASP A 137 -29.61 33.49 -6.77
C ASP A 137 -29.99 34.94 -6.99
N LYS A 138 -29.00 35.77 -7.31
CA LYS A 138 -29.27 37.18 -7.55
C LYS A 138 -30.31 37.35 -8.66
N GLU A 139 -30.21 36.54 -9.71
CA GLU A 139 -31.24 36.53 -10.74
C GLU A 139 -32.60 36.23 -10.13
N LEU A 140 -32.63 35.33 -9.15
CA LEU A 140 -33.86 35.06 -8.41
C LEU A 140 -34.15 36.15 -7.39
N LYS A 141 -33.11 36.79 -6.84
CA LYS A 141 -33.34 37.97 -6.02
C LYS A 141 -34.12 39.03 -6.80
N ALA A 142 -33.83 39.16 -8.10
CA ALA A 142 -34.59 40.09 -8.93
C ALA A 142 -36.05 39.71 -8.98
N LYS A 143 -36.37 38.43 -8.80
CA LYS A 143 -37.75 37.97 -8.66
C LYS A 143 -38.19 37.90 -7.21
N GLY A 144 -37.42 38.48 -6.29
CA GLY A 144 -37.73 38.40 -4.87
C GLY A 144 -37.60 36.99 -4.33
N LYS A 145 -36.99 36.11 -5.11
CA LYS A 145 -36.80 34.72 -4.74
C LYS A 145 -35.36 34.48 -4.27
N SER A 146 -35.09 33.24 -3.84
CA SER A 146 -33.76 32.81 -3.46
C SER A 146 -33.45 31.47 -4.14
N ALA A 147 -32.16 31.17 -4.25
CA ALA A 147 -31.75 29.97 -4.95
C ALA A 147 -31.72 28.74 -4.05
N LEU A 148 -31.27 28.88 -2.81
CA LEU A 148 -31.05 27.72 -1.96
C LEU A 148 -31.35 28.06 -0.51
N MET A 149 -31.93 27.10 0.19
CA MET A 149 -32.17 27.19 1.63
C MET A 149 -32.19 25.77 2.20
N PHE A 150 -31.36 25.51 3.20
CA PHE A 150 -31.32 24.20 3.84
C PHE A 150 -30.87 24.37 5.27
N ASN A 151 -31.10 23.33 6.07
CA ASN A 151 -30.75 23.36 7.48
C ASN A 151 -29.26 23.64 7.64
N LEU A 152 -28.94 24.75 8.32
CA LEU A 152 -27.57 25.13 8.59
C LEU A 152 -27.14 24.83 10.02
N GLN A 153 -28.05 24.35 10.86
CA GLN A 153 -27.74 24.11 12.26
C GLN A 153 -27.13 22.73 12.51
N GLU A 154 -27.34 21.78 11.60
CA GLU A 154 -26.81 20.43 11.76
C GLU A 154 -25.67 20.21 10.79
N PRO A 155 -24.50 19.74 11.26
CA PRO A 155 -23.37 19.55 10.33
C PRO A 155 -23.62 18.50 9.26
N TYR A 156 -24.66 17.67 9.40
CA TYR A 156 -24.97 16.67 8.39
C TYR A 156 -25.15 17.32 7.02
N PHE A 157 -25.76 18.49 6.98
CA PHE A 157 -26.17 19.10 5.73
C PHE A 157 -25.08 19.95 5.09
N THR A 158 -24.17 20.49 5.90
CA THR A 158 -23.11 21.35 5.38
C THR A 158 -21.81 20.62 5.09
N TRP A 159 -21.71 19.35 5.46
CA TRP A 159 -20.51 18.57 5.22
C TRP A 159 -20.28 18.30 3.73
N PRO A 160 -21.32 18.02 2.95
CA PRO A 160 -21.09 17.66 1.53
C PRO A 160 -20.23 18.67 0.78
N LEU A 161 -20.35 19.96 1.09
CA LEU A 161 -19.53 20.96 0.42
C LEU A 161 -18.13 21.02 1.00
N ILE A 162 -17.99 20.81 2.31
CA ILE A 162 -16.68 20.93 2.96
C ILE A 162 -15.77 19.79 2.53
N ALA A 163 -16.32 18.59 2.37
CA ALA A 163 -15.53 17.42 2.02
C ALA A 163 -15.33 17.26 0.52
N ALA A 164 -15.76 18.24 -0.28
CA ALA A 164 -15.66 18.10 -1.73
C ALA A 164 -14.22 18.04 -2.19
N ASP A 165 -13.39 18.98 -1.71
CA ASP A 165 -12.04 19.15 -2.23
C ASP A 165 -10.97 18.46 -1.40
N GLY A 166 -11.32 17.88 -0.25
CA GLY A 166 -10.32 17.16 0.52
C GLY A 166 -10.62 16.99 1.99
N GLY A 167 -11.71 17.59 2.48
CA GLY A 167 -12.06 17.45 3.88
C GLY A 167 -12.58 16.07 4.20
N TYR A 168 -12.27 15.59 5.40
CA TYR A 168 -12.72 14.27 5.83
C TYR A 168 -12.74 14.22 7.36
N ALA A 169 -13.39 13.16 7.88
CA ALA A 169 -13.47 12.97 9.32
C ALA A 169 -12.21 12.29 9.84
N PHE A 170 -12.03 11.01 9.52
CA PHE A 170 -10.84 10.26 9.91
C PHE A 170 -10.26 9.57 8.68
N LYS A 171 -8.94 9.53 8.60
CA LYS A 171 -8.28 8.88 7.47
C LYS A 171 -8.63 7.40 7.44
N TYR A 172 -8.87 6.88 6.25
CA TYR A 172 -9.15 5.47 6.03
C TYR A 172 -7.99 4.85 5.27
N ALA A 173 -7.44 3.77 5.82
CA ALA A 173 -6.31 3.11 5.19
C ALA A 173 -6.21 1.69 5.72
N ALA A 174 -5.60 0.82 4.92
CA ALA A 174 -5.47 -0.60 5.26
C ALA A 174 -6.80 -1.20 5.67
N GLY A 175 -7.89 -0.67 5.11
CA GLY A 175 -9.21 -1.08 5.52
C GLY A 175 -9.59 -0.63 6.92
N LYS A 176 -8.92 0.39 7.45
CA LYS A 176 -9.16 0.83 8.81
C LYS A 176 -9.12 2.36 8.87
N TYR A 177 -9.73 2.89 9.93
CA TYR A 177 -9.69 4.31 10.24
C TYR A 177 -8.62 4.57 11.30
N ASP A 178 -7.94 5.70 11.19
CA ASP A 178 -7.00 6.17 12.20
C ASP A 178 -7.57 7.42 12.84
N ILE A 179 -7.86 7.34 14.14
CA ILE A 179 -8.55 8.43 14.84
C ILE A 179 -7.63 9.59 15.17
N LYS A 180 -6.33 9.45 14.97
CA LYS A 180 -5.40 10.54 15.21
C LYS A 180 -5.27 11.47 14.01
N ASP A 181 -5.63 11.00 12.82
CA ASP A 181 -5.57 11.80 11.60
C ASP A 181 -6.99 12.29 11.30
N VAL A 182 -7.27 13.53 11.69
CA VAL A 182 -8.58 14.14 11.51
C VAL A 182 -8.46 15.17 10.39
N GLY A 183 -9.21 14.95 9.31
CA GLY A 183 -9.11 15.79 8.13
C GLY A 183 -10.14 16.88 8.09
N VAL A 184 -10.40 17.52 9.23
CA VAL A 184 -11.32 18.64 9.28
C VAL A 184 -10.63 19.97 8.99
N ASP A 185 -9.30 20.04 9.16
CA ASP A 185 -8.55 21.28 9.01
C ASP A 185 -7.56 21.22 7.84
N ASN A 186 -7.79 20.34 6.87
CA ASN A 186 -6.93 20.27 5.71
C ASN A 186 -7.35 21.32 4.68
N ALA A 187 -6.57 21.42 3.60
CA ALA A 187 -6.86 22.41 2.58
C ALA A 187 -8.26 22.23 2.00
N GLY A 188 -8.61 20.99 1.67
CA GLY A 188 -9.90 20.74 1.04
C GLY A 188 -11.08 21.11 1.92
N ALA A 189 -10.92 21.02 3.23
CA ALA A 189 -11.99 21.40 4.14
C ALA A 189 -12.10 22.91 4.30
N LYS A 190 -10.95 23.60 4.37
CA LYS A 190 -10.98 25.05 4.54
C LYS A 190 -11.72 25.72 3.39
N ALA A 191 -11.51 25.25 2.16
CA ALA A 191 -12.12 25.88 1.00
C ALA A 191 -13.64 25.73 1.02
N GLY A 192 -14.13 24.54 1.36
CA GLY A 192 -15.56 24.31 1.33
C GLY A 192 -16.32 25.25 2.25
N LEU A 193 -15.90 25.33 3.51
CA LEU A 193 -16.59 26.21 4.46
C LEU A 193 -16.48 27.66 4.03
N THR A 194 -15.25 28.11 3.71
CA THR A 194 -15.07 29.46 3.20
C THR A 194 -16.01 29.74 2.05
N PHE A 195 -16.20 28.77 1.16
CA PHE A 195 -17.18 28.95 0.09
C PHE A 195 -18.59 29.04 0.65
N LEU A 196 -18.89 28.20 1.65
CA LEU A 196 -20.22 28.23 2.25
C LEU A 196 -20.49 29.58 2.89
N VAL A 197 -19.61 30.01 3.79
CA VAL A 197 -19.83 31.29 4.48
C VAL A 197 -20.05 32.40 3.47
N ASP A 198 -19.20 32.46 2.44
CA ASP A 198 -19.34 33.51 1.43
C ASP A 198 -20.75 33.55 0.85
N LEU A 199 -21.37 32.38 0.69
CA LEU A 199 -22.77 32.36 0.26
C LEU A 199 -23.66 33.07 1.26
N ILE A 200 -23.40 32.89 2.56
CA ILE A 200 -24.18 33.57 3.58
C ILE A 200 -23.81 35.03 3.66
N LYS A 201 -22.50 35.34 3.55
CA LYS A 201 -22.06 36.70 3.80
C LYS A 201 -22.56 37.64 2.72
N ASN A 202 -22.66 37.16 1.49
CA ASN A 202 -23.40 37.85 0.44
C ASN A 202 -24.90 37.60 0.54
N LYS A 203 -25.36 37.14 1.71
CA LYS A 203 -26.78 36.97 2.02
C LYS A 203 -27.52 36.23 0.91
N HIS A 204 -26.83 35.25 0.30
CA HIS A 204 -27.54 34.22 -0.44
C HIS A 204 -28.19 33.21 0.50
N MET A 205 -27.85 33.25 1.79
CA MET A 205 -28.49 32.44 2.80
C MET A 205 -28.44 33.19 4.13
N ASN A 206 -29.20 32.70 5.10
CA ASN A 206 -29.23 33.26 6.44
C ASN A 206 -28.82 32.19 7.45
N ALA A 207 -28.06 32.60 8.46
CA ALA A 207 -27.41 31.64 9.35
C ALA A 207 -28.41 30.91 10.25
N ASP A 208 -29.55 31.52 10.55
CA ASP A 208 -30.53 30.89 11.42
C ASP A 208 -31.36 29.82 10.72
N THR A 209 -31.16 29.62 9.42
CA THR A 209 -31.96 28.66 8.66
C THR A 209 -31.78 27.26 9.25
N ASP A 210 -32.88 26.64 9.63
CA ASP A 210 -32.90 25.28 10.15
C ASP A 210 -33.78 24.40 9.27
N TYR A 211 -33.99 23.16 9.70
CA TYR A 211 -34.84 22.24 8.95
C TYR A 211 -36.26 22.77 8.85
N SER A 212 -36.86 23.12 9.98
CA SER A 212 -38.26 23.52 10.00
C SER A 212 -38.52 24.68 9.05
N ILE A 213 -37.68 25.72 9.11
CA ILE A 213 -37.90 26.89 8.28
C ILE A 213 -37.51 26.62 6.84
N ALA A 214 -36.33 26.05 6.62
CA ALA A 214 -35.90 25.70 5.28
C ALA A 214 -36.94 24.82 4.59
N GLU A 215 -37.53 23.89 5.34
CA GLU A 215 -38.57 23.04 4.77
C GLU A 215 -39.77 23.88 4.33
N ALA A 216 -40.22 24.78 5.20
CA ALA A 216 -41.34 25.64 4.85
C ALA A 216 -41.05 26.44 3.59
N ALA A 217 -39.84 27.01 3.51
CA ALA A 217 -39.48 27.84 2.37
C ALA A 217 -39.73 27.11 1.05
N PHE A 218 -39.13 25.93 0.89
CA PHE A 218 -39.29 25.20 -0.36
C PHE A 218 -40.73 24.78 -0.57
N ASN A 219 -41.35 24.21 0.46
CA ASN A 219 -42.72 23.71 0.34
C ASN A 219 -43.71 24.80 -0.08
N LYS A 220 -43.36 26.07 0.11
CA LYS A 220 -44.19 27.18 -0.32
C LYS A 220 -43.59 27.91 -1.53
N GLY A 221 -42.69 27.25 -2.25
CA GLY A 221 -42.13 27.83 -3.46
C GLY A 221 -41.50 29.19 -3.26
N GLU A 222 -40.78 29.37 -2.15
CA GLU A 222 -40.09 30.63 -1.87
C GLU A 222 -38.60 30.56 -2.21
N THR A 223 -38.01 29.37 -2.26
CA THR A 223 -36.63 29.19 -2.69
C THR A 223 -36.61 28.16 -3.79
N ALA A 224 -35.67 28.34 -4.73
CA ALA A 224 -35.62 27.47 -5.91
C ALA A 224 -35.06 26.09 -5.58
N MET A 225 -34.21 25.98 -4.56
CA MET A 225 -33.57 24.71 -4.25
C MET A 225 -33.54 24.49 -2.75
N THR A 226 -33.45 23.22 -2.36
CA THR A 226 -33.14 22.84 -1.00
C THR A 226 -32.33 21.56 -1.04
N ILE A 227 -31.68 21.25 0.08
CA ILE A 227 -30.92 20.01 0.22
C ILE A 227 -31.51 19.25 1.39
N ASN A 228 -31.97 18.03 1.13
CA ASN A 228 -32.63 17.22 2.15
C ASN A 228 -32.61 15.77 1.69
N GLY A 229 -33.12 14.88 2.54
CA GLY A 229 -33.11 13.47 2.27
C GLY A 229 -34.48 12.95 1.86
N PRO A 230 -34.53 11.66 1.50
CA PRO A 230 -35.80 11.08 1.03
C PRO A 230 -36.95 11.26 2.00
N TRP A 231 -36.70 11.16 3.30
CA TRP A 231 -37.75 11.34 4.29
C TRP A 231 -38.50 12.65 4.10
N ALA A 232 -37.92 13.62 3.40
CA ALA A 232 -38.55 14.91 3.22
C ALA A 232 -39.44 14.99 1.99
N TRP A 233 -39.34 14.03 1.07
CA TRP A 233 -40.19 14.07 -0.12
C TRP A 233 -41.67 13.96 0.25
N SER A 234 -41.97 13.31 1.37
CA SER A 234 -43.36 13.10 1.76
C SER A 234 -44.08 14.43 1.94
N ASN A 235 -43.60 15.27 2.87
CA ASN A 235 -44.22 16.56 3.10
C ASN A 235 -44.20 17.40 1.83
N ILE A 236 -43.16 17.27 1.02
CA ILE A 236 -43.07 18.03 -0.22
C ILE A 236 -44.09 17.52 -1.23
N ASP A 237 -44.31 16.19 -1.27
CA ASP A 237 -45.32 15.65 -2.16
C ASP A 237 -46.71 16.18 -1.80
N THR A 238 -47.01 16.27 -0.51
CA THR A 238 -48.30 16.82 -0.10
C THR A 238 -48.43 18.28 -0.49
N SER A 239 -47.35 19.06 -0.32
CA SER A 239 -47.37 20.43 -0.78
C SER A 239 -47.50 20.48 -2.30
N ALA A 240 -48.03 21.58 -2.80
CA ALA A 240 -48.35 21.72 -4.21
C ALA A 240 -47.17 22.16 -5.06
N VAL A 241 -45.95 22.01 -4.56
CA VAL A 241 -44.76 22.41 -5.31
C VAL A 241 -44.38 21.31 -6.27
N ASN A 242 -44.14 21.67 -7.53
CA ASN A 242 -43.60 20.75 -8.53
C ASN A 242 -42.08 20.81 -8.40
N TYR A 243 -41.49 19.75 -7.87
CA TYR A 243 -40.07 19.73 -7.52
C TYR A 243 -39.35 18.61 -8.25
N GLY A 244 -38.03 18.71 -8.24
CA GLY A 244 -37.19 17.65 -8.76
C GLY A 244 -36.03 17.42 -7.82
N VAL A 245 -35.56 16.17 -7.80
CA VAL A 245 -34.42 15.77 -6.99
C VAL A 245 -33.31 15.36 -7.96
N THR A 246 -32.16 16.02 -7.86
CA THR A 246 -31.06 15.78 -8.80
C THR A 246 -29.76 15.72 -8.03
N VAL A 247 -28.67 15.63 -8.78
CA VAL A 247 -27.34 15.51 -8.20
C VAL A 247 -26.96 16.81 -7.53
N LEU A 248 -26.17 16.71 -6.47
CA LEU A 248 -25.64 17.88 -5.82
C LEU A 248 -24.63 18.58 -6.73
N PRO A 249 -24.43 19.88 -6.55
CA PRO A 249 -23.55 20.61 -7.47
C PRO A 249 -22.09 20.23 -7.26
N THR A 250 -21.32 20.30 -8.34
CA THR A 250 -19.89 20.10 -8.25
C THR A 250 -19.23 21.32 -7.61
N PHE A 251 -18.00 21.12 -7.15
CA PHE A 251 -17.20 22.20 -6.60
C PHE A 251 -15.75 22.00 -6.98
N LYS A 252 -15.21 22.93 -7.78
CA LYS A 252 -13.82 22.87 -8.21
C LYS A 252 -13.53 21.56 -8.94
N GLY A 253 -14.45 21.16 -9.82
CA GLY A 253 -14.31 19.95 -10.58
C GLY A 253 -14.72 18.70 -9.83
N GLN A 254 -14.60 18.72 -8.50
CA GLN A 254 -14.92 17.54 -7.71
C GLN A 254 -16.29 17.69 -7.05
N PRO A 255 -17.09 16.62 -7.00
CA PRO A 255 -18.46 16.77 -6.49
C PRO A 255 -18.50 16.98 -4.99
N SER A 256 -19.57 17.62 -4.54
CA SER A 256 -19.84 17.69 -3.11
C SER A 256 -20.13 16.29 -2.59
N LYS A 257 -19.47 15.91 -1.50
CA LYS A 257 -19.46 14.53 -1.01
C LYS A 257 -20.31 14.39 0.23
N PRO A 258 -21.58 14.02 0.12
CA PRO A 258 -22.41 13.86 1.31
C PRO A 258 -22.06 12.61 2.08
N PHE A 259 -21.98 12.74 3.40
CA PHE A 259 -21.91 11.56 4.25
C PHE A 259 -23.11 10.68 3.98
N VAL A 260 -22.84 9.45 3.57
CA VAL A 260 -23.90 8.51 3.24
C VAL A 260 -24.35 7.81 4.52
N GLY A 261 -25.66 7.71 4.70
CA GLY A 261 -26.24 7.13 5.89
C GLY A 261 -26.87 5.78 5.59
N VAL A 262 -26.81 4.89 6.57
CA VAL A 262 -27.49 3.61 6.52
C VAL A 262 -28.43 3.57 7.71
N LEU A 263 -29.72 3.71 7.46
CA LEU A 263 -30.69 3.51 8.52
C LEU A 263 -30.62 2.07 8.99
N SER A 264 -30.42 1.88 10.30
CA SER A 264 -30.19 0.56 10.85
C SER A 264 -31.08 0.35 12.08
N ALA A 265 -31.36 -0.92 12.36
CA ALA A 265 -32.21 -1.32 13.48
C ALA A 265 -31.39 -2.16 14.45
N GLY A 266 -31.17 -1.65 15.65
CA GLY A 266 -30.34 -2.30 16.64
C GLY A 266 -31.18 -2.90 17.75
N ILE A 267 -30.79 -4.08 18.21
CA ILE A 267 -31.50 -4.80 19.27
C ILE A 267 -30.82 -4.49 20.59
N ASN A 268 -31.58 -3.92 21.52
CA ASN A 268 -31.08 -3.71 22.87
C ASN A 268 -30.63 -5.03 23.46
N ALA A 269 -29.41 -5.07 24.01
CA ALA A 269 -28.92 -6.29 24.64
C ALA A 269 -29.63 -6.59 25.94
N ALA A 270 -30.32 -5.60 26.53
CA ALA A 270 -31.12 -5.82 27.73
C ALA A 270 -32.57 -6.15 27.41
N SER A 271 -32.94 -6.20 26.13
CA SER A 271 -34.31 -6.51 25.77
C SER A 271 -34.60 -7.98 26.03
N PRO A 272 -35.68 -8.31 26.73
CA PRO A 272 -36.00 -9.72 26.96
C PRO A 272 -36.65 -10.42 25.78
N ASN A 273 -36.76 -9.75 24.65
CA ASN A 273 -37.50 -10.23 23.48
C ASN A 273 -36.64 -10.09 22.24
N LYS A 274 -35.38 -10.52 22.34
CA LYS A 274 -34.46 -10.38 21.23
C LYS A 274 -34.92 -11.20 20.02
N GLU A 275 -34.92 -12.53 20.17
CA GLU A 275 -35.43 -13.38 19.09
C GLU A 275 -36.78 -12.89 18.61
N LEU A 276 -37.63 -12.45 19.53
CA LEU A 276 -38.92 -11.89 19.14
C LEU A 276 -38.74 -10.69 18.23
N ALA A 277 -37.68 -9.89 18.46
CA ALA A 277 -37.40 -8.74 17.61
C ALA A 277 -36.81 -9.18 16.28
N LYS A 278 -35.83 -10.07 16.32
CA LYS A 278 -35.25 -10.63 15.09
C LYS A 278 -36.36 -11.17 14.18
N GLU A 279 -37.35 -11.85 14.76
CA GLU A 279 -38.48 -12.33 13.98
C GLU A 279 -39.14 -11.18 13.24
N PHE A 280 -39.37 -10.07 13.93
CA PHE A 280 -40.10 -8.95 13.33
C PHE A 280 -39.29 -8.31 12.21
N LEU A 281 -38.06 -7.90 12.51
CA LEU A 281 -37.27 -7.18 11.53
C LEU A 281 -37.03 -8.01 10.30
N GLU A 282 -36.76 -9.31 10.47
CA GLU A 282 -36.42 -10.15 9.34
C GLU A 282 -37.64 -10.48 8.48
N ASN A 283 -38.73 -10.90 9.10
CA ASN A 283 -39.84 -11.52 8.40
C ASN A 283 -41.03 -10.59 8.20
N TYR A 284 -40.97 -9.35 8.69
CA TYR A 284 -42.09 -8.42 8.52
C TYR A 284 -41.62 -7.11 7.92
N LEU A 285 -40.74 -6.40 8.62
CA LEU A 285 -40.26 -5.12 8.12
C LEU A 285 -39.41 -5.29 6.86
N LEU A 286 -38.34 -6.08 6.97
CA LEU A 286 -37.45 -6.34 5.83
C LEU A 286 -38.11 -7.35 4.88
N THR A 287 -39.27 -6.96 4.38
CA THR A 287 -39.98 -7.65 3.32
C THR A 287 -40.55 -6.59 2.39
N ASP A 288 -40.83 -6.99 1.14
CA ASP A 288 -41.31 -6.03 0.15
C ASP A 288 -42.50 -5.23 0.69
N GLU A 289 -43.35 -5.88 1.47
CA GLU A 289 -44.53 -5.18 2.00
C GLU A 289 -44.17 -4.33 3.22
N GLY A 290 -43.36 -4.87 4.12
CA GLY A 290 -42.94 -4.11 5.29
C GLY A 290 -42.34 -2.79 4.89
N LEU A 291 -41.28 -2.84 4.08
CA LEU A 291 -40.63 -1.62 3.64
C LEU A 291 -41.59 -0.73 2.87
N GLU A 292 -42.42 -1.31 2.02
CA GLU A 292 -43.40 -0.50 1.30
C GLU A 292 -44.29 0.26 2.27
N ALA A 293 -44.67 -0.37 3.39
CA ALA A 293 -45.53 0.28 4.36
C ALA A 293 -44.85 1.50 4.96
N VAL A 294 -43.58 1.35 5.35
CA VAL A 294 -42.84 2.47 5.92
C VAL A 294 -42.59 3.53 4.86
N ASN A 295 -42.14 3.11 3.68
CA ASN A 295 -41.81 4.07 2.63
C ASN A 295 -43.02 4.94 2.28
N LYS A 296 -44.20 4.32 2.18
CA LYS A 296 -45.41 5.08 1.89
C LYS A 296 -45.61 6.21 2.89
N ASP A 297 -45.23 5.98 4.15
CA ASP A 297 -45.32 7.01 5.17
C ASP A 297 -44.32 8.11 4.86
N LYS A 298 -43.02 7.81 5.05
CA LYS A 298 -41.95 8.73 4.71
C LYS A 298 -40.96 7.93 3.87
N PRO A 299 -40.62 8.37 2.66
CA PRO A 299 -39.70 7.58 1.83
C PRO A 299 -38.43 7.24 2.60
N LEU A 300 -37.98 5.99 2.44
CA LEU A 300 -36.78 5.53 3.10
C LEU A 300 -35.52 5.86 2.33
N GLY A 301 -35.64 6.03 1.02
CA GLY A 301 -34.48 6.13 0.15
C GLY A 301 -34.25 4.83 -0.58
N ALA A 302 -33.00 4.46 -0.80
CA ALA A 302 -32.67 3.19 -1.43
C ALA A 302 -32.60 2.13 -0.35
N VAL A 303 -33.49 1.15 -0.42
CA VAL A 303 -33.58 0.12 0.61
C VAL A 303 -32.44 -0.88 0.44
N ALA A 304 -32.04 -1.49 1.54
CA ALA A 304 -31.04 -2.55 1.50
C ALA A 304 -31.60 -3.85 0.96
N LEU A 305 -32.91 -4.06 1.04
CA LEU A 305 -33.54 -5.26 0.51
C LEU A 305 -33.50 -5.19 -1.00
N LYS A 306 -32.75 -6.12 -1.61
CA LYS A 306 -32.58 -6.10 -3.06
C LYS A 306 -33.91 -6.25 -3.77
N SER A 307 -34.79 -7.12 -3.28
CA SER A 307 -36.05 -7.37 -3.97
C SER A 307 -36.89 -6.11 -4.10
N TYR A 308 -36.82 -5.22 -3.11
CA TYR A 308 -37.59 -3.99 -3.14
C TYR A 308 -36.79 -2.78 -3.62
N GLU A 309 -35.47 -2.93 -3.79
CA GLU A 309 -34.68 -1.83 -4.32
C GLU A 309 -34.92 -1.64 -5.81
N GLU A 310 -34.96 -2.76 -6.57
CA GLU A 310 -35.33 -2.67 -7.98
C GLU A 310 -36.65 -1.92 -8.15
N GLU A 311 -37.54 -2.02 -7.17
CA GLU A 311 -38.81 -1.29 -7.24
C GLU A 311 -38.57 0.21 -7.16
N LEU A 312 -37.72 0.65 -6.22
CA LEU A 312 -37.52 2.07 -6.01
C LEU A 312 -36.54 2.66 -7.01
N ALA A 313 -35.60 1.85 -7.50
CA ALA A 313 -34.61 2.35 -8.45
C ALA A 313 -35.26 3.06 -9.63
N LYS A 314 -36.48 2.65 -9.99
CA LYS A 314 -37.18 3.31 -11.09
C LYS A 314 -37.47 4.77 -10.78
N ASP A 315 -37.58 5.11 -9.49
CA ASP A 315 -37.86 6.49 -9.10
C ASP A 315 -36.63 7.36 -9.35
N PRO A 316 -36.70 8.37 -10.22
CA PRO A 316 -35.50 9.17 -10.48
C PRO A 316 -34.92 9.80 -9.22
N ARG A 317 -35.77 10.16 -8.26
CA ARG A 317 -35.27 10.75 -7.02
C ARG A 317 -34.36 9.78 -6.28
N ILE A 318 -34.60 8.47 -6.44
CA ILE A 318 -33.67 7.48 -5.92
C ILE A 318 -32.37 7.52 -6.70
N ALA A 319 -32.46 7.47 -8.03
CA ALA A 319 -31.27 7.54 -8.87
C ALA A 319 -30.41 8.75 -8.51
N ALA A 320 -31.06 9.89 -8.29
CA ALA A 320 -30.31 11.08 -7.86
C ALA A 320 -29.55 10.79 -6.58
N THR A 321 -30.25 10.31 -5.56
CA THR A 321 -29.61 10.04 -4.27
C THR A 321 -28.43 9.08 -4.44
N MET A 322 -28.68 7.90 -5.00
CA MET A 322 -27.63 6.90 -5.12
C MET A 322 -26.40 7.48 -5.82
N GLU A 323 -26.62 8.29 -6.86
CA GLU A 323 -25.49 8.96 -7.49
C GLU A 323 -24.70 9.75 -6.44
N ASN A 324 -25.39 10.64 -5.73
CA ASN A 324 -24.75 11.38 -4.65
C ASN A 324 -24.13 10.42 -3.63
N ALA A 325 -24.78 9.29 -3.38
CA ALA A 325 -24.25 8.32 -2.42
C ALA A 325 -22.89 7.80 -2.86
N GLN A 326 -22.78 7.40 -4.13
CA GLN A 326 -21.51 6.90 -4.64
C GLN A 326 -20.47 8.02 -4.73
N LYS A 327 -20.92 9.22 -5.08
CA LYS A 327 -20.00 10.36 -5.13
C LYS A 327 -19.49 10.71 -3.74
N GLY A 328 -20.38 10.67 -2.74
CA GLY A 328 -20.00 10.97 -1.37
C GLY A 328 -19.28 9.80 -0.72
N GLU A 329 -19.29 9.82 0.61
CA GLU A 329 -18.60 8.82 1.40
C GLU A 329 -19.58 8.18 2.38
N ILE A 330 -19.32 6.91 2.69
CA ILE A 330 -20.09 6.21 3.71
C ILE A 330 -19.60 6.65 5.08
N MET A 331 -20.52 6.97 5.97
CA MET A 331 -20.13 7.39 7.30
C MET A 331 -19.40 6.27 8.01
N PRO A 332 -18.26 6.55 8.65
CA PRO A 332 -17.70 5.56 9.58
C PRO A 332 -18.72 5.24 10.66
N ASN A 333 -18.60 4.05 11.23
CA ASN A 333 -19.47 3.63 12.32
C ASN A 333 -18.73 3.51 13.64
N ILE A 334 -17.54 4.08 13.75
CA ILE A 334 -16.72 3.90 14.94
C ILE A 334 -17.28 4.74 16.08
N PRO A 335 -16.90 4.46 17.34
CA PRO A 335 -17.43 5.25 18.46
C PRO A 335 -16.99 6.70 18.47
N GLN A 336 -16.04 7.08 17.62
CA GLN A 336 -15.50 8.42 17.64
C GLN A 336 -16.29 9.39 16.76
N MET A 337 -17.16 8.89 15.88
CA MET A 337 -17.97 9.79 15.06
C MET A 337 -18.71 10.80 15.92
N SER A 338 -19.02 10.42 17.16
CA SER A 338 -19.62 11.37 18.08
C SER A 338 -18.72 12.57 18.30
N ALA A 339 -17.43 12.32 18.58
CA ALA A 339 -16.48 13.41 18.77
C ALA A 339 -16.36 14.26 17.52
N PHE A 340 -16.41 13.64 16.35
CA PHE A 340 -16.28 14.38 15.10
C PHE A 340 -17.48 15.29 14.88
N TRP A 341 -18.70 14.75 15.05
CA TRP A 341 -19.89 15.56 14.81
C TRP A 341 -19.94 16.77 15.74
N TYR A 342 -19.84 16.53 17.05
CA TYR A 342 -19.94 17.62 18.02
C TYR A 342 -18.98 18.75 17.66
N ALA A 343 -17.71 18.42 17.44
CA ALA A 343 -16.72 19.43 17.12
C ALA A 343 -17.19 20.27 15.94
N VAL A 344 -17.66 19.61 14.89
CA VAL A 344 -18.06 20.34 13.68
C VAL A 344 -19.31 21.15 13.94
N ARG A 345 -20.30 20.59 14.63
CA ARG A 345 -21.50 21.36 14.94
C ARG A 345 -21.13 22.68 15.61
N THR A 346 -20.12 22.65 16.47
CA THR A 346 -19.66 23.87 17.11
C THR A 346 -18.97 24.79 16.10
N ALA A 347 -18.18 24.21 15.18
CA ALA A 347 -17.37 25.01 14.28
C ALA A 347 -18.23 25.78 13.30
N VAL A 348 -19.23 25.12 12.70
CA VAL A 348 -20.00 25.75 11.64
C VAL A 348 -20.87 26.87 12.18
N ILE A 349 -21.46 26.68 13.38
CA ILE A 349 -22.32 27.72 13.93
C ILE A 349 -21.53 28.97 14.23
N ASN A 350 -20.25 28.83 14.60
CA ASN A 350 -19.42 30.01 14.87
C ASN A 350 -18.90 30.62 13.58
N ALA A 351 -18.42 29.80 12.65
CA ALA A 351 -17.99 30.30 11.36
C ALA A 351 -19.16 30.85 10.55
N ALA A 352 -20.39 30.43 10.84
CA ALA A 352 -21.57 30.97 10.17
C ALA A 352 -22.07 32.23 10.85
N SER A 353 -22.07 32.27 12.19
CA SER A 353 -22.44 33.47 12.92
C SER A 353 -21.33 34.50 12.97
N GLY A 354 -20.19 34.24 12.34
CA GLY A 354 -19.06 35.15 12.37
C GLY A 354 -18.32 35.18 13.69
N ARG A 355 -18.73 34.39 14.69
CA ARG A 355 -18.06 34.41 15.97
C ARG A 355 -16.61 33.98 15.88
N GLN A 356 -16.22 33.33 14.77
CA GLN A 356 -14.85 32.87 14.63
C GLN A 356 -14.49 32.81 13.15
N THR A 357 -13.19 32.90 12.90
CA THR A 357 -12.66 32.64 11.57
C THR A 357 -12.98 31.21 11.16
N VAL A 358 -12.93 30.97 9.84
CA VAL A 358 -12.95 29.60 9.35
C VAL A 358 -11.69 28.87 9.77
N ASP A 359 -10.53 29.51 9.61
CA ASP A 359 -9.27 28.90 10.02
C ASP A 359 -9.27 28.54 11.50
N ALA A 360 -9.94 29.34 12.32
CA ALA A 360 -9.97 29.11 13.76
C ALA A 360 -10.88 27.93 14.11
N ALA A 361 -12.18 28.09 13.84
CA ALA A 361 -13.14 27.03 14.12
C ALA A 361 -12.61 25.67 13.67
N LEU A 362 -12.13 25.60 12.43
CA LEU A 362 -11.60 24.34 11.92
C LEU A 362 -10.37 23.90 12.70
N ALA A 363 -9.49 24.83 13.04
CA ALA A 363 -8.33 24.49 13.87
C ALA A 363 -8.78 23.98 15.23
N ALA A 364 -9.72 24.68 15.86
CA ALA A 364 -10.23 24.24 17.16
C ALA A 364 -10.95 22.90 17.04
N ALA A 365 -11.81 22.78 16.03
CA ALA A 365 -12.50 21.50 15.81
C ALA A 365 -11.51 20.36 15.65
N GLN A 366 -10.48 20.57 14.83
CA GLN A 366 -9.41 19.59 14.69
C GLN A 366 -8.91 19.13 16.06
N THR A 367 -8.46 20.08 16.87
CA THR A 367 -7.91 19.75 18.18
C THR A 367 -8.93 19.02 19.04
N ASN A 368 -10.10 19.63 19.22
CA ASN A 368 -11.10 19.04 20.12
C ASN A 368 -11.50 17.65 19.65
N ALA A 369 -11.75 17.49 18.34
CA ALA A 369 -12.14 16.19 17.85
C ALA A 369 -11.03 15.16 18.04
N ALA A 370 -9.81 15.52 17.65
CA ALA A 370 -8.70 14.58 17.78
C ALA A 370 -8.46 14.22 19.24
N ALA A 371 -8.51 15.20 20.12
CA ALA A 371 -8.37 14.93 21.55
C ALA A 371 -9.53 14.10 22.07
N ALA A 372 -10.75 14.65 21.98
CA ALA A 372 -11.92 13.96 22.48
C ALA A 372 -12.05 12.57 21.89
N ALA A 373 -11.57 12.38 20.66
CA ALA A 373 -11.62 11.06 20.04
C ALA A 373 -10.79 10.06 20.83
N GLN A 374 -9.78 10.52 21.55
CA GLN A 374 -8.93 9.63 22.32
C GLN A 374 -9.63 9.09 23.56
N LEU A 375 -10.64 9.81 24.06
CA LEU A 375 -11.30 9.42 25.31
C LEU A 375 -11.86 8.01 25.25
N TYR A 376 -12.24 7.53 24.08
CA TYR A 376 -12.91 6.24 23.99
C TYR A 376 -11.95 5.10 24.26
N ASP A 377 -10.68 5.24 23.89
CA ASP A 377 -9.70 4.19 24.14
C ASP A 377 -9.48 3.94 25.62
N VAL A 378 -9.81 4.90 26.49
CA VAL A 378 -9.65 4.75 27.93
C VAL A 378 -10.98 4.64 28.65
N MET A 379 -12.09 4.63 27.92
CA MET A 379 -13.41 4.52 28.54
C MET A 379 -13.45 3.36 29.55
N ASP A 380 -12.90 2.21 29.18
CA ASP A 380 -13.00 1.02 30.02
C ASP A 380 -11.94 0.97 31.12
N ALA A 381 -10.87 1.76 31.00
CA ALA A 381 -9.78 1.70 31.96
C ALA A 381 -10.02 2.56 33.19
N VAL A 382 -10.55 3.77 33.01
CA VAL A 382 -10.75 4.69 34.11
C VAL A 382 -11.60 4.00 35.17
N PRO A 383 -11.03 3.63 36.33
CA PRO A 383 -11.77 2.80 37.28
C PRO A 383 -13.14 3.36 37.64
N ALA A 384 -14.01 2.48 38.14
CA ALA A 384 -15.34 2.89 38.50
C ALA A 384 -15.31 3.98 39.57
N ARG A 385 -16.31 4.85 39.52
CA ARG A 385 -16.52 5.94 40.47
C ARG A 385 -15.55 7.09 40.23
N ARG A 386 -14.83 7.13 39.11
CA ARG A 386 -13.78 8.12 38.95
C ARG A 386 -13.75 8.76 37.56
N TRP A 387 -14.82 8.60 36.78
CA TRP A 387 -14.81 9.19 35.44
C TRP A 387 -14.93 10.71 35.49
N LYS A 388 -15.70 11.22 36.45
CA LYS A 388 -15.85 12.68 36.55
C LYS A 388 -14.59 13.32 37.13
N GLU A 389 -14.02 12.70 38.17
CA GLU A 389 -12.72 13.15 38.68
C GLU A 389 -11.67 13.16 37.58
N PHE A 390 -11.67 12.13 36.73
CA PHE A 390 -10.75 12.04 35.61
C PHE A 390 -10.87 13.24 34.70
N VAL A 391 -12.00 13.33 33.98
CA VAL A 391 -12.19 14.40 33.01
C VAL A 391 -12.01 15.76 33.65
N ARG A 392 -12.34 15.89 34.95
CA ARG A 392 -12.06 17.13 35.65
C ARG A 392 -10.57 17.27 35.95
N THR A 393 -9.87 16.15 36.13
CA THR A 393 -8.43 16.21 36.31
C THR A 393 -7.74 16.71 35.04
N LEU A 394 -8.15 16.21 33.88
CA LEU A 394 -7.55 16.66 32.62
C LEU A 394 -7.92 18.10 32.31
N GLY A 395 -9.15 18.50 32.63
CA GLY A 395 -9.59 19.87 32.50
C GLY A 395 -9.47 20.42 31.09
N LEU A 396 -10.16 19.80 30.13
CA LEU A 396 -10.15 20.29 28.76
C LEU A 396 -11.21 21.38 28.53
N ARG A 397 -12.42 21.17 29.06
CA ARG A 397 -13.41 22.22 29.23
C ARG A 397 -14.02 22.76 27.95
N GLU A 398 -13.56 22.31 26.79
CA GLU A 398 -14.19 22.73 25.54
C GLU A 398 -15.55 22.05 25.46
N ALA A 399 -16.56 22.82 25.06
CA ALA A 399 -17.94 22.35 25.14
C ALA A 399 -18.11 21.03 24.38
N GLU A 400 -17.56 20.95 23.17
CA GLU A 400 -17.72 19.74 22.37
C GLU A 400 -16.94 18.57 22.94
N ILE A 401 -15.79 18.83 23.56
CA ILE A 401 -15.04 17.76 24.21
C ILE A 401 -15.85 17.19 25.37
N GLU A 402 -16.29 18.05 26.28
CA GLU A 402 -17.03 17.58 27.44
C GLU A 402 -18.33 16.90 27.04
N ALA A 403 -18.85 17.19 25.85
CA ALA A 403 -20.01 16.45 25.37
C ALA A 403 -19.69 14.97 25.22
N VAL A 404 -18.50 14.65 24.71
CA VAL A 404 -18.10 13.25 24.63
C VAL A 404 -17.91 12.68 26.02
N GLU A 405 -17.37 13.46 26.94
CA GLU A 405 -17.23 13.02 28.32
C GLU A 405 -18.58 12.59 28.87
N VAL A 406 -19.60 13.44 28.72
CA VAL A 406 -20.94 13.10 29.19
C VAL A 406 -21.36 11.76 28.60
N GLU A 407 -21.35 11.67 27.27
CA GLU A 407 -21.69 10.44 26.58
C GLU A 407 -20.97 9.24 27.22
N ILE A 408 -19.64 9.29 27.24
CA ILE A 408 -18.86 8.19 27.82
C ILE A 408 -19.27 7.97 29.26
N GLY A 409 -19.38 9.03 30.04
CA GLY A 409 -19.90 8.88 31.39
C GLY A 409 -21.24 8.18 31.43
N ARG A 410 -22.06 8.38 30.40
CA ARG A 410 -23.38 7.75 30.35
C ARG A 410 -23.28 6.31 29.87
N PHE A 411 -22.38 6.04 28.93
CA PHE A 411 -22.10 4.66 28.56
C PHE A 411 -21.69 3.85 29.78
N ARG A 412 -20.74 4.36 30.55
CA ARG A 412 -20.30 3.65 31.76
C ARG A 412 -21.46 3.44 32.73
N ASP A 413 -22.46 4.32 32.71
CA ASP A 413 -23.62 4.17 33.59
C ASP A 413 -24.57 3.09 33.09
N GLN A 414 -24.67 2.90 31.77
CA GLN A 414 -25.49 1.81 31.25
C GLN A 414 -24.84 0.46 31.47
N GLN A 415 -23.52 0.42 31.52
CA GLN A 415 -22.84 -0.86 31.75
C GLN A 415 -22.98 -1.29 33.21
N TYR A 416 -22.87 -0.35 34.14
CA TYR A 416 -23.19 -0.68 35.53
C TYR A 416 -24.62 -1.16 35.65
N GLU A 417 -25.54 -0.50 34.94
CA GLU A 417 -26.92 -0.96 34.93
C GLU A 417 -27.04 -2.32 34.27
N MET A 418 -26.36 -2.50 33.13
CA MET A 418 -26.37 -3.80 32.47
C MET A 418 -25.83 -4.88 33.39
N LEU A 419 -24.76 -4.57 34.13
CA LEU A 419 -24.24 -5.50 35.11
C LEU A 419 -25.27 -5.81 36.18
N LYS A 420 -25.97 -4.79 36.66
CA LYS A 420 -27.00 -5.00 37.68
C LYS A 420 -28.06 -5.98 37.19
N ARG A 421 -28.55 -5.79 35.97
CA ARG A 421 -29.53 -6.71 35.40
C ARG A 421 -28.97 -8.13 35.36
N TRP A 422 -27.73 -8.26 34.88
CA TRP A 422 -27.12 -9.57 34.75
C TRP A 422 -27.00 -10.27 36.09
N ARG A 423 -26.64 -9.52 37.15
CA ARG A 423 -26.51 -10.10 38.47
C ARG A 423 -27.84 -10.63 38.99
N GLN A 424 -28.94 -9.99 38.58
CA GLN A 424 -30.27 -10.34 39.06
C GLN A 424 -31.00 -11.25 38.08
N GLN A 425 -30.30 -11.77 37.07
CA GLN A 425 -30.79 -12.84 36.21
C GLN A 425 -31.85 -12.36 35.23
N GLN A 426 -31.75 -11.11 34.81
CA GLN A 426 -32.54 -10.61 33.70
C GLN A 426 -31.60 -10.29 32.53
N PRO A 427 -32.15 -10.16 31.32
CA PRO A 427 -31.29 -10.00 30.15
C PRO A 427 -30.23 -8.93 30.36
N ALA A 428 -29.10 -9.11 29.68
CA ALA A 428 -27.99 -8.16 29.81
C ALA A 428 -26.97 -8.47 28.74
N GLY A 429 -26.26 -7.43 28.31
CA GLY A 429 -25.17 -7.59 27.36
C GLY A 429 -23.88 -7.99 28.05
N LEU A 430 -23.33 -9.15 27.65
CA LEU A 430 -22.18 -9.70 28.37
C LEU A 430 -20.93 -8.85 28.22
N GLY A 431 -20.88 -7.98 27.21
CA GLY A 431 -19.75 -7.08 27.07
C GLY A 431 -19.84 -5.91 28.03
N ALA A 432 -21.02 -5.31 28.13
CA ALA A 432 -21.23 -4.23 29.09
C ALA A 432 -20.95 -4.73 30.51
N VAL A 433 -21.36 -5.96 30.81
CA VAL A 433 -21.05 -6.55 32.10
C VAL A 433 -19.55 -6.58 32.32
N TYR A 434 -18.82 -7.21 31.39
CA TYR A 434 -17.39 -7.44 31.59
C TYR A 434 -16.62 -6.14 31.65
N ALA A 435 -17.00 -5.15 30.85
CA ALA A 435 -16.32 -3.87 30.89
C ALA A 435 -16.45 -3.21 32.26
N ALA A 436 -17.59 -3.42 32.92
CA ALA A 436 -17.84 -2.80 34.21
C ALA A 436 -17.06 -3.50 35.31
N LEU A 437 -17.07 -4.83 35.33
CA LEU A 437 -16.32 -5.56 36.35
C LEU A 437 -14.83 -5.33 36.19
N GLU A 438 -14.34 -5.37 34.95
CA GLU A 438 -12.91 -5.27 34.68
C GLU A 438 -12.35 -3.89 34.95
N ARG A 439 -13.19 -2.93 35.38
CA ARG A 439 -12.70 -1.68 35.96
C ARG A 439 -13.15 -1.56 37.41
N MET A 440 -13.73 -2.61 37.98
CA MET A 440 -14.19 -2.59 39.37
C MET A 440 -13.23 -3.36 40.27
N GLY A 441 -11.96 -2.95 40.27
CA GLY A 441 -10.98 -3.51 41.17
C GLY A 441 -10.85 -5.02 41.12
N LEU A 442 -10.03 -5.57 42.02
CA LEU A 442 -9.84 -7.02 42.06
C LEU A 442 -11.17 -7.76 42.18
N ASP A 443 -12.08 -7.22 42.98
CA ASP A 443 -13.37 -7.87 43.17
C ASP A 443 -14.12 -8.01 41.85
N GLY A 444 -14.08 -6.97 41.02
CA GLY A 444 -14.74 -7.06 39.73
C GLY A 444 -14.15 -8.16 38.85
N CYS A 445 -12.82 -8.25 38.82
CA CYS A 445 -12.16 -9.15 37.89
C CYS A 445 -12.38 -10.61 38.29
N VAL A 446 -12.32 -10.93 39.58
CA VAL A 446 -12.64 -12.29 40.00
C VAL A 446 -14.08 -12.62 39.67
N GLU A 447 -15.00 -11.73 40.05
CA GLU A 447 -16.39 -11.90 39.65
C GLU A 447 -16.49 -12.03 38.14
N ASP A 448 -15.70 -11.24 37.42
CA ASP A 448 -15.71 -11.29 35.97
C ASP A 448 -15.30 -12.66 35.45
N LEU A 449 -14.19 -13.21 35.97
CA LEU A 449 -13.65 -14.44 35.41
C LEU A 449 -14.46 -15.66 35.83
N ARG A 450 -14.87 -15.73 37.09
CA ARG A 450 -15.70 -16.86 37.53
C ARG A 450 -16.92 -17.00 36.63
N SER A 451 -17.47 -15.87 36.18
CA SER A 451 -18.58 -15.93 35.23
C SER A 451 -18.12 -16.47 33.89
N ARG A 452 -17.02 -15.91 33.38
CA ARG A 452 -16.44 -16.44 32.15
C ARG A 452 -16.31 -17.95 32.22
N LEU A 453 -15.96 -18.47 33.40
CA LEU A 453 -15.83 -19.92 33.58
C LEU A 453 -17.21 -20.58 33.71
N GLN A 454 -18.06 -20.03 34.58
CA GLN A 454 -19.44 -20.49 34.65
C GLN A 454 -20.06 -20.55 33.26
N ARG A 455 -19.86 -19.49 32.47
CA ARG A 455 -20.49 -19.39 31.15
C ARG A 455 -20.07 -20.50 30.21
N LEU A 456 -19.03 -21.25 30.52
CA LEU A 456 -18.51 -22.27 29.62
C LEU A 456 -19.34 -23.56 29.69
N GLU A 457 -20.64 -23.40 29.46
CA GLU A 457 -21.56 -24.53 29.43
C GLU A 457 -22.50 -24.44 28.24
N MET B 1 25.33 -12.62 28.18
CA MET B 1 25.68 -11.42 27.38
C MET B 1 24.54 -10.40 27.41
N LYS B 2 24.79 -9.25 28.01
CA LYS B 2 23.82 -8.17 28.04
C LYS B 2 23.78 -7.45 26.71
N ILE B 3 22.72 -6.67 26.49
CA ILE B 3 22.55 -5.92 25.26
C ILE B 3 23.12 -4.52 25.46
N GLU B 4 23.76 -4.00 24.41
CA GLU B 4 24.20 -2.62 24.37
C GLU B 4 23.98 -2.09 22.97
N GLU B 5 24.05 -0.77 22.83
CA GLU B 5 23.87 -0.13 21.54
C GLU B 5 25.14 -0.31 20.71
N GLY B 6 24.98 -0.69 19.44
CA GLY B 6 26.08 -1.00 18.56
C GLY B 6 26.11 -2.43 18.09
N LYS B 7 25.24 -3.29 18.60
CA LYS B 7 25.18 -4.68 18.18
C LYS B 7 23.74 -5.14 18.24
N LEU B 8 23.46 -6.24 17.56
CA LEU B 8 22.16 -6.87 17.59
C LEU B 8 22.32 -8.29 18.10
N VAL B 9 21.58 -8.62 19.15
CA VAL B 9 21.52 -9.97 19.69
C VAL B 9 20.24 -10.62 19.19
N ILE B 10 20.33 -11.89 18.81
CA ILE B 10 19.23 -12.60 18.19
C ILE B 10 19.08 -13.95 18.86
N TRP B 11 17.84 -14.40 19.00
CA TRP B 11 17.52 -15.69 19.61
C TRP B 11 16.82 -16.57 18.59
N ILE B 12 17.26 -17.82 18.49
CA ILE B 12 16.64 -18.80 17.60
C ILE B 12 16.70 -20.15 18.31
N ASN B 13 15.86 -21.08 17.86
CA ASN B 13 15.78 -22.37 18.52
C ASN B 13 17.01 -23.22 18.20
N GLY B 14 17.24 -24.22 19.06
CA GLY B 14 18.43 -25.05 18.93
C GLY B 14 18.37 -26.04 17.78
N ASP B 15 17.17 -26.39 17.32
CA ASP B 15 17.01 -27.32 16.22
C ASP B 15 17.05 -26.64 14.86
N LYS B 16 17.09 -25.32 14.82
CA LYS B 16 17.19 -24.58 13.58
C LYS B 16 18.65 -24.26 13.26
N GLY B 17 18.91 -23.93 12.00
CA GLY B 17 20.26 -23.70 11.54
C GLY B 17 20.85 -22.38 12.02
N TYR B 18 21.16 -22.31 13.31
CA TYR B 18 21.66 -21.06 13.89
C TYR B 18 23.10 -20.77 13.48
N ASN B 19 23.84 -21.77 12.99
CA ASN B 19 25.17 -21.51 12.48
C ASN B 19 25.11 -20.91 11.07
N GLY B 20 24.36 -21.55 10.17
CA GLY B 20 24.14 -20.96 8.87
C GLY B 20 23.62 -19.54 8.95
N LEU B 21 22.83 -19.25 9.98
CA LEU B 21 22.38 -17.88 10.23
C LEU B 21 23.51 -17.03 10.79
N ALA B 22 24.44 -17.64 11.54
CA ALA B 22 25.59 -16.88 12.03
C ALA B 22 26.51 -16.46 10.91
N GLU B 23 26.56 -17.23 9.82
CA GLU B 23 27.31 -16.80 8.65
C GLU B 23 26.70 -15.55 8.04
N VAL B 24 25.37 -15.45 8.06
CA VAL B 24 24.70 -14.25 7.57
C VAL B 24 25.06 -13.06 8.44
N GLY B 25 25.19 -13.29 9.76
CA GLY B 25 25.61 -12.21 10.65
C GLY B 25 27.03 -11.76 10.39
N LYS B 26 27.93 -12.72 10.09
CA LYS B 26 29.31 -12.37 9.83
C LYS B 26 29.46 -11.63 8.50
N LYS B 27 28.70 -12.05 7.47
CA LYS B 27 28.64 -11.27 6.25
C LYS B 27 28.13 -9.87 6.52
N PHE B 28 27.01 -9.78 7.26
CA PHE B 28 26.56 -8.49 7.77
C PHE B 28 27.70 -7.77 8.49
N GLU B 29 28.46 -8.50 9.31
CA GLU B 29 29.60 -7.92 10.00
C GLU B 29 30.72 -7.58 9.02
N LYS B 30 30.84 -8.32 7.92
CA LYS B 30 31.89 -8.06 6.95
C LYS B 30 31.62 -6.78 6.14
N ASP B 31 30.35 -6.47 5.90
CA ASP B 31 30.00 -5.32 5.06
C ASP B 31 29.86 -4.03 5.87
N THR B 32 29.49 -4.13 7.14
CA THR B 32 29.23 -2.96 7.96
C THR B 32 30.10 -2.87 9.21
N GLY B 33 30.88 -3.91 9.52
CA GLY B 33 31.64 -3.92 10.76
C GLY B 33 30.81 -4.02 12.01
N ILE B 34 29.53 -4.36 11.88
CA ILE B 34 28.63 -4.46 13.02
C ILE B 34 28.46 -5.93 13.38
N LYS B 35 28.72 -6.27 14.63
CA LYS B 35 28.79 -7.66 15.05
C LYS B 35 27.40 -8.21 15.34
N VAL B 36 27.16 -9.45 14.91
CA VAL B 36 25.88 -10.14 15.08
C VAL B 36 26.12 -11.38 15.92
N THR B 37 25.41 -11.48 17.04
CA THR B 37 25.56 -12.60 17.98
C THR B 37 24.33 -13.49 17.86
N VAL B 38 24.52 -14.70 17.35
CA VAL B 38 23.45 -15.68 17.26
C VAL B 38 23.52 -16.57 18.49
N GLU B 39 22.34 -16.82 19.08
CA GLU B 39 22.25 -17.60 20.30
C GLU B 39 21.05 -18.54 20.21
N HIS B 40 21.17 -19.68 20.90
CA HIS B 40 20.11 -20.69 20.93
C HIS B 40 19.94 -21.18 22.35
N PRO B 41 19.27 -20.41 23.20
CA PRO B 41 19.07 -20.82 24.59
C PRO B 41 18.05 -21.95 24.69
N ASP B 42 17.95 -22.50 25.90
CA ASP B 42 16.88 -23.43 26.21
C ASP B 42 15.60 -22.66 26.52
N LYS B 43 14.48 -23.18 26.01
CA LYS B 43 13.17 -22.62 26.30
C LYS B 43 13.16 -21.11 26.14
N LEU B 44 13.71 -20.65 25.01
CA LEU B 44 13.77 -19.21 24.74
C LEU B 44 12.38 -18.62 24.59
N GLU B 45 11.43 -19.39 24.06
CA GLU B 45 10.05 -18.89 23.97
C GLU B 45 9.49 -18.55 25.34
N GLU B 46 10.01 -19.19 26.39
CA GLU B 46 9.59 -18.90 27.75
C GLU B 46 10.49 -17.88 28.44
N LYS B 47 11.74 -17.75 28.00
CA LYS B 47 12.64 -16.77 28.61
C LYS B 47 12.36 -15.36 28.10
N PHE B 48 11.81 -15.25 26.88
CA PHE B 48 11.52 -13.93 26.32
C PHE B 48 10.56 -13.13 27.18
N PRO B 49 9.38 -13.65 27.56
CA PRO B 49 8.52 -12.90 28.50
C PRO B 49 9.22 -12.56 29.80
N GLN B 50 10.29 -13.27 30.17
CA GLN B 50 10.96 -12.99 31.43
C GLN B 50 11.90 -11.79 31.33
N VAL B 51 12.42 -11.50 30.14
CA VAL B 51 13.54 -10.57 30.02
C VAL B 51 13.35 -9.59 28.87
N ALA B 52 12.19 -9.62 28.23
CA ALA B 52 11.98 -8.81 27.04
C ALA B 52 12.34 -7.34 27.29
N ALA B 53 11.63 -6.71 28.24
CA ALA B 53 11.78 -5.29 28.50
C ALA B 53 12.99 -4.95 29.37
N THR B 54 13.95 -5.86 29.49
CA THR B 54 15.16 -5.63 30.26
C THR B 54 16.37 -5.72 29.33
N GLY B 55 17.49 -5.21 29.81
CA GLY B 55 18.71 -5.26 29.03
C GLY B 55 19.29 -6.64 28.81
N ASP B 56 18.61 -7.69 29.25
CA ASP B 56 19.06 -9.05 29.05
C ASP B 56 18.33 -9.75 27.92
N GLY B 57 17.43 -9.07 27.22
CA GLY B 57 16.67 -9.66 26.16
C GLY B 57 17.36 -9.51 24.81
N PRO B 58 16.86 -10.23 23.81
CA PRO B 58 17.43 -10.12 22.46
C PRO B 58 16.77 -9.01 21.66
N ASP B 59 17.52 -8.54 20.64
CA ASP B 59 16.93 -7.62 19.68
C ASP B 59 15.97 -8.36 18.76
N ILE B 60 16.33 -9.55 18.33
CA ILE B 60 15.54 -10.35 17.41
C ILE B 60 15.26 -11.70 18.04
N ILE B 61 14.01 -12.16 17.89
CA ILE B 61 13.59 -13.44 18.44
C ILE B 61 12.91 -14.24 17.34
N PHE B 62 13.37 -15.46 17.13
CA PHE B 62 12.82 -16.35 16.12
C PHE B 62 11.95 -17.40 16.79
N TRP B 63 10.77 -17.64 16.22
CA TRP B 63 9.91 -18.72 16.67
C TRP B 63 8.76 -18.86 15.68
N ALA B 64 8.09 -20.00 15.72
CA ALA B 64 6.88 -20.18 14.94
C ALA B 64 5.84 -19.16 15.36
N HIS B 65 5.00 -18.76 14.40
CA HIS B 65 4.16 -17.58 14.59
C HIS B 65 3.19 -17.70 15.75
N ASP B 66 2.98 -18.89 16.32
CA ASP B 66 1.91 -19.03 17.30
C ASP B 66 2.22 -18.31 18.60
N ARG B 67 3.50 -18.10 18.92
CA ARG B 67 3.86 -17.45 20.18
C ARG B 67 3.91 -15.93 20.08
N PHE B 68 3.76 -15.37 18.88
CA PHE B 68 3.96 -13.93 18.72
C PHE B 68 2.72 -13.14 19.10
N GLY B 69 1.53 -13.65 18.81
CA GLY B 69 0.32 -12.95 19.22
C GLY B 69 0.33 -12.59 20.69
N GLY B 70 0.83 -13.50 21.53
CA GLY B 70 0.96 -13.18 22.94
C GLY B 70 1.94 -12.07 23.19
N TYR B 71 3.08 -12.10 22.50
CA TYR B 71 4.05 -11.01 22.60
C TYR B 71 3.45 -9.70 22.12
N ALA B 72 2.65 -9.77 21.05
CA ALA B 72 2.05 -8.56 20.47
C ALA B 72 0.95 -8.01 21.38
N GLN B 73 0.01 -8.86 21.79
CA GLN B 73 -1.02 -8.42 22.72
C GLN B 73 -0.39 -7.76 23.93
N SER B 74 0.67 -8.37 24.48
CA SER B 74 1.39 -7.81 25.60
C SER B 74 2.24 -6.60 25.20
N GLY B 75 2.40 -6.33 23.90
CA GLY B 75 3.09 -5.14 23.45
C GLY B 75 4.60 -5.22 23.47
N LEU B 76 5.16 -6.42 23.36
CA LEU B 76 6.61 -6.59 23.47
C LEU B 76 7.34 -6.48 22.15
N LEU B 77 6.63 -6.51 21.03
CA LEU B 77 7.24 -6.52 19.71
C LEU B 77 6.92 -5.25 18.96
N ALA B 78 7.87 -4.83 18.12
CA ALA B 78 7.69 -3.64 17.31
C ALA B 78 6.87 -3.96 16.07
N GLU B 79 6.02 -3.01 15.68
CA GLU B 79 5.28 -3.18 14.43
C GLU B 79 6.24 -3.20 13.26
N ILE B 80 6.01 -4.13 12.35
CA ILE B 80 6.85 -4.30 11.17
C ILE B 80 6.14 -3.65 9.99
N THR B 81 6.85 -2.78 9.27
CA THR B 81 6.27 -1.93 8.24
C THR B 81 7.17 -1.91 7.01
N PRO B 82 7.21 -3.00 6.25
CA PRO B 82 8.00 -3.02 5.02
C PRO B 82 7.21 -2.48 3.84
N ALA B 83 7.95 -1.99 2.86
CA ALA B 83 7.31 -1.46 1.67
C ALA B 83 6.58 -2.56 0.92
N ALA B 84 5.63 -2.14 0.08
CA ALA B 84 4.93 -3.10 -0.78
C ALA B 84 5.92 -3.87 -1.64
N ALA B 85 6.96 -3.19 -2.12
CA ALA B 85 8.00 -3.86 -2.90
C ALA B 85 8.53 -5.09 -2.17
N PHE B 86 8.88 -4.92 -0.89
CA PHE B 86 9.44 -6.03 -0.14
C PHE B 86 8.40 -7.12 0.12
N GLN B 87 7.17 -6.72 0.41
CA GLN B 87 6.13 -7.69 0.72
C GLN B 87 5.73 -8.53 -0.48
N ASP B 88 5.97 -8.04 -1.70
CA ASP B 88 5.55 -8.78 -2.88
C ASP B 88 6.37 -10.04 -3.07
N LYS B 89 7.64 -10.03 -2.64
CA LYS B 89 8.50 -11.20 -2.78
C LYS B 89 8.26 -12.25 -1.71
N LEU B 90 7.22 -12.09 -0.89
CA LEU B 90 6.86 -13.07 0.12
C LEU B 90 5.38 -13.42 -0.03
N TYR B 91 5.05 -14.67 0.30
CA TYR B 91 3.72 -15.18 0.01
C TYR B 91 2.67 -14.49 0.87
N PRO B 92 1.44 -14.35 0.37
CA PRO B 92 0.40 -13.70 1.18
C PRO B 92 0.12 -14.44 2.48
N PHE B 93 -0.09 -15.76 2.41
CA PHE B 93 -0.44 -16.52 3.60
C PHE B 93 0.67 -16.50 4.65
N THR B 94 1.91 -16.19 4.26
CA THR B 94 2.97 -16.03 5.25
C THR B 94 2.87 -14.69 5.96
N TRP B 95 2.61 -13.62 5.21
CA TRP B 95 2.36 -12.33 5.84
C TRP B 95 1.14 -12.40 6.75
N ASP B 96 0.08 -13.08 6.29
CA ASP B 96 -1.14 -13.16 7.09
C ASP B 96 -0.90 -13.88 8.41
N ALA B 97 -0.10 -14.95 8.38
CA ALA B 97 0.13 -15.74 9.58
C ALA B 97 0.72 -14.88 10.70
N VAL B 98 1.41 -13.80 10.34
CA VAL B 98 2.08 -12.96 11.32
C VAL B 98 1.39 -11.60 11.45
N ARG B 99 0.15 -11.49 11.00
CA ARG B 99 -0.66 -10.29 11.21
C ARG B 99 -1.52 -10.52 12.43
N TYR B 100 -1.43 -9.62 13.41
CA TYR B 100 -2.22 -9.69 14.63
C TYR B 100 -2.89 -8.36 14.88
N ASN B 101 -4.20 -8.40 15.10
CA ASN B 101 -5.00 -7.20 15.31
C ASN B 101 -4.68 -6.14 14.25
N GLY B 102 -4.60 -6.60 12.99
CA GLY B 102 -4.46 -5.71 11.86
C GLY B 102 -3.05 -5.22 11.59
N LYS B 103 -2.10 -5.46 12.49
CA LYS B 103 -0.74 -4.96 12.34
C LYS B 103 0.23 -6.11 12.14
N LEU B 104 1.25 -5.87 11.33
CA LEU B 104 2.32 -6.85 11.14
C LEU B 104 3.32 -6.72 12.29
N ILE B 105 3.65 -7.85 12.90
CA ILE B 105 4.46 -7.86 14.12
C ILE B 105 5.79 -8.57 13.95
N ALA B 106 6.00 -9.33 12.88
CA ALA B 106 7.26 -10.01 12.67
C ALA B 106 7.40 -10.36 11.20
N TYR B 107 8.57 -10.88 10.84
CA TYR B 107 8.88 -11.24 9.46
C TYR B 107 8.67 -12.74 9.27
N PRO B 108 7.78 -13.18 8.39
CA PRO B 108 7.74 -14.61 8.06
C PRO B 108 9.01 -15.00 7.31
N ILE B 109 9.49 -16.21 7.56
CA ILE B 109 10.75 -16.69 7.02
C ILE B 109 10.56 -17.96 6.19
N ALA B 110 9.90 -18.96 6.76
CA ALA B 110 9.74 -20.23 6.06
C ALA B 110 8.57 -20.99 6.67
N VAL B 111 7.93 -21.81 5.84
CA VAL B 111 6.78 -22.62 6.26
C VAL B 111 7.27 -23.98 6.69
N GLU B 112 6.89 -24.40 7.89
CA GLU B 112 7.31 -25.67 8.46
C GLU B 112 6.14 -26.65 8.48
N ALA B 113 6.38 -27.88 8.04
CA ALA B 113 5.35 -28.91 8.02
C ALA B 113 5.97 -30.26 8.31
N LEU B 114 5.39 -30.99 9.24
CA LEU B 114 5.84 -32.35 9.51
C LEU B 114 5.56 -33.24 8.31
N SER B 115 6.32 -34.34 8.23
CA SER B 115 6.16 -35.29 7.15
C SER B 115 6.62 -36.65 7.63
N LEU B 116 6.05 -37.70 7.03
CA LEU B 116 6.50 -39.05 7.30
C LEU B 116 7.85 -39.27 6.65
N ILE B 117 8.85 -39.61 7.47
CA ILE B 117 10.22 -39.82 7.01
C ILE B 117 10.52 -41.31 7.16
N TYR B 118 10.81 -41.97 6.04
CA TYR B 118 11.04 -43.41 6.03
C TYR B 118 12.39 -43.74 5.43
N ASN B 119 12.89 -44.93 5.79
CA ASN B 119 14.15 -45.45 5.28
C ASN B 119 13.86 -46.33 4.07
N LYS B 120 14.27 -45.86 2.88
CA LYS B 120 14.01 -46.61 1.65
C LYS B 120 14.77 -47.92 1.58
N ASP B 121 15.74 -48.14 2.47
CA ASP B 121 16.48 -49.40 2.49
C ASP B 121 15.82 -50.45 3.39
N LEU B 122 15.16 -50.02 4.46
CA LEU B 122 14.43 -50.93 5.32
C LEU B 122 12.96 -51.06 4.92
N LEU B 123 12.43 -50.12 4.16
CA LEU B 123 11.00 -50.05 3.88
C LEU B 123 10.81 -49.35 2.55
N PRO B 124 10.93 -50.08 1.43
CA PRO B 124 10.92 -49.41 0.13
C PRO B 124 9.67 -48.59 -0.13
N ASN B 125 8.49 -49.17 0.07
CA ASN B 125 7.23 -48.48 -0.18
C ASN B 125 6.58 -48.11 1.15
N PRO B 126 6.38 -46.84 1.46
CA PRO B 126 5.82 -46.47 2.76
C PRO B 126 4.36 -46.86 2.88
N PRO B 127 3.84 -47.02 4.09
CA PRO B 127 2.43 -47.35 4.26
C PRO B 127 1.52 -46.16 4.00
N LYS B 128 0.33 -46.46 3.49
CA LYS B 128 -0.64 -45.42 3.18
C LYS B 128 -1.43 -44.97 4.38
N THR B 129 -1.49 -45.78 5.44
CA THR B 129 -2.39 -45.56 6.55
C THR B 129 -1.66 -45.63 7.89
N TRP B 130 -2.31 -45.13 8.93
CA TRP B 130 -1.88 -45.36 10.30
C TRP B 130 -2.23 -46.76 10.77
N GLU B 131 -3.29 -47.35 10.19
CA GLU B 131 -3.72 -48.69 10.58
C GLU B 131 -2.75 -49.77 10.13
N GLU B 132 -1.89 -49.47 9.14
CA GLU B 132 -0.98 -50.48 8.59
C GLU B 132 0.24 -50.70 9.47
N ILE B 133 0.70 -49.67 10.19
CA ILE B 133 2.02 -49.70 10.80
C ILE B 133 2.11 -50.79 11.86
N PRO B 134 1.06 -51.13 12.59
CA PRO B 134 1.19 -52.27 13.52
C PRO B 134 1.56 -53.57 12.83
N ALA B 135 1.14 -53.75 11.57
CA ALA B 135 1.50 -54.95 10.81
C ALA B 135 2.94 -54.90 10.33
N LEU B 136 3.39 -53.75 9.84
CA LEU B 136 4.79 -53.60 9.45
C LEU B 136 5.72 -53.60 10.65
N ASP B 137 5.19 -53.37 11.86
CA ASP B 137 6.02 -53.42 13.06
C ASP B 137 6.41 -54.85 13.39
N LYS B 138 5.52 -55.81 13.15
CA LYS B 138 5.83 -57.21 13.44
C LYS B 138 7.08 -57.65 12.68
N GLU B 139 7.15 -57.32 11.40
CA GLU B 139 8.29 -57.74 10.58
C GLU B 139 9.59 -57.22 11.17
N LEU B 140 9.60 -55.95 11.59
CA LEU B 140 10.82 -55.29 12.01
C LEU B 140 11.19 -55.65 13.45
N LYS B 141 10.21 -55.93 14.30
CA LYS B 141 10.53 -56.44 15.63
C LYS B 141 11.18 -57.81 15.54
N ALA B 142 10.83 -58.61 14.53
CA ALA B 142 11.50 -59.88 14.29
C ALA B 142 12.95 -59.67 13.85
N LYS B 143 13.31 -58.46 13.44
CA LYS B 143 14.67 -58.13 13.03
C LYS B 143 15.36 -57.18 14.01
N GLY B 144 14.82 -57.00 15.21
CA GLY B 144 15.41 -56.10 16.16
C GLY B 144 15.29 -54.64 15.78
N LYS B 145 14.41 -54.31 14.84
CA LYS B 145 14.16 -52.94 14.42
C LYS B 145 12.79 -52.50 14.91
N SER B 146 12.31 -51.37 14.38
CA SER B 146 10.98 -50.89 14.68
C SER B 146 10.46 -50.15 13.45
N ALA B 147 9.13 -50.12 13.31
CA ALA B 147 8.52 -49.44 12.19
C ALA B 147 8.61 -47.92 12.35
N LEU B 148 8.09 -47.40 13.47
CA LEU B 148 7.98 -45.96 13.65
C LEU B 148 8.40 -45.59 15.06
N MET B 149 9.25 -44.56 15.15
CA MET B 149 9.56 -43.90 16.41
C MET B 149 9.49 -42.40 16.15
N PHE B 150 8.85 -41.67 17.06
CA PHE B 150 8.84 -40.22 16.96
C PHE B 150 8.59 -39.63 18.34
N ASN B 151 8.93 -38.36 18.49
CA ASN B 151 8.89 -37.70 19.78
C ASN B 151 7.47 -37.66 20.35
N LEU B 152 7.23 -38.46 21.39
CA LEU B 152 5.94 -38.49 22.06
C LEU B 152 5.89 -37.54 23.24
N GLN B 153 6.86 -36.63 23.36
CA GLN B 153 6.92 -35.71 24.49
C GLN B 153 6.39 -34.33 24.17
N GLU B 154 6.23 -33.98 22.90
CA GLU B 154 5.77 -32.66 22.50
C GLU B 154 4.54 -32.80 21.60
N PRO B 155 3.41 -32.19 21.95
CA PRO B 155 2.19 -32.40 21.14
C PRO B 155 2.33 -31.99 19.70
N TYR B 156 3.32 -31.16 19.36
CA TYR B 156 3.51 -30.77 17.97
C TYR B 156 3.61 -31.98 17.06
N PHE B 157 4.16 -33.09 17.57
CA PHE B 157 4.36 -34.28 16.77
C PHE B 157 3.19 -35.25 16.84
N THR B 158 2.45 -35.24 17.95
CA THR B 158 1.33 -36.16 18.13
C THR B 158 0.00 -35.56 17.70
N TRP B 159 -0.10 -34.24 17.60
CA TRP B 159 -1.37 -33.62 17.24
C TRP B 159 -1.83 -33.98 15.83
N PRO B 160 -0.95 -34.14 14.83
CA PRO B 160 -1.45 -34.43 13.48
C PRO B 160 -2.36 -35.64 13.42
N LEU B 161 -2.04 -36.70 14.15
CA LEU B 161 -2.92 -37.87 14.21
C LEU B 161 -4.22 -37.54 14.94
N ILE B 162 -4.13 -36.72 15.99
CA ILE B 162 -5.31 -36.31 16.74
C ILE B 162 -6.20 -35.40 15.88
N ALA B 163 -5.60 -34.68 14.93
CA ALA B 163 -6.34 -33.75 14.09
C ALA B 163 -6.90 -34.41 12.84
N ALA B 164 -6.51 -35.64 12.53
CA ALA B 164 -6.97 -36.30 11.31
C ALA B 164 -8.47 -36.54 11.34
N ASP B 165 -8.99 -37.00 12.49
CA ASP B 165 -10.39 -37.45 12.57
C ASP B 165 -11.33 -36.39 13.12
N GLY B 166 -10.83 -35.25 13.60
CA GLY B 166 -11.72 -34.17 13.98
C GLY B 166 -11.29 -33.28 15.13
N GLY B 167 -10.06 -33.43 15.61
CA GLY B 167 -9.59 -32.57 16.68
C GLY B 167 -9.26 -31.18 16.19
N TYR B 168 -9.49 -30.19 17.05
CA TYR B 168 -9.16 -28.81 16.72
C TYR B 168 -8.83 -28.05 17.99
N ALA B 169 -8.09 -26.96 17.80
CA ALA B 169 -7.68 -26.11 18.92
C ALA B 169 -8.81 -25.17 19.28
N PHE B 170 -8.99 -24.11 18.49
CA PHE B 170 -10.08 -23.15 18.68
C PHE B 170 -10.89 -23.09 17.40
N LYS B 171 -12.20 -23.24 17.53
CA LYS B 171 -13.06 -23.22 16.35
C LYS B 171 -12.93 -21.89 15.62
N TYR B 172 -12.77 -21.95 14.31
CA TYR B 172 -12.69 -20.77 13.46
C TYR B 172 -14.06 -20.53 12.85
N ALA B 173 -14.62 -19.35 13.07
CA ALA B 173 -15.93 -19.01 12.56
C ALA B 173 -16.07 -17.50 12.54
N ALA B 174 -16.85 -17.00 11.59
CA ALA B 174 -17.07 -15.57 11.42
C ALA B 174 -15.75 -14.83 11.19
N GLY B 175 -14.78 -15.52 10.58
CA GLY B 175 -13.49 -14.92 10.33
C GLY B 175 -12.63 -14.72 11.56
N LYS B 176 -12.96 -15.38 12.66
CA LYS B 176 -12.21 -15.24 13.90
C LYS B 176 -12.25 -16.55 14.66
N TYR B 177 -11.58 -16.58 15.81
CA TYR B 177 -11.47 -17.77 16.64
C TYR B 177 -12.29 -17.60 17.90
N ASP B 178 -12.98 -18.66 18.29
CA ASP B 178 -13.80 -18.69 19.51
C ASP B 178 -13.00 -19.42 20.58
N ILE B 179 -12.41 -18.65 21.50
CA ILE B 179 -11.64 -19.25 22.58
C ILE B 179 -12.49 -20.08 23.52
N LYS B 180 -13.82 -19.97 23.41
CA LYS B 180 -14.73 -20.77 24.20
C LYS B 180 -15.00 -22.14 23.60
N ASP B 181 -14.67 -22.34 22.33
CA ASP B 181 -14.98 -23.56 21.59
C ASP B 181 -13.68 -24.32 21.35
N VAL B 182 -13.32 -25.18 22.30
CA VAL B 182 -12.12 -26.01 22.22
C VAL B 182 -12.53 -27.40 21.77
N GLY B 183 -11.71 -28.01 20.91
CA GLY B 183 -12.05 -29.29 20.34
C GLY B 183 -11.00 -30.36 20.55
N VAL B 184 -10.55 -30.51 21.79
CA VAL B 184 -9.56 -31.53 22.13
C VAL B 184 -10.19 -32.79 22.70
N ASP B 185 -11.40 -32.70 23.27
CA ASP B 185 -12.15 -33.88 23.69
C ASP B 185 -13.18 -34.29 22.63
N ASN B 186 -12.82 -34.14 21.36
CA ASN B 186 -13.73 -34.43 20.26
C ASN B 186 -13.74 -35.92 19.92
N ALA B 187 -14.79 -36.34 19.22
CA ALA B 187 -14.87 -37.73 18.78
C ALA B 187 -13.65 -38.10 17.94
N GLY B 188 -13.15 -37.16 17.12
CA GLY B 188 -11.98 -37.43 16.33
C GLY B 188 -10.70 -37.38 17.12
N ALA B 189 -10.68 -36.59 18.19
CA ALA B 189 -9.48 -36.47 19.01
C ALA B 189 -9.27 -37.71 19.86
N LYS B 190 -10.35 -38.28 20.38
CA LYS B 190 -10.24 -39.50 21.17
C LYS B 190 -9.81 -40.67 20.30
N ALA B 191 -10.47 -40.85 19.16
CA ALA B 191 -10.04 -41.89 18.21
C ALA B 191 -8.57 -41.73 17.86
N GLY B 192 -8.12 -40.50 17.68
CA GLY B 192 -6.71 -40.28 17.35
C GLY B 192 -5.80 -40.65 18.51
N LEU B 193 -6.13 -40.19 19.71
CA LEU B 193 -5.26 -40.44 20.86
C LEU B 193 -5.27 -41.91 21.25
N THR B 194 -6.45 -42.54 21.25
CA THR B 194 -6.53 -43.95 21.58
C THR B 194 -5.60 -44.76 20.68
N PHE B 195 -5.72 -44.59 19.36
CA PHE B 195 -4.88 -45.34 18.44
C PHE B 195 -3.41 -45.12 18.74
N LEU B 196 -3.05 -43.92 19.24
CA LEU B 196 -1.69 -43.69 19.69
C LEU B 196 -1.35 -44.55 20.89
N VAL B 197 -2.26 -44.60 21.87
CA VAL B 197 -2.01 -45.40 23.06
C VAL B 197 -2.02 -46.88 22.74
N ASP B 198 -2.93 -47.32 21.86
CA ASP B 198 -2.95 -48.72 21.47
C ASP B 198 -1.59 -49.18 20.97
N LEU B 199 -0.92 -48.34 20.18
CA LEU B 199 0.42 -48.67 19.70
C LEU B 199 1.34 -49.00 20.86
N ILE B 200 1.36 -48.15 21.88
CA ILE B 200 2.28 -48.34 23.00
C ILE B 200 1.92 -49.62 23.75
N LYS B 201 0.65 -49.77 24.10
CA LYS B 201 0.25 -50.96 24.85
C LYS B 201 0.46 -52.23 24.02
N ASN B 202 0.38 -52.13 22.69
CA ASN B 202 0.72 -53.23 21.82
C ASN B 202 2.23 -53.35 21.58
N LYS B 203 3.05 -52.66 22.37
CA LYS B 203 4.50 -52.75 22.29
C LYS B 203 5.03 -52.24 20.95
N HIS B 204 4.21 -51.52 20.18
CA HIS B 204 4.68 -50.94 18.93
C HIS B 204 5.40 -49.62 19.14
N MET B 205 5.30 -49.02 20.33
CA MET B 205 6.05 -47.81 20.65
C MET B 205 6.26 -47.72 22.15
N ASN B 206 7.21 -46.88 22.55
CA ASN B 206 7.55 -46.65 23.95
C ASN B 206 7.13 -45.24 24.33
N ALA B 207 6.60 -45.08 25.54
CA ALA B 207 5.99 -43.83 25.96
C ALA B 207 7.00 -42.73 26.22
N ASP B 208 8.29 -43.05 26.34
CA ASP B 208 9.30 -42.07 26.73
C ASP B 208 10.07 -41.50 25.53
N THR B 209 9.83 -41.99 24.32
CA THR B 209 10.61 -41.58 23.16
C THR B 209 10.51 -40.08 22.94
N ASP B 210 11.66 -39.42 22.90
CA ASP B 210 11.75 -37.98 22.70
C ASP B 210 12.42 -37.69 21.37
N TYR B 211 12.74 -36.41 21.14
CA TYR B 211 13.33 -36.01 19.86
C TYR B 211 14.69 -36.67 19.66
N SER B 212 15.53 -36.65 20.70
CA SER B 212 16.87 -37.21 20.56
C SER B 212 16.81 -38.69 20.22
N ILE B 213 16.01 -39.46 20.96
CA ILE B 213 15.91 -40.89 20.72
C ILE B 213 15.43 -41.15 19.30
N ALA B 214 14.28 -40.56 18.94
CA ALA B 214 13.73 -40.77 17.60
C ALA B 214 14.75 -40.42 16.52
N GLU B 215 15.30 -39.21 16.57
CA GLU B 215 16.27 -38.79 15.57
C GLU B 215 17.43 -39.76 15.49
N ALA B 216 17.96 -40.18 16.65
CA ALA B 216 19.06 -41.13 16.65
C ALA B 216 18.61 -42.49 16.16
N ALA B 217 17.50 -42.99 16.72
CA ALA B 217 17.00 -44.32 16.36
C ALA B 217 16.90 -44.46 14.85
N PHE B 218 16.34 -43.46 14.18
CA PHE B 218 16.21 -43.52 12.73
C PHE B 218 17.57 -43.40 12.06
N ASN B 219 18.38 -42.43 12.49
CA ASN B 219 19.67 -42.20 11.87
C ASN B 219 20.61 -43.38 12.07
N LYS B 220 20.42 -44.14 13.14
CA LYS B 220 21.20 -45.35 13.34
C LYS B 220 20.68 -46.54 12.55
N GLY B 221 19.52 -46.40 11.91
CA GLY B 221 18.91 -47.51 11.21
C GLY B 221 18.09 -48.43 12.08
N GLU B 222 17.77 -48.03 13.30
CA GLU B 222 17.05 -48.88 14.23
C GLU B 222 15.54 -48.81 14.08
N THR B 223 15.04 -47.83 13.31
CA THR B 223 13.62 -47.77 12.98
C THR B 223 13.47 -47.41 11.52
N ALA B 224 12.36 -47.85 10.93
CA ALA B 224 12.12 -47.64 9.52
C ALA B 224 11.49 -46.29 9.21
N MET B 225 10.83 -45.66 10.19
CA MET B 225 10.12 -44.41 9.95
C MET B 225 10.23 -43.49 11.15
N THR B 226 9.89 -42.23 10.93
CA THR B 226 9.83 -41.23 11.98
C THR B 226 8.98 -40.07 11.49
N ILE B 227 8.64 -39.18 12.42
CA ILE B 227 7.87 -37.98 12.13
C ILE B 227 8.71 -36.78 12.56
N ASN B 228 9.00 -35.89 11.62
CA ASN B 228 9.87 -34.75 11.87
C ASN B 228 9.62 -33.71 10.81
N GLY B 229 10.28 -32.56 10.95
CA GLY B 229 10.11 -31.45 10.04
C GLY B 229 11.36 -31.20 9.22
N PRO B 230 11.29 -30.23 8.32
CA PRO B 230 12.43 -29.99 7.41
C PRO B 230 13.75 -29.78 8.12
N TRP B 231 13.73 -29.24 9.33
CA TRP B 231 14.96 -28.98 10.05
C TRP B 231 15.79 -30.24 10.24
N ALA B 232 15.14 -31.40 10.38
CA ALA B 232 15.82 -32.63 10.76
C ALA B 232 16.45 -33.37 9.58
N TRP B 233 16.31 -32.86 8.36
CA TRP B 233 16.88 -33.56 7.21
C TRP B 233 18.39 -33.54 7.23
N SER B 234 18.99 -32.43 7.66
CA SER B 234 20.45 -32.29 7.61
C SER B 234 21.13 -33.44 8.34
N ASN B 235 20.68 -33.75 9.56
CA ASN B 235 21.33 -34.80 10.33
C ASN B 235 21.19 -36.15 9.63
N ILE B 236 20.04 -36.41 9.01
CA ILE B 236 19.81 -37.70 8.37
C ILE B 236 20.83 -37.92 7.26
N ASP B 237 21.09 -36.90 6.45
CA ASP B 237 22.03 -37.03 5.35
C ASP B 237 23.36 -37.61 5.82
N THR B 238 23.89 -37.09 6.92
CA THR B 238 25.12 -37.63 7.49
C THR B 238 24.99 -39.13 7.72
N SER B 239 23.85 -39.58 8.24
CA SER B 239 23.64 -40.99 8.49
C SER B 239 23.67 -41.77 7.17
N ALA B 240 23.72 -43.09 7.31
CA ALA B 240 23.78 -43.99 6.16
C ALA B 240 22.39 -44.37 5.65
N VAL B 241 21.38 -43.56 5.92
CA VAL B 241 20.01 -43.87 5.54
C VAL B 241 19.68 -43.20 4.21
N ASN B 242 19.15 -43.98 3.27
CA ASN B 242 18.52 -43.43 2.08
C ASN B 242 17.05 -43.23 2.39
N TYR B 243 16.65 -41.97 2.58
CA TYR B 243 15.34 -41.64 3.12
C TYR B 243 14.50 -40.92 2.08
N GLY B 244 13.19 -41.14 2.17
CA GLY B 244 12.22 -40.34 1.46
C GLY B 244 11.26 -39.71 2.45
N VAL B 245 10.78 -38.52 2.12
CA VAL B 245 9.80 -37.81 2.92
C VAL B 245 8.52 -37.71 2.09
N THR B 246 7.40 -38.15 2.66
CA THR B 246 6.16 -38.29 1.90
C THR B 246 4.99 -37.88 2.79
N VAL B 247 3.79 -37.95 2.21
CA VAL B 247 2.58 -37.57 2.94
C VAL B 247 2.47 -38.43 4.18
N LEU B 248 1.97 -37.82 5.26
CA LEU B 248 1.71 -38.57 6.47
C LEU B 248 0.58 -39.58 6.24
N PRO B 249 0.55 -40.66 7.01
CA PRO B 249 -0.48 -41.68 6.79
C PRO B 249 -1.86 -41.16 7.16
N THR B 250 -2.86 -41.65 6.44
CA THR B 250 -4.23 -41.30 6.74
C THR B 250 -4.75 -42.15 7.90
N PHE B 251 -5.64 -41.55 8.69
CA PHE B 251 -6.26 -42.22 9.82
C PHE B 251 -7.76 -42.24 9.60
N LYS B 252 -8.35 -43.43 9.66
CA LYS B 252 -9.78 -43.60 9.39
C LYS B 252 -10.16 -42.92 8.08
N GLY B 253 -9.32 -43.12 7.07
CA GLY B 253 -9.57 -42.59 5.75
C GLY B 253 -9.24 -41.11 5.62
N GLN B 254 -9.13 -40.44 6.76
CA GLN B 254 -8.96 -38.99 6.67
C GLN B 254 -7.50 -38.61 6.86
N PRO B 255 -6.99 -37.61 6.12
CA PRO B 255 -5.56 -37.32 6.18
C PRO B 255 -5.11 -36.84 7.55
N SER B 256 -3.86 -37.17 7.88
CA SER B 256 -3.21 -36.55 9.03
C SER B 256 -3.19 -35.05 8.84
N LYS B 257 -3.63 -34.31 9.87
CA LYS B 257 -3.77 -32.86 9.82
C LYS B 257 -2.67 -32.22 10.66
N PRO B 258 -1.49 -31.95 10.09
CA PRO B 258 -0.40 -31.34 10.88
C PRO B 258 -0.58 -29.84 11.00
N PHE B 259 -0.55 -29.34 12.24
CA PHE B 259 -0.49 -27.90 12.47
C PHE B 259 0.70 -27.32 11.74
N VAL B 260 0.45 -26.33 10.89
CA VAL B 260 1.49 -25.68 10.10
C VAL B 260 1.95 -24.43 10.83
N GLY B 261 3.25 -24.29 10.98
CA GLY B 261 3.84 -23.10 11.58
C GLY B 261 4.83 -22.47 10.61
N VAL B 262 4.84 -21.15 10.58
CA VAL B 262 5.76 -20.38 9.75
C VAL B 262 6.83 -19.82 10.66
N LEU B 263 8.09 -20.17 10.40
CA LEU B 263 9.18 -19.58 11.14
C LEU B 263 9.15 -18.07 10.96
N SER B 264 9.23 -17.34 12.06
CA SER B 264 9.02 -15.91 12.07
C SER B 264 10.13 -15.23 12.86
N ALA B 265 10.40 -13.98 12.50
CA ALA B 265 11.46 -13.18 13.13
C ALA B 265 10.84 -11.87 13.65
N GLY B 266 10.56 -11.84 14.94
CA GLY B 266 10.07 -10.62 15.57
C GLY B 266 11.20 -9.75 16.09
N ILE B 267 10.90 -8.46 16.22
CA ILE B 267 11.87 -7.47 16.68
C ILE B 267 11.41 -6.95 18.03
N ASN B 268 12.33 -6.96 19.00
CA ASN B 268 12.00 -6.52 20.34
C ASN B 268 11.56 -5.06 20.33
N ALA B 269 10.45 -4.78 21.02
CA ALA B 269 9.98 -3.40 21.11
C ALA B 269 10.95 -2.53 21.89
N ALA B 270 11.65 -3.11 22.87
CA ALA B 270 12.59 -2.38 23.71
C ALA B 270 13.96 -2.26 23.09
N SER B 271 14.18 -2.81 21.90
CA SER B 271 15.50 -2.82 21.32
C SER B 271 15.92 -1.41 20.90
N PRO B 272 17.16 -1.02 21.15
CA PRO B 272 17.67 0.25 20.59
C PRO B 272 18.21 0.13 19.18
N ASN B 273 18.08 -1.03 18.54
CA ASN B 273 18.68 -1.31 17.24
C ASN B 273 17.63 -1.86 16.28
N LYS B 274 16.51 -1.15 16.17
CA LYS B 274 15.41 -1.63 15.35
C LYS B 274 15.69 -1.45 13.86
N GLU B 275 16.34 -0.36 13.48
CA GLU B 275 16.67 -0.15 12.07
C GLU B 275 17.74 -1.13 11.61
N LEU B 276 18.62 -1.56 12.51
CA LEU B 276 19.60 -2.58 12.16
C LEU B 276 18.91 -3.92 11.88
N ALA B 277 17.95 -4.29 12.73
CA ALA B 277 17.21 -5.53 12.52
C ALA B 277 16.51 -5.52 11.17
N LYS B 278 15.85 -4.41 10.83
CA LYS B 278 15.15 -4.34 9.56
C LYS B 278 16.12 -4.53 8.38
N GLU B 279 17.31 -3.95 8.48
CA GLU B 279 18.28 -4.07 7.38
C GLU B 279 18.80 -5.50 7.27
N PHE B 280 19.05 -6.16 8.40
CA PHE B 280 19.59 -7.51 8.37
C PHE B 280 18.54 -8.51 7.90
N LEU B 281 17.30 -8.36 8.35
CA LEU B 281 16.27 -9.33 7.99
C LEU B 281 15.76 -9.09 6.58
N GLU B 282 15.71 -7.85 6.12
CA GLU B 282 15.20 -7.57 4.79
C GLU B 282 16.29 -7.68 3.72
N ASN B 283 17.46 -7.07 3.96
CA ASN B 283 18.48 -6.96 2.93
C ASN B 283 19.63 -7.94 3.13
N TYR B 284 19.52 -8.89 4.06
CA TYR B 284 20.56 -9.89 4.23
C TYR B 284 19.96 -11.29 4.37
N LEU B 285 19.10 -11.50 5.36
CA LEU B 285 18.59 -12.85 5.63
C LEU B 285 17.54 -13.26 4.61
N LEU B 286 16.50 -12.43 4.42
CA LEU B 286 15.45 -12.76 3.47
C LEU B 286 15.91 -12.51 2.04
N THR B 287 17.09 -13.04 1.71
CA THR B 287 17.66 -12.97 0.37
C THR B 287 17.90 -14.39 -0.11
N ASP B 288 17.87 -14.58 -1.43
CA ASP B 288 18.13 -15.91 -1.96
C ASP B 288 19.43 -16.47 -1.40
N GLU B 289 20.47 -15.63 -1.33
CA GLU B 289 21.74 -16.09 -0.78
C GLU B 289 21.69 -16.23 0.74
N GLY B 290 20.91 -15.37 1.41
CA GLY B 290 20.85 -15.44 2.86
C GLY B 290 20.11 -16.66 3.35
N LEU B 291 18.99 -16.99 2.71
CA LEU B 291 18.21 -18.15 3.14
C LEU B 291 18.96 -19.45 2.91
N GLU B 292 19.76 -19.53 1.83
CA GLU B 292 20.43 -20.78 1.50
C GLU B 292 21.54 -21.10 2.50
N ALA B 293 22.25 -20.08 2.98
CA ALA B 293 23.28 -20.31 3.99
C ALA B 293 22.70 -20.98 5.22
N VAL B 294 21.52 -20.53 5.66
CA VAL B 294 20.84 -21.17 6.76
C VAL B 294 20.31 -22.53 6.34
N ASN B 295 19.89 -22.65 5.08
CA ASN B 295 19.27 -23.88 4.61
C ASN B 295 20.30 -25.00 4.49
N LYS B 296 21.53 -24.68 4.11
CA LYS B 296 22.57 -25.70 4.07
C LYS B 296 22.88 -26.22 5.46
N ASP B 297 22.87 -25.34 6.46
CA ASP B 297 23.06 -25.77 7.84
C ASP B 297 21.91 -26.69 8.25
N LYS B 298 20.72 -26.13 8.40
CA LYS B 298 19.52 -26.92 8.68
C LYS B 298 18.42 -26.38 7.77
N PRO B 299 17.86 -27.20 6.87
CA PRO B 299 16.83 -26.68 5.95
C PRO B 299 15.73 -25.91 6.65
N LEU B 300 15.13 -24.98 5.92
CA LEU B 300 14.05 -24.16 6.45
C LEU B 300 12.67 -24.70 6.12
N GLY B 301 12.54 -25.44 5.02
CA GLY B 301 11.25 -25.83 4.52
C GLY B 301 10.89 -24.98 3.32
N ALA B 302 9.60 -24.64 3.17
CA ALA B 302 9.15 -23.78 2.09
C ALA B 302 9.38 -22.33 2.49
N VAL B 303 10.56 -21.82 2.16
CA VAL B 303 10.91 -20.42 2.44
C VAL B 303 9.79 -19.53 1.95
N ALA B 304 9.60 -18.39 2.62
CA ALA B 304 8.59 -17.44 2.19
C ALA B 304 9.03 -16.63 0.97
N LEU B 305 10.33 -16.61 0.67
CA LEU B 305 10.85 -15.83 -0.46
C LEU B 305 10.59 -16.59 -1.75
N LYS B 306 9.90 -15.94 -2.69
CA LYS B 306 9.43 -16.65 -3.89
C LYS B 306 10.58 -17.01 -4.81
N SER B 307 11.52 -16.07 -5.03
CA SER B 307 12.61 -16.32 -5.97
C SER B 307 13.42 -17.55 -5.56
N TYR B 308 13.64 -17.73 -4.25
CA TYR B 308 14.34 -18.90 -3.77
C TYR B 308 13.41 -20.08 -3.56
N GLU B 309 12.14 -19.82 -3.20
CA GLU B 309 11.17 -20.90 -3.13
C GLU B 309 10.96 -21.55 -4.49
N GLU B 310 11.01 -20.74 -5.55
CA GLU B 310 10.91 -21.29 -6.90
C GLU B 310 11.99 -22.33 -7.15
N GLU B 311 13.17 -22.13 -6.56
CA GLU B 311 14.23 -23.13 -6.68
C GLU B 311 13.94 -24.35 -5.82
N LEU B 312 13.66 -24.14 -4.53
CA LEU B 312 13.38 -25.24 -3.62
C LEU B 312 12.14 -26.02 -4.04
N ALA B 313 11.21 -25.39 -4.75
CA ALA B 313 10.02 -26.10 -5.22
C ALA B 313 10.41 -27.35 -6.00
N LYS B 314 11.55 -27.31 -6.71
CA LYS B 314 12.04 -28.49 -7.41
C LYS B 314 12.23 -29.65 -6.44
N ASP B 315 12.54 -29.36 -5.19
CA ASP B 315 12.87 -30.39 -4.21
C ASP B 315 11.63 -31.20 -3.87
N PRO B 316 11.59 -32.51 -4.17
CA PRO B 316 10.43 -33.32 -3.75
C PRO B 316 10.20 -33.29 -2.26
N ARG B 317 11.26 -33.17 -1.47
CA ARG B 317 11.09 -33.04 -0.03
C ARG B 317 10.29 -31.79 0.30
N ILE B 318 10.57 -30.68 -0.39
CA ILE B 318 9.74 -29.49 -0.26
C ILE B 318 8.32 -29.80 -0.70
N ALA B 319 8.15 -30.67 -1.69
CA ALA B 319 6.82 -30.97 -2.20
C ALA B 319 6.01 -31.77 -1.19
N ALA B 320 6.64 -32.72 -0.50
CA ALA B 320 5.92 -33.55 0.45
C ALA B 320 5.40 -32.74 1.62
N THR B 321 6.29 -31.93 2.24
CA THR B 321 5.89 -31.11 3.37
C THR B 321 4.70 -30.23 3.00
N MET B 322 4.80 -29.51 1.87
CA MET B 322 3.71 -28.64 1.45
C MET B 322 2.46 -29.43 1.12
N GLU B 323 2.61 -30.70 0.73
CA GLU B 323 1.43 -31.54 0.53
C GLU B 323 0.77 -31.88 1.86
N ASN B 324 1.58 -32.08 2.90
CA ASN B 324 1.04 -32.19 4.25
C ASN B 324 0.47 -30.86 4.70
N ALA B 325 1.22 -29.77 4.51
CA ALA B 325 0.76 -28.45 4.91
C ALA B 325 -0.63 -28.17 4.38
N GLN B 326 -0.88 -28.50 3.10
CA GLN B 326 -2.21 -28.34 2.54
C GLN B 326 -3.23 -29.21 3.28
N LYS B 327 -2.79 -30.39 3.74
CA LYS B 327 -3.69 -31.27 4.47
C LYS B 327 -3.87 -30.84 5.92
N GLY B 328 -2.86 -30.20 6.48
CA GLY B 328 -2.93 -29.72 7.85
C GLY B 328 -3.67 -28.41 7.97
N GLU B 329 -3.28 -27.62 8.97
CA GLU B 329 -3.93 -26.36 9.28
C GLU B 329 -2.89 -25.36 9.73
N ILE B 330 -3.05 -24.10 9.33
CA ILE B 330 -2.18 -23.05 9.84
C ILE B 330 -2.56 -22.79 11.29
N MET B 331 -1.54 -22.71 12.15
CA MET B 331 -1.79 -22.52 13.56
C MET B 331 -2.32 -21.11 13.83
N PRO B 332 -3.25 -20.94 14.76
CA PRO B 332 -3.57 -19.60 15.23
C PRO B 332 -2.34 -18.97 15.89
N ASN B 333 -2.34 -17.64 15.92
CA ASN B 333 -1.29 -16.90 16.60
C ASN B 333 -1.77 -16.22 17.87
N ILE B 334 -3.05 -16.34 18.19
CA ILE B 334 -3.64 -15.63 19.32
C ILE B 334 -2.86 -15.94 20.58
N PRO B 335 -2.86 -15.06 21.58
CA PRO B 335 -2.16 -15.37 22.84
C PRO B 335 -2.68 -16.63 23.50
N GLN B 336 -3.92 -17.04 23.22
CA GLN B 336 -4.51 -18.20 23.86
C GLN B 336 -3.94 -19.52 23.34
N MET B 337 -3.07 -19.50 22.33
CA MET B 337 -2.45 -20.73 21.89
C MET B 337 -1.59 -21.33 22.99
N SER B 338 -0.92 -20.48 23.77
CA SER B 338 -0.11 -20.98 24.88
C SER B 338 -0.93 -21.88 25.80
N ALA B 339 -2.14 -21.44 26.15
CA ALA B 339 -3.01 -22.25 26.99
C ALA B 339 -3.27 -23.61 26.35
N PHE B 340 -3.60 -23.61 25.05
CA PHE B 340 -3.86 -24.85 24.34
C PHE B 340 -2.69 -25.82 24.47
N TRP B 341 -1.50 -25.37 24.08
CA TRP B 341 -0.34 -26.27 24.09
C TRP B 341 -0.04 -26.79 25.48
N TYR B 342 -0.18 -25.94 26.50
CA TYR B 342 0.17 -26.36 27.86
C TYR B 342 -0.75 -27.47 28.34
N ALA B 343 -2.05 -27.32 28.11
CA ALA B 343 -3.00 -28.32 28.62
C ALA B 343 -2.93 -29.62 27.82
N VAL B 344 -2.71 -29.51 26.51
CA VAL B 344 -2.73 -30.69 25.66
C VAL B 344 -1.48 -31.52 25.84
N ARG B 345 -0.31 -30.88 25.94
CA ARG B 345 0.93 -31.63 26.12
C ARG B 345 0.80 -32.62 27.29
N THR B 346 0.17 -32.19 28.37
CA THR B 346 0.03 -33.06 29.54
C THR B 346 -0.84 -34.27 29.21
N ALA B 347 -2.00 -34.04 28.60
CA ALA B 347 -2.89 -35.13 28.25
C ALA B 347 -2.15 -36.23 27.50
N VAL B 348 -1.44 -35.85 26.44
CA VAL B 348 -0.67 -36.82 25.66
C VAL B 348 0.26 -37.59 26.57
N ILE B 349 0.94 -36.91 27.48
CA ILE B 349 1.91 -37.57 28.35
C ILE B 349 1.21 -38.54 29.30
N ASN B 350 0.21 -38.04 30.03
CA ASN B 350 -0.47 -38.89 31.00
C ASN B 350 -1.11 -40.10 30.30
N ALA B 351 -1.81 -39.85 29.20
CA ALA B 351 -2.46 -40.93 28.47
C ALA B 351 -1.45 -41.97 28.02
N ALA B 352 -0.37 -41.54 27.38
CA ALA B 352 0.62 -42.46 26.86
C ALA B 352 1.27 -43.26 27.99
N SER B 353 1.61 -42.60 29.10
CA SER B 353 2.25 -43.29 30.20
C SER B 353 1.30 -44.25 30.89
N GLY B 354 0.01 -43.93 30.89
CA GLY B 354 -0.97 -44.69 31.62
C GLY B 354 -1.41 -44.08 32.94
N ARG B 355 -1.01 -42.84 33.22
CA ARG B 355 -1.42 -42.20 34.46
C ARG B 355 -2.93 -41.98 34.50
N GLN B 356 -3.52 -41.59 33.37
CA GLN B 356 -4.94 -41.33 33.28
C GLN B 356 -5.50 -41.90 31.99
N THR B 357 -6.82 -42.01 31.93
CA THR B 357 -7.48 -42.56 30.75
C THR B 357 -7.54 -41.52 29.64
N VAL B 358 -7.55 -42.01 28.41
CA VAL B 358 -7.66 -41.12 27.24
C VAL B 358 -8.81 -40.14 27.44
N ASP B 359 -9.96 -40.64 27.90
CA ASP B 359 -11.10 -39.76 28.10
C ASP B 359 -10.85 -38.81 29.27
N ALA B 360 -10.24 -39.31 30.35
CA ALA B 360 -9.95 -38.45 31.48
C ALA B 360 -8.96 -37.36 31.10
N ALA B 361 -7.95 -37.71 30.31
CA ALA B 361 -6.95 -36.72 29.90
C ALA B 361 -7.57 -35.68 28.98
N LEU B 362 -8.07 -36.11 27.83
CA LEU B 362 -8.67 -35.16 26.88
C LEU B 362 -9.81 -34.38 27.52
N ALA B 363 -10.49 -34.97 28.49
CA ALA B 363 -11.47 -34.19 29.25
C ALA B 363 -10.79 -33.15 30.10
N ALA B 364 -9.68 -33.52 30.75
CA ALA B 364 -8.94 -32.56 31.57
C ALA B 364 -8.44 -31.40 30.74
N ALA B 365 -7.73 -31.69 29.64
CA ALA B 365 -7.19 -30.63 28.79
C ALA B 365 -8.30 -29.70 28.30
N GLN B 366 -9.43 -30.27 27.87
CA GLN B 366 -10.54 -29.44 27.41
C GLN B 366 -10.90 -28.39 28.45
N THR B 367 -11.05 -28.81 29.71
CA THR B 367 -11.42 -27.87 30.76
C THR B 367 -10.34 -26.83 31.00
N ASN B 368 -9.09 -27.27 31.16
CA ASN B 368 -8.01 -26.34 31.47
C ASN B 368 -7.81 -25.33 30.35
N ALA B 369 -7.79 -25.81 29.11
CA ALA B 369 -7.56 -24.92 27.97
C ALA B 369 -8.59 -23.80 27.93
N ALA B 370 -9.87 -24.16 27.93
CA ALA B 370 -10.91 -23.12 27.83
C ALA B 370 -10.87 -22.18 29.01
N ALA B 371 -10.50 -22.67 30.20
CA ALA B 371 -10.49 -21.82 31.39
C ALA B 371 -9.29 -20.89 31.38
N ALA B 372 -8.09 -21.43 31.19
CA ALA B 372 -6.90 -20.60 31.13
C ALA B 372 -6.95 -19.63 29.96
N ALA B 373 -7.52 -20.05 28.84
CA ALA B 373 -7.66 -19.17 27.68
C ALA B 373 -8.44 -17.91 28.02
N GLN B 374 -9.28 -17.95 29.06
CA GLN B 374 -10.03 -16.77 29.49
C GLN B 374 -9.17 -15.77 30.25
N LEU B 375 -8.02 -16.21 30.77
CA LEU B 375 -7.20 -15.33 31.60
C LEU B 375 -6.65 -14.15 30.81
N TYR B 376 -6.43 -14.32 29.51
CA TYR B 376 -5.84 -13.27 28.71
C TYR B 376 -6.76 -12.07 28.54
N ASP B 377 -8.07 -12.26 28.70
CA ASP B 377 -9.02 -11.16 28.55
C ASP B 377 -8.98 -10.19 29.73
N VAL B 378 -8.32 -10.54 30.83
CA VAL B 378 -8.19 -9.67 31.98
C VAL B 378 -6.75 -9.34 32.33
N MET B 379 -5.79 -9.82 31.52
CA MET B 379 -4.38 -9.52 31.77
C MET B 379 -4.17 -8.04 32.05
N ASP B 380 -4.81 -7.17 31.27
CA ASP B 380 -4.60 -5.74 31.39
C ASP B 380 -5.57 -5.07 32.35
N ALA B 381 -6.63 -5.76 32.76
CA ALA B 381 -7.64 -5.17 33.63
C ALA B 381 -7.30 -5.28 35.11
N VAL B 382 -6.80 -6.44 35.54
CA VAL B 382 -6.47 -6.64 36.95
C VAL B 382 -5.51 -5.55 37.40
N PRO B 383 -5.89 -4.68 38.35
CA PRO B 383 -5.01 -3.56 38.70
C PRO B 383 -3.62 -4.02 39.11
N ALA B 384 -2.65 -3.13 38.89
CA ALA B 384 -1.26 -3.44 39.16
C ALA B 384 -1.06 -3.85 40.61
N ARG B 385 -0.06 -4.71 40.83
CA ARG B 385 0.33 -5.22 42.14
C ARG B 385 -0.63 -6.25 42.71
N ARG B 386 -1.63 -6.69 41.93
CA ARG B 386 -2.67 -7.55 42.47
C ARG B 386 -2.90 -8.77 41.60
N TRP B 387 -1.91 -9.20 40.82
CA TRP B 387 -2.06 -10.44 40.07
C TRP B 387 -1.97 -11.66 40.99
N LYS B 388 -1.15 -11.58 42.04
CA LYS B 388 -0.99 -12.71 42.94
C LYS B 388 -2.26 -12.98 43.72
N GLU B 389 -2.80 -11.95 44.37
CA GLU B 389 -4.03 -12.12 45.14
C GLU B 389 -5.14 -12.65 44.26
N PHE B 390 -5.21 -12.14 43.03
CA PHE B 390 -6.20 -12.59 42.06
C PHE B 390 -6.11 -14.09 41.86
N VAL B 391 -4.96 -14.57 41.40
CA VAL B 391 -4.81 -15.98 41.06
C VAL B 391 -5.00 -16.86 42.29
N ARG B 392 -4.60 -16.37 43.47
CA ARG B 392 -4.87 -17.10 44.70
C ARG B 392 -6.37 -17.19 44.97
N THR B 393 -7.07 -16.07 44.82
CA THR B 393 -8.51 -16.07 45.05
C THR B 393 -9.21 -17.06 44.14
N LEU B 394 -8.73 -17.21 42.90
CA LEU B 394 -9.36 -18.11 41.96
C LEU B 394 -9.10 -19.57 42.31
N GLY B 395 -7.88 -19.88 42.75
CA GLY B 395 -7.54 -21.22 43.13
C GLY B 395 -7.84 -22.26 42.06
N LEU B 396 -7.28 -22.07 40.87
CA LEU B 396 -7.41 -23.09 39.83
C LEU B 396 -6.49 -24.28 40.11
N ARG B 397 -5.25 -24.00 40.52
CA ARG B 397 -4.33 -25.01 41.03
C ARG B 397 -3.85 -26.01 39.98
N GLU B 398 -4.46 -26.03 38.80
CA GLU B 398 -4.02 -26.95 37.76
C GLU B 398 -2.72 -26.37 37.22
N ALA B 399 -1.72 -27.24 37.03
CA ALA B 399 -0.39 -26.76 36.66
C ALA B 399 -0.46 -26.05 35.32
N GLU B 400 -1.00 -26.72 34.30
CA GLU B 400 -1.06 -26.12 32.96
C GLU B 400 -1.80 -24.79 32.99
N ILE B 401 -2.81 -24.65 33.84
CA ILE B 401 -3.48 -23.36 33.99
C ILE B 401 -2.54 -22.35 34.63
N GLU B 402 -1.89 -22.75 35.73
CA GLU B 402 -0.97 -21.85 36.40
C GLU B 402 0.15 -21.42 35.47
N ALA B 403 0.60 -22.31 34.59
CA ALA B 403 1.60 -21.92 33.59
C ALA B 403 1.16 -20.68 32.84
N VAL B 404 -0.12 -20.62 32.46
CA VAL B 404 -0.65 -19.40 31.85
C VAL B 404 -0.58 -18.24 32.84
N GLU B 405 -0.93 -18.50 34.10
CA GLU B 405 -0.86 -17.45 35.10
C GLU B 405 0.56 -16.92 35.26
N VAL B 406 1.56 -17.81 35.17
CA VAL B 406 2.96 -17.38 35.26
C VAL B 406 3.32 -16.55 34.05
N GLU B 407 3.00 -17.04 32.85
CA GLU B 407 3.24 -16.28 31.64
C GLU B 407 2.69 -14.86 31.78
N ILE B 408 1.37 -14.75 31.97
CA ILE B 408 0.72 -13.44 32.01
C ILE B 408 1.40 -12.54 33.03
N GLY B 409 1.73 -13.07 34.21
CA GLY B 409 2.44 -12.27 35.20
C GLY B 409 3.75 -11.72 34.67
N ARG B 410 4.43 -12.50 33.83
CA ARG B 410 5.68 -12.02 33.23
C ARG B 410 5.41 -10.90 32.24
N PHE B 411 4.42 -11.07 31.36
CA PHE B 411 4.00 -9.98 30.48
C PHE B 411 3.72 -8.73 31.28
N ARG B 412 2.95 -8.86 32.37
CA ARG B 412 2.60 -7.69 33.17
C ARG B 412 3.84 -6.97 33.66
N ASP B 413 4.85 -7.72 34.09
CA ASP B 413 6.08 -7.10 34.57
C ASP B 413 6.85 -6.46 33.42
N GLN B 414 6.98 -7.15 32.28
CA GLN B 414 7.68 -6.57 31.13
C GLN B 414 7.01 -5.29 30.65
N GLN B 415 5.72 -5.12 30.94
CA GLN B 415 5.07 -3.86 30.63
C GLN B 415 5.50 -2.78 31.60
N TYR B 416 5.67 -3.12 32.88
CA TYR B 416 6.15 -2.16 33.85
C TYR B 416 7.57 -1.70 33.50
N GLU B 417 8.43 -2.63 33.10
CA GLU B 417 9.78 -2.25 32.71
C GLU B 417 9.77 -1.41 31.45
N MET B 418 8.96 -1.79 30.47
CA MET B 418 8.80 -0.96 29.28
C MET B 418 8.42 0.46 29.69
N LEU B 419 7.54 0.58 30.68
CA LEU B 419 7.18 1.91 31.20
C LEU B 419 8.40 2.61 31.79
N LYS B 420 9.23 1.88 32.55
CA LYS B 420 10.47 2.47 33.04
C LYS B 420 11.28 3.06 31.90
N ARG B 421 11.47 2.29 30.84
CA ARG B 421 12.24 2.78 29.70
C ARG B 421 11.57 4.02 29.08
N TRP B 422 10.27 3.93 28.85
CA TRP B 422 9.54 5.05 28.28
C TRP B 422 9.71 6.31 29.13
N ARG B 423 9.49 6.19 30.44
CA ARG B 423 9.64 7.36 31.31
C ARG B 423 11.08 7.88 31.27
N GLN B 424 12.05 7.00 31.15
CA GLN B 424 13.43 7.40 30.92
C GLN B 424 13.69 7.82 29.48
N GLN B 425 12.65 7.80 28.63
CA GLN B 425 12.78 8.15 27.21
C GLN B 425 13.83 7.27 26.53
N GLN B 426 13.82 5.99 26.87
CA GLN B 426 14.56 4.95 26.16
C GLN B 426 13.62 4.19 25.25
N PRO B 427 14.16 3.39 24.32
CA PRO B 427 13.29 2.65 23.40
C PRO B 427 12.27 1.81 24.15
N ALA B 428 11.03 1.84 23.66
CA ALA B 428 9.95 1.16 24.36
C ALA B 428 8.79 0.98 23.40
N GLY B 429 7.87 0.10 23.80
CA GLY B 429 6.64 -0.13 23.07
C GLY B 429 5.48 0.60 23.71
N LEU B 430 4.94 1.59 23.00
CA LEU B 430 3.88 2.42 23.56
C LEU B 430 2.69 1.58 23.98
N GLY B 431 2.41 0.48 23.29
CA GLY B 431 1.32 -0.38 23.70
C GLY B 431 1.54 -0.94 25.08
N ALA B 432 2.70 -1.56 25.30
CA ALA B 432 3.03 -2.07 26.63
C ALA B 432 2.97 -0.96 27.66
N VAL B 433 3.43 0.24 27.29
CA VAL B 433 3.35 1.39 28.19
C VAL B 433 1.91 1.62 28.61
N TYR B 434 1.04 1.93 27.64
CA TYR B 434 -0.34 2.26 27.95
C TYR B 434 -1.02 1.11 28.69
N ALA B 435 -0.70 -0.13 28.31
CA ALA B 435 -1.23 -1.27 29.04
C ALA B 435 -0.91 -1.17 30.52
N ALA B 436 0.27 -0.65 30.86
CA ALA B 436 0.70 -0.57 32.25
C ALA B 436 -0.02 0.56 32.98
N LEU B 437 -0.01 1.77 32.40
CA LEU B 437 -0.64 2.90 33.06
C LEU B 437 -2.11 2.63 33.32
N GLU B 438 -2.82 2.13 32.32
CA GLU B 438 -4.27 2.01 32.39
C GLU B 438 -4.74 1.01 33.43
N ARG B 439 -3.82 0.32 34.10
CA ARG B 439 -4.15 -0.50 35.26
C ARG B 439 -3.55 0.04 36.54
N MET B 440 -2.94 1.23 36.49
CA MET B 440 -2.37 1.89 37.66
C MET B 440 -3.30 2.96 38.21
N GLY B 441 -4.60 2.75 38.11
CA GLY B 441 -5.57 3.69 38.66
C GLY B 441 -5.61 4.99 37.89
N LEU B 442 -6.42 5.91 38.42
CA LEU B 442 -6.56 7.24 37.82
C LEU B 442 -5.20 7.83 37.49
N ASP B 443 -4.29 7.84 38.46
CA ASP B 443 -2.98 8.44 38.25
C ASP B 443 -2.29 7.86 37.02
N GLY B 444 -2.59 6.61 36.67
CA GLY B 444 -2.04 6.01 35.48
C GLY B 444 -2.75 6.48 34.23
N CYS B 445 -4.08 6.53 34.28
CA CYS B 445 -4.84 6.95 33.11
C CYS B 445 -4.54 8.39 32.73
N VAL B 446 -4.30 9.26 33.72
CA VAL B 446 -4.01 10.66 33.41
C VAL B 446 -2.68 10.77 32.68
N GLU B 447 -1.64 10.11 33.20
CA GLU B 447 -0.36 10.10 32.51
C GLU B 447 -0.50 9.50 31.12
N ASP B 448 -1.35 8.48 31.00
CA ASP B 448 -1.56 7.83 29.71
C ASP B 448 -2.18 8.81 28.72
N LEU B 449 -3.31 9.42 29.08
CA LEU B 449 -4.03 10.26 28.14
C LEU B 449 -3.28 11.55 27.84
N ARG B 450 -2.66 12.14 28.85
CA ARG B 450 -1.79 13.29 28.59
C ARG B 450 -0.75 12.95 27.54
N SER B 451 -0.05 11.82 27.72
CA SER B 451 0.89 11.35 26.70
C SER B 451 0.19 11.14 25.38
N ARG B 452 -1.07 10.68 25.41
CA ARG B 452 -1.82 10.53 24.16
C ARG B 452 -2.07 11.88 23.51
N LEU B 453 -2.29 12.92 24.31
CA LEU B 453 -2.59 14.24 23.75
C LEU B 453 -1.34 14.97 23.29
N GLN B 454 -0.19 14.72 23.93
CA GLN B 454 1.06 15.25 23.43
C GLN B 454 1.46 14.57 22.14
N ARG B 455 1.66 13.25 22.19
CA ARG B 455 2.12 12.48 21.04
C ARG B 455 1.30 12.76 19.78
N LEU B 456 0.07 13.25 19.94
CA LEU B 456 -0.79 13.56 18.79
C LEU B 456 -0.12 14.58 17.86
N MET C 1 45.62 24.03 -14.69
CA MET C 1 45.49 23.50 -16.08
C MET C 1 44.03 23.50 -16.53
N LYS C 2 43.75 24.21 -17.62
CA LYS C 2 42.42 24.22 -18.19
C LYS C 2 42.14 22.90 -18.91
N ILE C 3 40.85 22.55 -18.99
CA ILE C 3 40.47 21.34 -19.70
C ILE C 3 40.73 21.52 -21.19
N GLU C 4 41.22 20.47 -21.84
CA GLU C 4 41.35 20.45 -23.28
C GLU C 4 41.25 19.00 -23.73
N GLU C 5 40.92 18.82 -25.01
CA GLU C 5 40.80 17.48 -25.57
C GLU C 5 42.07 16.67 -25.30
N GLY C 6 41.99 15.70 -24.39
CA GLY C 6 43.09 14.77 -24.19
C GLY C 6 43.61 14.65 -22.77
N LYS C 7 42.85 15.12 -21.78
CA LYS C 7 43.24 14.94 -20.38
C LYS C 7 42.00 15.09 -19.51
N LEU C 8 42.18 14.88 -18.20
CA LEU C 8 41.08 14.87 -17.25
C LEU C 8 41.30 15.91 -16.16
N VAL C 9 40.29 16.73 -15.94
CA VAL C 9 40.27 17.71 -14.85
C VAL C 9 39.24 17.26 -13.83
N ILE C 10 39.66 17.13 -12.58
CA ILE C 10 38.82 16.55 -11.52
C ILE C 10 38.59 17.59 -10.44
N TRP C 11 37.34 17.75 -10.04
CA TRP C 11 36.95 18.63 -8.95
C TRP C 11 36.43 17.81 -7.78
N ILE C 12 36.89 18.14 -6.58
CA ILE C 12 36.45 17.43 -5.38
C ILE C 12 36.50 18.41 -4.21
N ASN C 13 35.67 18.16 -3.21
CA ASN C 13 35.55 19.09 -2.09
C ASN C 13 36.88 19.18 -1.34
N GLY C 14 37.14 20.36 -0.78
CA GLY C 14 38.40 20.63 -0.10
C GLY C 14 38.55 19.90 1.22
N ASP C 15 37.46 19.40 1.79
CA ASP C 15 37.54 18.61 3.02
C ASP C 15 37.85 17.14 2.75
N LYS C 16 37.87 16.73 1.49
CA LYS C 16 38.18 15.35 1.12
C LYS C 16 39.68 15.21 0.84
N GLY C 17 40.10 13.99 0.55
CA GLY C 17 41.50 13.68 0.34
C GLY C 17 41.93 13.87 -1.10
N TYR C 18 41.88 15.12 -1.56
CA TYR C 18 42.28 15.40 -2.94
C TYR C 18 43.73 15.00 -3.19
N ASN C 19 44.60 15.21 -2.20
CA ASN C 19 45.97 14.73 -2.33
C ASN C 19 45.99 13.22 -2.55
N GLY C 20 45.37 12.46 -1.66
CA GLY C 20 45.22 11.04 -1.89
C GLY C 20 44.63 10.75 -3.26
N LEU C 21 43.72 11.62 -3.72
CA LEU C 21 43.24 11.51 -5.09
C LEU C 21 44.32 11.91 -6.09
N ALA C 22 45.05 12.99 -5.81
CA ALA C 22 46.09 13.48 -6.71
C ALA C 22 47.01 12.36 -7.16
N GLU C 23 47.20 11.36 -6.32
CA GLU C 23 48.23 10.35 -6.53
C GLU C 23 47.66 9.09 -7.16
N VAL C 24 46.38 9.06 -7.46
CA VAL C 24 45.79 8.02 -8.28
C VAL C 24 45.84 8.40 -9.75
N GLY C 25 45.88 9.70 -10.06
CA GLY C 25 46.12 10.14 -11.42
C GLY C 25 47.57 9.96 -11.81
N LYS C 26 48.49 10.31 -10.91
CA LYS C 26 49.91 10.05 -11.15
C LYS C 26 50.13 8.62 -11.63
N LYS C 27 49.61 7.65 -10.88
CA LYS C 27 49.69 6.26 -11.32
C LYS C 27 48.99 6.08 -12.67
N PHE C 28 47.89 6.80 -12.89
CA PHE C 28 47.21 6.76 -14.18
C PHE C 28 48.07 7.42 -15.25
N GLU C 29 48.63 8.58 -14.95
CA GLU C 29 49.49 9.27 -15.91
C GLU C 29 50.70 8.43 -16.27
N LYS C 30 51.32 7.79 -15.28
CA LYS C 30 52.44 6.90 -15.56
C LYS C 30 52.01 5.69 -16.37
N ASP C 31 50.76 5.24 -16.19
CA ASP C 31 50.26 4.10 -16.96
C ASP C 31 49.77 4.53 -18.35
N THR C 32 49.22 5.72 -18.48
CA THR C 32 48.62 6.17 -19.73
C THR C 32 49.30 7.40 -20.34
N GLY C 33 50.21 8.05 -19.61
CA GLY C 33 50.83 9.26 -20.10
C GLY C 33 49.93 10.48 -20.14
N ILE C 34 48.69 10.35 -19.68
CA ILE C 34 47.73 11.45 -19.72
C ILE C 34 47.71 12.12 -18.36
N LYS C 35 47.88 13.44 -18.35
CA LYS C 35 47.99 14.17 -17.10
C LYS C 35 46.64 14.27 -16.41
N VAL C 36 46.66 14.18 -15.09
CA VAL C 36 45.48 14.37 -14.25
C VAL C 36 45.80 15.47 -13.25
N THR C 37 44.89 16.43 -13.14
CA THR C 37 45.03 17.53 -12.20
C THR C 37 43.76 17.64 -11.39
N VAL C 38 43.91 17.75 -10.06
CA VAL C 38 42.79 17.78 -9.14
C VAL C 38 42.73 19.16 -8.51
N GLU C 39 41.54 19.73 -8.44
CA GLU C 39 41.30 21.01 -7.79
C GLU C 39 40.22 20.85 -6.72
N HIS C 40 40.27 21.70 -5.70
CA HIS C 40 39.24 21.79 -4.68
C HIS C 40 38.77 23.23 -4.63
N PRO C 41 37.85 23.63 -5.52
CA PRO C 41 37.39 25.01 -5.54
C PRO C 41 36.36 25.29 -4.45
N ASP C 42 36.14 26.58 -4.21
CA ASP C 42 35.18 27.00 -3.21
C ASP C 42 33.75 26.80 -3.72
N LYS C 43 32.92 26.17 -2.91
CA LYS C 43 31.52 25.91 -3.27
C LYS C 43 31.43 25.33 -4.67
N LEU C 44 32.23 24.30 -4.92
CA LEU C 44 32.31 23.73 -6.26
C LEU C 44 30.95 23.22 -6.74
N GLU C 45 30.11 22.74 -5.82
CA GLU C 45 28.80 22.27 -6.22
C GLU C 45 27.94 23.38 -6.79
N GLU C 46 28.27 24.63 -6.48
CA GLU C 46 27.60 25.78 -7.09
C GLU C 46 28.33 26.30 -8.32
N LYS C 47 29.63 26.01 -8.45
CA LYS C 47 30.37 26.41 -9.64
C LYS C 47 30.07 25.52 -10.83
N PHE C 48 29.81 24.24 -10.61
CA PHE C 48 29.52 23.35 -11.72
C PHE C 48 28.36 23.85 -12.57
N PRO C 49 27.18 24.17 -12.02
CA PRO C 49 26.10 24.69 -12.87
C PRO C 49 26.46 25.94 -13.64
N GLN C 50 27.56 26.61 -13.28
CA GLN C 50 27.98 27.83 -13.97
C GLN C 50 28.99 27.58 -15.07
N VAL C 51 29.68 26.44 -15.07
CA VAL C 51 30.82 26.25 -15.95
C VAL C 51 30.84 24.86 -16.56
N ALA C 52 29.81 24.06 -16.26
CA ALA C 52 29.79 22.67 -16.71
C ALA C 52 29.97 22.60 -18.22
N ALA C 53 29.01 23.14 -18.97
CA ALA C 53 29.02 23.05 -20.42
C ALA C 53 29.95 24.06 -21.09
N THR C 54 30.92 24.58 -20.34
CA THR C 54 31.95 25.45 -20.88
C THR C 54 33.30 24.74 -20.77
N GLY C 55 34.28 25.23 -21.51
CA GLY C 55 35.64 24.77 -21.36
C GLY C 55 36.25 25.17 -20.04
N ASP C 56 35.45 25.73 -19.15
CA ASP C 56 35.86 26.03 -17.78
C ASP C 56 35.46 24.95 -16.79
N GLY C 57 34.75 23.91 -17.24
CA GLY C 57 34.26 22.88 -16.36
C GLY C 57 35.16 21.66 -16.31
N PRO C 58 35.06 20.87 -15.25
CA PRO C 58 35.91 19.69 -15.11
C PRO C 58 35.35 18.51 -15.89
N ASP C 59 36.21 17.50 -16.04
CA ASP C 59 35.74 16.23 -16.57
C ASP C 59 35.07 15.40 -15.48
N ILE C 60 35.70 15.31 -14.32
CA ILE C 60 35.15 14.59 -13.17
C ILE C 60 34.80 15.61 -12.10
N ILE C 61 33.62 15.45 -11.51
CA ILE C 61 33.20 16.25 -10.37
C ILE C 61 32.76 15.30 -9.25
N PHE C 62 33.14 15.62 -8.03
CA PHE C 62 32.86 14.79 -6.87
C PHE C 62 31.93 15.53 -5.92
N TRP C 63 30.86 14.85 -5.52
CA TRP C 63 29.98 15.36 -4.48
C TRP C 63 29.02 14.26 -4.07
N ALA C 64 28.40 14.44 -2.91
CA ALA C 64 27.32 13.55 -2.48
C ALA C 64 26.27 13.42 -3.57
N HIS C 65 25.45 12.37 -3.50
CA HIS C 65 24.52 12.06 -4.58
C HIS C 65 23.32 13.00 -4.62
N ASP C 66 23.08 13.79 -3.57
CA ASP C 66 21.87 14.61 -3.53
C ASP C 66 21.91 15.69 -4.61
N ARG C 67 23.10 16.10 -5.06
CA ARG C 67 23.21 17.18 -6.03
C ARG C 67 23.14 16.70 -7.48
N PHE C 68 23.32 15.41 -7.73
CA PHE C 68 23.48 14.93 -9.10
C PHE C 68 22.16 14.84 -9.85
N GLY C 69 21.06 14.56 -9.16
CA GLY C 69 19.78 14.51 -9.84
C GLY C 69 19.47 15.81 -10.56
N GLY C 70 19.70 16.93 -9.89
CA GLY C 70 19.63 18.21 -10.58
C GLY C 70 20.61 18.31 -11.73
N TYR C 71 21.84 17.83 -11.51
CA TYR C 71 22.83 17.81 -12.58
C TYR C 71 22.33 16.96 -13.74
N ALA C 72 21.90 15.74 -13.45
CA ALA C 72 21.41 14.86 -14.51
C ALA C 72 20.14 15.40 -15.15
N GLN C 73 19.21 15.89 -14.33
CA GLN C 73 17.95 16.41 -14.86
C GLN C 73 18.19 17.44 -15.94
N SER C 74 19.26 18.22 -15.83
CA SER C 74 19.58 19.26 -16.80
C SER C 74 20.39 18.74 -17.98
N GLY C 75 20.61 17.43 -18.06
CA GLY C 75 21.44 16.90 -19.12
C GLY C 75 22.90 17.24 -19.00
N LEU C 76 23.37 17.56 -17.79
CA LEU C 76 24.75 17.95 -17.56
C LEU C 76 25.68 16.77 -17.31
N LEU C 77 25.18 15.55 -17.32
CA LEU C 77 25.97 14.37 -16.98
C LEU C 77 25.82 13.30 -18.03
N ALA C 78 26.89 12.53 -18.22
CA ALA C 78 26.88 11.40 -19.14
C ALA C 78 26.45 10.14 -18.41
N GLU C 79 25.74 9.27 -19.11
CA GLU C 79 25.27 8.04 -18.51
C GLU C 79 26.45 7.09 -18.29
N ILE C 80 26.61 6.64 -17.05
CA ILE C 80 27.65 5.69 -16.70
C ILE C 80 27.15 4.30 -17.08
N THR C 81 27.91 3.60 -17.93
CA THR C 81 27.49 2.32 -18.50
C THR C 81 28.60 1.29 -18.33
N PRO C 82 28.73 0.73 -17.13
CA PRO C 82 29.74 -0.29 -16.88
C PRO C 82 29.16 -1.70 -17.06
N ALA C 83 30.06 -2.67 -17.16
CA ALA C 83 29.64 -4.05 -17.37
C ALA C 83 28.94 -4.60 -16.13
N ALA C 84 28.18 -5.67 -16.35
CA ALA C 84 27.47 -6.31 -15.23
C ALA C 84 28.45 -6.76 -14.15
N ALA C 85 29.64 -7.21 -14.56
CA ALA C 85 30.64 -7.62 -13.58
C ALA C 85 31.05 -6.46 -12.70
N PHE C 86 31.31 -5.30 -13.29
CA PHE C 86 31.79 -4.15 -12.52
C PHE C 86 30.70 -3.62 -11.59
N GLN C 87 29.45 -3.57 -12.06
CA GLN C 87 28.37 -3.17 -11.17
C GLN C 87 28.29 -4.07 -9.95
N ASP C 88 28.44 -5.39 -10.16
CA ASP C 88 28.38 -6.34 -9.06
C ASP C 88 29.56 -6.23 -8.11
N LYS C 89 30.57 -5.42 -8.45
CA LYS C 89 31.67 -5.17 -7.54
C LYS C 89 31.32 -4.16 -6.45
N LEU C 90 30.25 -3.40 -6.64
CA LEU C 90 29.81 -2.39 -5.67
C LEU C 90 28.41 -2.73 -5.18
N TYR C 91 28.12 -2.30 -3.95
CA TYR C 91 26.87 -2.68 -3.32
C TYR C 91 25.69 -2.17 -4.14
N PRO C 92 24.56 -2.87 -4.12
CA PRO C 92 23.43 -2.43 -4.95
C PRO C 92 22.90 -1.06 -4.56
N PHE C 93 22.59 -0.86 -3.29
CA PHE C 93 22.00 0.40 -2.84
C PHE C 93 22.88 1.60 -3.13
N THR C 94 24.19 1.39 -3.33
CA THR C 94 25.05 2.49 -3.73
C THR C 94 24.79 2.88 -5.17
N TRP C 95 24.55 1.90 -6.04
CA TRP C 95 24.14 2.20 -7.40
C TRP C 95 22.77 2.87 -7.42
N ASP C 96 21.90 2.55 -6.47
CA ASP C 96 20.61 3.22 -6.38
C ASP C 96 20.79 4.72 -6.24
N ALA C 97 21.70 5.13 -5.35
CA ALA C 97 21.87 6.55 -5.07
C ALA C 97 22.24 7.34 -6.32
N VAL C 98 22.94 6.72 -7.27
CA VAL C 98 23.36 7.38 -8.50
C VAL C 98 22.44 7.03 -9.66
N ARG C 99 21.26 6.49 -9.39
CA ARG C 99 20.29 6.17 -10.42
C ARG C 99 19.20 7.24 -10.41
N TYR C 100 18.93 7.82 -11.58
CA TYR C 100 17.94 8.87 -11.72
C TYR C 100 17.15 8.62 -13.00
N ASN C 101 15.84 8.44 -12.86
CA ASN C 101 14.99 8.12 -14.02
C ASN C 101 15.50 6.90 -14.76
N GLY C 102 16.02 5.93 -14.01
CA GLY C 102 16.45 4.68 -14.58
C GLY C 102 17.82 4.67 -15.21
N LYS C 103 18.59 5.75 -15.06
CA LYS C 103 19.94 5.82 -15.61
C LYS C 103 20.93 6.08 -14.48
N LEU C 104 22.09 5.42 -14.58
CA LEU C 104 23.17 5.66 -13.63
C LEU C 104 23.93 6.90 -14.05
N ILE C 105 23.97 7.90 -13.17
CA ILE C 105 24.47 9.22 -13.52
C ILE C 105 25.79 9.52 -12.81
N ALA C 106 26.42 8.52 -12.21
CA ALA C 106 27.68 8.76 -11.52
C ALA C 106 28.22 7.41 -11.03
N TYR C 107 29.47 7.43 -10.59
CA TYR C 107 30.09 6.27 -9.96
C TYR C 107 30.04 6.46 -8.45
N PRO C 108 29.37 5.59 -7.70
CA PRO C 108 29.37 5.73 -6.24
C PRO C 108 30.74 5.33 -5.68
N ILE C 109 31.30 6.19 -4.84
CA ILE C 109 32.64 6.00 -4.32
C ILE C 109 32.55 5.46 -2.90
N ALA C 110 32.03 6.27 -1.98
CA ALA C 110 31.96 5.90 -0.58
C ALA C 110 30.68 6.45 0.03
N VAL C 111 30.23 5.80 1.09
CA VAL C 111 29.04 6.19 1.82
C VAL C 111 29.46 6.99 3.04
N GLU C 112 28.80 8.11 3.28
CA GLU C 112 29.14 9.03 4.35
C GLU C 112 27.96 9.20 5.29
N ALA C 113 28.20 9.00 6.58
CA ALA C 113 27.18 9.18 7.61
C ALA C 113 27.82 9.85 8.81
N LEU C 114 27.10 10.80 9.40
CA LEU C 114 27.60 11.48 10.59
C LEU C 114 27.57 10.54 11.79
N SER C 115 28.55 10.69 12.66
CA SER C 115 28.60 9.95 13.91
C SER C 115 29.11 10.88 15.00
N LEU C 116 28.77 10.56 16.24
CA LEU C 116 29.25 11.35 17.36
C LEU C 116 30.65 10.90 17.74
N ILE C 117 31.54 11.87 17.92
CA ILE C 117 32.93 11.62 18.28
C ILE C 117 33.16 12.22 19.66
N TYR C 118 33.73 11.43 20.57
CA TYR C 118 33.87 11.83 21.96
C TYR C 118 35.32 11.74 22.40
N ASN C 119 35.75 12.73 23.17
CA ASN C 119 37.07 12.72 23.78
C ASN C 119 37.03 11.85 25.02
N LYS C 120 37.70 10.70 24.96
CA LYS C 120 37.65 9.77 26.07
C LYS C 120 38.25 10.35 27.34
N ASP C 121 39.20 11.29 27.19
CA ASP C 121 39.88 11.84 28.36
C ASP C 121 38.91 12.61 29.25
N LEU C 122 37.92 13.26 28.67
CA LEU C 122 36.93 14.02 29.44
C LEU C 122 35.66 13.23 29.71
N LEU C 123 35.48 12.10 29.04
CA LEU C 123 34.30 11.27 29.25
C LEU C 123 34.59 9.87 28.73
N PRO C 124 34.55 8.83 29.58
CA PRO C 124 34.70 7.47 29.06
C PRO C 124 33.38 6.91 28.50
N ASN C 125 32.28 7.21 29.18
CA ASN C 125 30.98 6.63 28.86
C ASN C 125 30.08 7.67 28.20
N PRO C 126 29.97 7.69 26.87
CA PRO C 126 29.17 8.73 26.22
C PRO C 126 27.69 8.51 26.43
N PRO C 127 26.89 9.57 26.43
CA PRO C 127 25.44 9.41 26.57
C PRO C 127 24.85 8.76 25.33
N LYS C 128 23.87 7.90 25.55
CA LYS C 128 23.17 7.22 24.47
C LYS C 128 21.94 7.99 24.00
N THR C 129 21.60 9.09 24.68
CA THR C 129 20.44 9.88 24.32
C THR C 129 20.81 11.36 24.29
N TRP C 130 19.99 12.14 23.59
CA TRP C 130 20.17 13.58 23.53
C TRP C 130 19.73 14.26 24.82
N GLU C 131 18.77 13.67 25.54
CA GLU C 131 18.25 14.28 26.75
C GLU C 131 19.25 14.29 27.90
N GLU C 132 20.30 13.48 27.81
CA GLU C 132 21.34 13.49 28.86
C GLU C 132 22.26 14.68 28.72
N ILE C 133 22.47 15.18 27.51
CA ILE C 133 23.50 16.18 27.27
C ILE C 133 23.40 17.36 28.23
N PRO C 134 22.24 17.99 28.43
CA PRO C 134 22.19 19.12 29.36
C PRO C 134 22.84 18.82 30.70
N ALA C 135 22.67 17.60 31.22
CA ALA C 135 23.27 17.25 32.50
C ALA C 135 24.77 17.05 32.38
N LEU C 136 25.25 16.54 31.25
CA LEU C 136 26.68 16.33 31.08
C LEU C 136 27.44 17.65 30.93
N ASP C 137 26.82 18.65 30.30
CA ASP C 137 27.54 19.88 29.99
C ASP C 137 27.96 20.62 31.24
N LYS C 138 27.06 20.72 32.23
CA LYS C 138 27.39 21.45 33.44
C LYS C 138 28.62 20.84 34.12
N GLU C 139 28.70 19.51 34.18
CA GLU C 139 29.85 18.86 34.78
C GLU C 139 31.12 19.19 34.01
N LEU C 140 31.05 19.21 32.68
CA LEU C 140 32.20 19.55 31.86
C LEU C 140 32.47 21.04 31.87
N LYS C 141 31.42 21.87 32.03
CA LYS C 141 31.62 23.30 32.19
C LYS C 141 32.31 23.61 33.51
N ALA C 142 32.09 22.78 34.53
CA ALA C 142 32.75 22.99 35.82
C ALA C 142 34.26 22.91 35.69
N LYS C 143 34.75 22.11 34.75
CA LYS C 143 36.18 22.06 34.43
C LYS C 143 36.63 23.24 33.59
N GLY C 144 35.69 24.03 33.05
CA GLY C 144 36.01 25.06 32.09
C GLY C 144 35.85 24.65 30.65
N LYS C 145 35.27 23.49 30.39
CA LYS C 145 35.08 22.95 29.05
C LYS C 145 33.63 23.13 28.61
N SER C 146 33.22 22.41 27.58
CA SER C 146 31.82 22.34 27.18
C SER C 146 31.56 20.98 26.59
N ALA C 147 30.29 20.56 26.60
CA ALA C 147 29.95 19.21 26.18
C ALA C 147 30.15 19.03 24.68
N LEU C 148 29.62 19.94 23.87
CA LEU C 148 29.49 19.69 22.45
C LEU C 148 29.73 20.97 21.66
N MET C 149 30.37 20.81 20.50
CA MET C 149 30.46 21.86 19.49
C MET C 149 30.49 21.17 18.13
N PHE C 150 29.56 21.52 17.25
CA PHE C 150 29.58 21.02 15.89
C PHE C 150 28.93 22.03 14.97
N ASN C 151 29.32 22.01 13.71
CA ASN C 151 28.93 23.04 12.76
C ASN C 151 27.41 23.16 12.71
N LEU C 152 26.91 24.35 13.08
CA LEU C 152 25.49 24.67 12.96
C LEU C 152 25.21 25.61 11.80
N GLN C 153 26.25 26.10 11.12
CA GLN C 153 26.05 26.94 9.95
C GLN C 153 25.41 26.15 8.81
N GLU C 154 25.78 24.87 8.67
CA GLU C 154 25.32 24.04 7.57
C GLU C 154 24.28 23.04 8.08
N PRO C 155 23.09 22.96 7.45
CA PRO C 155 22.04 22.08 7.99
C PRO C 155 22.36 20.60 7.91
N TYR C 156 23.45 20.22 7.26
CA TYR C 156 23.81 18.80 7.17
C TYR C 156 24.03 18.21 8.56
N PHE C 157 24.62 18.98 9.46
CA PHE C 157 24.99 18.49 10.78
C PHE C 157 23.85 18.58 11.80
N THR C 158 22.88 19.45 11.57
CA THR C 158 21.81 19.67 12.54
C THR C 158 20.57 18.83 12.26
N TRP C 159 20.38 18.40 11.02
CA TRP C 159 19.19 17.64 10.68
C TRP C 159 19.06 16.30 11.41
N PRO C 160 20.15 15.59 11.75
CA PRO C 160 19.98 14.25 12.35
C PRO C 160 19.01 14.20 13.51
N LEU C 161 18.90 15.26 14.32
CA LEU C 161 17.97 15.25 15.44
C LEU C 161 16.60 15.79 15.08
N ILE C 162 16.51 16.61 14.03
CA ILE C 162 15.20 17.06 13.58
C ILE C 162 14.41 15.89 13.02
N ALA C 163 15.06 15.07 12.19
CA ALA C 163 14.42 13.87 11.65
C ALA C 163 14.26 12.78 12.69
N ALA C 164 15.01 12.84 13.79
CA ALA C 164 14.99 11.76 14.78
C ALA C 164 13.57 11.41 15.20
N ASP C 165 12.72 12.41 15.36
CA ASP C 165 11.38 12.21 15.92
C ASP C 165 10.26 12.49 14.92
N GLY C 166 10.58 12.70 13.65
CA GLY C 166 9.53 12.76 12.63
C GLY C 166 9.82 13.62 11.41
N GLY C 167 10.90 14.39 11.43
CA GLY C 167 11.18 15.27 10.30
C GLY C 167 11.66 14.51 9.08
N TYR C 168 11.35 15.06 7.91
CA TYR C 168 11.85 14.54 6.65
C TYR C 168 11.87 15.66 5.62
N ALA C 169 12.53 15.38 4.49
CA ALA C 169 12.57 16.33 3.39
C ALA C 169 11.35 16.27 2.50
N PHE C 170 11.22 15.18 1.75
CA PHE C 170 10.08 14.97 0.87
C PHE C 170 9.57 13.56 1.13
N LYS C 171 8.27 13.44 1.39
CA LYS C 171 7.68 12.15 1.72
C LYS C 171 7.92 11.16 0.58
N TYR C 172 8.32 9.95 0.94
CA TYR C 172 8.56 8.87 0.00
C TYR C 172 7.42 7.86 0.11
N ALA C 173 7.01 7.32 -1.04
CA ALA C 173 5.87 6.42 -1.07
C ALA C 173 5.75 5.80 -2.45
N ALA C 174 5.34 4.53 -2.49
CA ALA C 174 5.14 3.81 -3.75
C ALA C 174 6.36 3.89 -4.66
N GLY C 175 7.54 4.12 -4.10
CA GLY C 175 8.76 4.18 -4.87
C GLY C 175 9.13 5.55 -5.38
N LYS C 176 8.52 6.62 -4.88
CA LYS C 176 8.86 7.96 -5.32
C LYS C 176 8.66 8.96 -4.19
N TYR C 177 9.22 10.15 -4.38
CA TYR C 177 9.11 11.23 -3.41
C TYR C 177 8.00 12.19 -3.82
N ASP C 178 7.29 12.72 -2.83
CA ASP C 178 6.24 13.70 -3.05
C ASP C 178 6.82 15.08 -2.71
N ILE C 179 7.22 15.82 -3.73
CA ILE C 179 7.79 17.15 -3.51
C ILE C 179 6.76 18.12 -2.97
N LYS C 180 5.48 17.74 -2.94
CA LYS C 180 4.45 18.51 -2.29
C LYS C 180 4.27 18.14 -0.83
N ASP C 181 4.95 17.10 -0.36
CA ASP C 181 4.83 16.63 1.00
C ASP C 181 6.17 16.88 1.68
N VAL C 182 6.34 18.08 2.23
CA VAL C 182 7.56 18.48 2.90
C VAL C 182 7.37 18.27 4.40
N GLY C 183 8.31 17.54 5.01
CA GLY C 183 8.21 17.22 6.41
C GLY C 183 9.16 18.01 7.28
N VAL C 184 9.37 19.29 6.94
CA VAL C 184 10.23 20.16 7.76
C VAL C 184 9.44 20.93 8.80
N ASP C 185 8.12 20.73 8.87
CA ASP C 185 7.29 21.48 9.80
C ASP C 185 6.35 20.57 10.58
N ASN C 186 6.55 19.25 10.54
CA ASN C 186 5.70 18.34 11.27
C ASN C 186 6.04 18.35 12.76
N ALA C 187 5.17 17.74 13.56
CA ALA C 187 5.37 17.71 15.00
C ALA C 187 6.76 17.18 15.35
N GLY C 188 7.14 16.05 14.76
CA GLY C 188 8.43 15.45 15.08
C GLY C 188 9.59 16.38 14.80
N ALA C 189 9.52 17.13 13.70
CA ALA C 189 10.60 18.05 13.36
C ALA C 189 10.73 19.16 14.39
N LYS C 190 9.60 19.71 14.84
CA LYS C 190 9.64 20.79 15.82
C LYS C 190 10.42 20.38 17.06
N ALA C 191 10.07 19.22 17.64
CA ALA C 191 10.71 18.79 18.88
C ALA C 191 12.20 18.52 18.68
N GLY C 192 12.60 18.15 17.47
CA GLY C 192 14.02 17.94 17.22
C GLY C 192 14.80 19.24 17.18
N LEU C 193 14.25 20.25 16.51
CA LEU C 193 14.92 21.54 16.45
C LEU C 193 14.76 22.31 17.76
N THR C 194 13.60 22.20 18.39
CA THR C 194 13.39 22.86 19.67
C THR C 194 14.49 22.48 20.66
N PHE C 195 14.75 21.17 20.79
CA PHE C 195 15.78 20.72 21.71
C PHE C 195 17.13 21.34 21.37
N LEU C 196 17.47 21.38 20.09
CA LEU C 196 18.71 22.03 19.67
C LEU C 196 18.67 23.53 19.95
N VAL C 197 17.46 24.12 19.94
CA VAL C 197 17.34 25.52 20.29
C VAL C 197 17.34 25.73 21.80
N ASP C 198 16.92 24.72 22.57
CA ASP C 198 16.88 24.89 24.02
C ASP C 198 18.26 24.77 24.64
N LEU C 199 19.16 23.99 24.05
CA LEU C 199 20.50 23.84 24.61
C LEU C 199 21.43 24.97 24.19
N ILE C 200 21.16 25.65 23.09
CA ILE C 200 21.91 26.86 22.75
C ILE C 200 21.45 28.01 23.62
N LYS C 201 20.15 28.08 23.95
CA LYS C 201 19.68 29.11 24.85
C LYS C 201 20.19 28.88 26.27
N ASN C 202 20.35 27.63 26.67
CA ASN C 202 21.03 27.31 27.93
C ASN C 202 22.54 27.36 27.78
N LYS C 203 23.04 27.94 26.67
CA LYS C 203 24.47 28.12 26.44
C LYS C 203 25.25 26.83 26.69
N HIS C 204 24.61 25.68 26.48
CA HIS C 204 25.37 24.44 26.32
C HIS C 204 26.11 24.43 24.99
N MET C 205 25.85 25.40 24.13
CA MET C 205 26.51 25.52 22.84
C MET C 205 26.32 26.95 22.36
N ASN C 206 27.06 27.33 21.33
CA ASN C 206 26.98 28.66 20.74
C ASN C 206 26.48 28.53 19.31
N ALA C 207 25.57 29.43 18.92
CA ALA C 207 24.87 29.28 17.65
C ALA C 207 25.81 29.50 16.45
N ASP C 208 26.82 30.35 16.59
CA ASP C 208 27.69 30.69 15.48
C ASP C 208 28.89 29.75 15.35
N THR C 209 28.90 28.63 16.08
CA THR C 209 29.96 27.65 15.90
C THR C 209 29.84 27.00 14.52
N ASP C 210 30.98 26.85 13.86
CA ASP C 210 31.01 26.25 12.53
C ASP C 210 32.03 25.12 12.48
N TYR C 211 32.28 24.58 11.29
CA TYR C 211 33.22 23.47 11.15
C TYR C 211 34.58 23.83 11.73
N SER C 212 35.14 24.96 11.31
CA SER C 212 36.47 25.35 11.77
C SER C 212 36.53 25.41 13.30
N ILE C 213 35.59 26.12 13.92
CA ILE C 213 35.61 26.29 15.37
C ILE C 213 35.45 24.95 16.07
N ALA C 214 34.40 24.20 15.70
CA ALA C 214 34.14 22.93 16.35
C ALA C 214 35.33 21.99 16.22
N GLU C 215 35.89 21.87 15.01
CA GLU C 215 37.04 21.00 14.81
C GLU C 215 38.23 21.47 15.63
N ALA C 216 38.46 22.78 15.66
CA ALA C 216 39.55 23.31 16.48
C ALA C 216 39.26 23.15 17.97
N ALA C 217 37.99 23.23 18.36
CA ALA C 217 37.64 23.06 19.78
C ALA C 217 37.89 21.63 20.23
N PHE C 218 37.37 20.66 19.50
CA PHE C 218 37.55 19.26 19.88
C PHE C 218 39.02 18.86 19.80
N ASN C 219 39.71 19.23 18.72
CA ASN C 219 41.09 18.81 18.53
C ASN C 219 42.01 19.29 19.63
N LYS C 220 41.63 20.33 20.36
CA LYS C 220 42.41 20.82 21.48
C LYS C 220 41.84 20.40 22.83
N GLY C 221 40.92 19.43 22.82
CA GLY C 221 40.37 18.92 24.06
C GLY C 221 39.45 19.88 24.78
N GLU C 222 38.91 20.87 24.09
CA GLU C 222 37.98 21.81 24.71
C GLU C 222 36.55 21.33 24.70
N THR C 223 36.23 20.29 23.94
CA THR C 223 34.89 19.72 23.90
C THR C 223 34.99 18.21 24.04
N ALA C 224 34.17 17.64 24.91
CA ALA C 224 34.16 16.19 25.07
C ALA C 224 33.48 15.51 23.90
N MET C 225 32.56 16.21 23.22
CA MET C 225 31.76 15.64 22.16
C MET C 225 31.93 16.47 20.88
N THR C 226 31.59 15.83 19.76
CA THR C 226 31.45 16.53 18.48
C THR C 226 30.75 15.59 17.51
N ILE C 227 30.25 16.17 16.43
CA ILE C 227 29.53 15.42 15.40
C ILE C 227 30.13 15.79 14.06
N ASN C 228 30.57 14.77 13.31
CA ASN C 228 31.26 15.00 12.04
C ASN C 228 31.30 13.68 11.29
N GLY C 229 31.88 13.73 10.08
CA GLY C 229 32.00 12.56 9.24
C GLY C 229 33.40 12.00 9.22
N PRO C 230 33.59 10.90 8.49
CA PRO C 230 34.89 10.22 8.53
C PRO C 230 36.04 11.07 8.00
N TRP C 231 35.81 11.93 7.01
CA TRP C 231 36.89 12.74 6.44
C TRP C 231 37.65 13.48 7.53
N ALA C 232 36.96 13.92 8.58
CA ALA C 232 37.58 14.75 9.60
C ALA C 232 38.52 13.98 10.52
N TRP C 233 38.47 12.64 10.50
CA TRP C 233 39.30 11.86 11.42
C TRP C 233 40.78 12.17 11.24
N SER C 234 41.21 12.44 10.00
CA SER C 234 42.63 12.69 9.75
C SER C 234 43.14 13.84 10.61
N ASN C 235 42.39 14.95 10.66
CA ASN C 235 42.80 16.08 11.46
C ASN C 235 42.82 15.76 12.96
N ILE C 236 42.16 14.69 13.37
CA ILE C 236 42.10 14.33 14.79
C ILE C 236 43.30 13.48 15.18
N ASP C 237 43.65 12.49 14.34
CA ASP C 237 44.82 11.67 14.62
C ASP C 237 46.08 12.51 14.72
N THR C 238 46.25 13.47 13.81
CA THR C 238 47.37 14.39 13.89
C THR C 238 47.34 15.17 15.20
N SER C 239 46.15 15.49 15.69
CA SER C 239 46.01 16.21 16.95
C SER C 239 46.34 15.26 18.11
N ALA C 240 46.31 15.83 19.33
CA ALA C 240 46.67 15.09 20.54
C ALA C 240 45.45 14.60 21.31
N VAL C 241 44.33 14.36 20.61
CA VAL C 241 43.08 13.99 21.26
C VAL C 241 42.92 12.47 21.21
N ASN C 242 42.65 11.87 22.37
CA ASN C 242 42.23 10.48 22.45
C ASN C 242 40.73 10.46 22.22
N TYR C 243 40.32 10.08 21.01
CA TYR C 243 38.93 10.20 20.60
C TYR C 243 38.34 8.84 20.27
N GLY C 244 37.02 8.79 20.26
CA GLY C 244 36.30 7.63 19.77
C GLY C 244 35.03 8.07 19.09
N VAL C 245 34.63 7.32 18.07
CA VAL C 245 33.39 7.57 17.35
C VAL C 245 32.44 6.41 17.63
N THR C 246 31.17 6.72 17.78
CA THR C 246 30.22 5.73 18.28
C THR C 246 28.85 6.02 17.68
N VAL C 247 27.82 5.48 18.30
CA VAL C 247 26.45 5.66 17.85
C VAL C 247 25.97 7.04 18.27
N LEU C 248 25.31 7.74 17.34
CA LEU C 248 24.77 9.04 17.66
C LEU C 248 23.66 8.91 18.70
N PRO C 249 23.47 9.92 19.55
CA PRO C 249 22.49 9.79 20.62
C PRO C 249 21.06 9.72 20.10
N THR C 250 20.23 8.97 20.81
CA THR C 250 18.82 8.89 20.48
C THR C 250 18.07 10.07 21.09
N PHE C 251 16.93 10.39 20.49
CA PHE C 251 16.08 11.48 20.97
C PHE C 251 14.67 10.92 21.17
N LYS C 252 14.21 10.95 22.42
CA LYS C 252 12.92 10.38 22.79
C LYS C 252 12.91 8.86 22.58
N GLY C 253 14.01 8.21 22.95
CA GLY C 253 14.14 6.79 22.76
C GLY C 253 14.30 6.35 21.32
N GLN C 254 14.30 7.27 20.37
CA GLN C 254 14.44 6.94 18.98
C GLN C 254 15.71 7.56 18.41
N PRO C 255 16.37 6.90 17.46
CA PRO C 255 17.73 7.31 17.10
C PRO C 255 17.75 8.60 16.28
N SER C 256 18.92 9.21 16.24
CA SER C 256 19.16 10.30 15.30
C SER C 256 19.20 9.74 13.89
N LYS C 257 18.57 10.44 12.97
CA LYS C 257 18.49 9.99 11.59
C LYS C 257 19.31 10.89 10.69
N PRO C 258 20.64 10.73 10.65
CA PRO C 258 21.47 11.61 9.84
C PRO C 258 21.20 11.40 8.35
N PHE C 259 21.06 12.51 7.62
CA PHE C 259 21.04 12.42 6.17
C PHE C 259 22.33 11.75 5.70
N VAL C 260 22.18 10.62 5.02
CA VAL C 260 23.33 9.86 4.55
C VAL C 260 23.63 10.29 3.12
N GLY C 261 24.91 10.55 2.85
CA GLY C 261 25.35 10.89 1.52
C GLY C 261 26.19 9.80 0.89
N VAL C 262 26.34 9.86 -0.43
CA VAL C 262 27.17 8.92 -1.18
C VAL C 262 28.09 9.77 -2.03
N LEU C 263 29.36 9.87 -1.62
CA LEU C 263 30.33 10.56 -2.44
C LEU C 263 30.36 9.91 -3.82
N SER C 264 29.98 10.66 -4.84
CA SER C 264 29.83 10.13 -6.19
C SER C 264 30.72 10.90 -7.15
N ALA C 265 31.12 10.21 -8.21
CA ALA C 265 31.93 10.79 -9.28
C ALA C 265 31.05 10.91 -10.52
N GLY C 266 30.92 12.13 -11.03
CA GLY C 266 30.14 12.39 -12.23
C GLY C 266 31.05 12.66 -13.40
N ILE C 267 30.61 12.29 -14.59
CA ILE C 267 31.33 12.52 -15.83
C ILE C 267 30.61 13.62 -16.59
N ASN C 268 31.32 14.73 -16.84
CA ASN C 268 30.73 15.85 -17.55
C ASN C 268 30.30 15.42 -18.95
N ALA C 269 29.06 15.75 -19.32
CA ALA C 269 28.57 15.41 -20.65
C ALA C 269 29.24 16.25 -21.73
N ALA C 270 29.74 17.43 -21.40
CA ALA C 270 30.45 18.28 -22.33
C ALA C 270 31.93 17.94 -22.41
N SER C 271 32.36 16.88 -21.75
CA SER C 271 33.77 16.53 -21.73
C SER C 271 34.14 15.74 -22.99
N PRO C 272 35.28 16.02 -23.61
CA PRO C 272 35.78 15.16 -24.68
C PRO C 272 36.55 13.95 -24.20
N ASN C 273 36.60 13.71 -22.89
CA ASN C 273 37.37 12.61 -22.32
C ASN C 273 36.48 11.68 -21.50
N LYS C 274 35.19 11.63 -21.82
CA LYS C 274 34.29 10.70 -21.14
C LYS C 274 34.81 9.27 -21.25
N GLU C 275 35.15 8.85 -22.47
CA GLU C 275 35.60 7.49 -22.70
C GLU C 275 36.91 7.21 -21.98
N LEU C 276 37.72 8.24 -21.78
CA LEU C 276 38.95 8.12 -21.00
C LEU C 276 38.67 8.22 -19.51
N ALA C 277 37.59 8.93 -19.14
CA ALA C 277 37.25 9.13 -17.74
C ALA C 277 36.89 7.82 -17.06
N LYS C 278 36.12 6.96 -17.75
CA LYS C 278 35.65 5.74 -17.12
C LYS C 278 36.79 4.79 -16.81
N GLU C 279 37.78 4.71 -17.70
CA GLU C 279 38.94 3.87 -17.42
C GLU C 279 39.54 4.21 -16.06
N PHE C 280 39.80 5.49 -15.82
CA PHE C 280 40.39 5.90 -14.55
C PHE C 280 39.52 5.45 -13.38
N LEU C 281 38.26 5.90 -13.36
CA LEU C 281 37.41 5.64 -12.21
C LEU C 281 37.26 4.15 -11.95
N GLU C 282 36.94 3.38 -12.99
CA GLU C 282 36.64 1.97 -12.80
C GLU C 282 37.89 1.17 -12.45
N ASN C 283 39.02 1.48 -13.09
CA ASN C 283 40.19 0.61 -13.03
C ASN C 283 41.32 1.17 -12.18
N TYR C 284 41.27 2.43 -11.78
CA TYR C 284 42.33 3.03 -10.98
C TYR C 284 41.85 3.51 -9.63
N LEU C 285 40.74 4.25 -9.59
CA LEU C 285 40.26 4.78 -8.31
C LEU C 285 39.53 3.72 -7.51
N LEU C 286 38.45 3.16 -8.05
CA LEU C 286 37.70 2.13 -7.36
C LEU C 286 38.53 0.85 -7.30
N THR C 287 39.65 0.91 -6.59
CA THR C 287 40.51 -0.25 -6.37
C THR C 287 40.92 -0.26 -4.91
N ASP C 288 41.29 -1.44 -4.42
CA ASP C 288 41.71 -1.56 -3.03
C ASP C 288 42.80 -0.54 -2.71
N GLU C 289 43.80 -0.43 -3.58
CA GLU C 289 44.87 0.53 -3.36
C GLU C 289 44.45 1.93 -3.80
N GLY C 290 43.72 2.03 -4.91
CA GLY C 290 43.25 3.34 -5.36
C GLY C 290 42.42 4.04 -4.30
N LEU C 291 41.50 3.31 -3.66
CA LEU C 291 40.72 3.89 -2.57
C LEU C 291 41.56 4.05 -1.32
N GLU C 292 42.44 3.08 -1.06
CA GLU C 292 43.37 3.22 0.07
C GLU C 292 44.16 4.52 -0.06
N ALA C 293 44.62 4.83 -1.26
CA ALA C 293 45.36 6.07 -1.49
C ALA C 293 44.54 7.26 -1.01
N VAL C 294 43.28 7.33 -1.42
CA VAL C 294 42.43 8.45 -1.02
C VAL C 294 42.06 8.35 0.45
N ASN C 295 41.90 7.14 0.97
CA ASN C 295 41.39 6.98 2.32
C ASN C 295 42.42 7.40 3.36
N LYS C 296 43.70 7.11 3.12
CA LYS C 296 44.72 7.50 4.09
C LYS C 296 44.91 9.01 4.12
N ASP C 297 44.71 9.69 2.99
CA ASP C 297 44.74 11.15 2.97
C ASP C 297 43.60 11.68 3.85
N LYS C 298 42.37 11.51 3.39
CA LYS C 298 41.19 11.82 4.19
C LYS C 298 40.25 10.62 4.10
N PRO C 299 39.84 10.04 5.24
CA PRO C 299 38.97 8.86 5.17
C PRO C 299 37.72 9.12 4.36
N LEU C 300 37.24 8.09 3.68
CA LEU C 300 36.05 8.18 2.86
C LEU C 300 34.80 7.74 3.60
N GLY C 301 34.94 6.95 4.66
CA GLY C 301 33.81 6.33 5.30
C GLY C 301 33.63 4.90 4.83
N ALA C 302 32.39 4.46 4.68
CA ALA C 302 32.12 3.13 4.16
C ALA C 302 32.22 3.19 2.64
N VAL C 303 33.26 2.54 2.09
CA VAL C 303 33.48 2.59 0.65
C VAL C 303 32.43 1.75 -0.05
N ALA C 304 32.08 2.15 -1.28
CA ALA C 304 31.17 1.37 -2.10
C ALA C 304 31.80 0.10 -2.62
N LEU C 305 33.13 0.03 -2.62
CA LEU C 305 33.84 -1.15 -3.11
C LEU C 305 33.84 -2.23 -2.05
N LYS C 306 33.17 -3.35 -2.35
CA LYS C 306 33.04 -4.43 -1.39
C LYS C 306 34.41 -4.90 -0.90
N SER C 307 35.36 -5.05 -1.82
CA SER C 307 36.66 -5.62 -1.46
C SER C 307 37.36 -4.78 -0.40
N TYR C 308 37.31 -3.46 -0.54
CA TYR C 308 38.00 -2.59 0.40
C TYR C 308 37.16 -2.25 1.62
N GLU C 309 35.83 -2.20 1.48
CA GLU C 309 34.97 -2.09 2.65
C GLU C 309 35.25 -3.22 3.64
N GLU C 310 35.59 -4.40 3.13
CA GLU C 310 35.91 -5.53 4.00
C GLU C 310 36.99 -5.15 5.01
N GLU C 311 38.04 -4.47 4.55
CA GLU C 311 39.11 -4.08 5.47
C GLU C 311 38.65 -2.96 6.40
N LEU C 312 37.87 -2.02 5.88
CA LEU C 312 37.37 -0.92 6.70
C LEU C 312 36.28 -1.37 7.66
N ALA C 313 35.60 -2.47 7.36
CA ALA C 313 34.62 -3.01 8.30
C ALA C 313 35.28 -3.55 9.55
N LYS C 314 36.56 -3.95 9.45
CA LYS C 314 37.32 -4.32 10.64
C LYS C 314 37.49 -3.15 11.59
N ASP C 315 37.32 -1.92 11.09
CA ASP C 315 37.49 -0.72 11.91
C ASP C 315 36.22 -0.48 12.73
N PRO C 316 36.33 -0.27 14.04
CA PRO C 316 35.13 0.08 14.82
C PRO C 316 34.52 1.40 14.39
N ARG C 317 35.33 2.31 13.85
CA ARG C 317 34.83 3.62 13.47
C ARG C 317 33.88 3.56 12.29
N ILE C 318 33.99 2.53 11.45
CA ILE C 318 33.07 2.38 10.33
C ILE C 318 31.73 1.84 10.81
N ALA C 319 31.77 0.85 11.71
CA ALA C 319 30.52 0.33 12.28
C ALA C 319 29.66 1.46 12.84
N ALA C 320 30.27 2.33 13.65
CA ALA C 320 29.53 3.48 14.17
C ALA C 320 28.98 4.32 13.03
N THR C 321 29.78 4.51 11.97
CA THR C 321 29.30 5.27 10.82
C THR C 321 28.17 4.52 10.11
N MET C 322 28.43 3.29 9.68
CA MET C 322 27.39 2.53 8.99
C MET C 322 26.18 2.34 9.88
N GLU C 323 26.39 2.08 11.16
CA GLU C 323 25.27 2.00 12.09
C GLU C 323 24.43 3.28 12.03
N ASN C 324 25.09 4.43 12.04
CA ASN C 324 24.40 5.69 11.86
C ASN C 324 23.85 5.86 10.44
N ALA C 325 24.30 5.03 9.50
CA ALA C 325 23.74 5.08 8.16
C ALA C 325 22.40 4.34 8.08
N GLN C 326 22.30 3.19 8.76
CA GLN C 326 21.06 2.41 8.72
C GLN C 326 19.97 3.08 9.53
N LYS C 327 20.34 3.70 10.65
CA LYS C 327 19.36 4.40 11.46
C LYS C 327 18.94 5.72 10.82
N GLY C 328 19.77 6.25 9.93
CA GLY C 328 19.41 7.42 9.14
C GLY C 328 18.64 7.04 7.89
N GLU C 329 18.64 7.95 6.94
CA GLU C 329 17.94 7.76 5.68
C GLU C 329 18.82 8.24 4.54
N ILE C 330 18.82 7.47 3.44
CA ILE C 330 19.58 7.85 2.26
C ILE C 330 19.07 9.18 1.74
N MET C 331 19.97 10.11 1.49
CA MET C 331 19.57 11.38 0.90
C MET C 331 18.90 11.14 -0.45
N PRO C 332 17.80 11.82 -0.75
CA PRO C 332 17.26 11.76 -2.11
C PRO C 332 18.20 12.45 -3.08
N ASN C 333 18.23 11.95 -4.31
CA ASN C 333 19.07 12.54 -5.33
C ASN C 333 18.33 13.53 -6.22
N ILE C 334 17.03 13.71 -6.01
CA ILE C 334 16.18 14.50 -6.90
C ILE C 334 16.70 15.93 -7.00
N PRO C 335 16.35 16.67 -8.07
CA PRO C 335 16.79 18.06 -8.16
C PRO C 335 16.21 18.94 -7.07
N GLN C 336 15.03 18.61 -6.56
CA GLN C 336 14.37 19.46 -5.58
C GLN C 336 15.11 19.52 -4.25
N MET C 337 16.12 18.66 -4.05
CA MET C 337 16.85 18.71 -2.79
C MET C 337 17.46 20.08 -2.56
N SER C 338 17.85 20.77 -3.61
CA SER C 338 18.39 22.12 -3.47
C SER C 338 17.36 23.04 -2.83
N ALA C 339 16.12 23.00 -3.34
CA ALA C 339 15.04 23.77 -2.71
C ALA C 339 14.95 23.46 -1.23
N PHE C 340 14.92 22.17 -0.88
CA PHE C 340 14.89 21.77 0.52
C PHE C 340 16.06 22.37 1.27
N TRP C 341 17.28 22.05 0.85
CA TRP C 341 18.46 22.45 1.59
C TRP C 341 18.49 23.97 1.83
N TYR C 342 18.30 24.76 0.78
CA TYR C 342 18.38 26.21 0.91
C TYR C 342 17.39 26.71 1.95
N ALA C 343 16.18 26.14 2.00
CA ALA C 343 15.17 26.62 2.92
C ALA C 343 15.56 26.34 4.37
N VAL C 344 16.01 25.11 4.64
CA VAL C 344 16.27 24.71 6.03
C VAL C 344 17.48 25.45 6.59
N ARG C 345 18.43 25.83 5.74
CA ARG C 345 19.60 26.55 6.22
C ARG C 345 19.19 27.76 7.04
N THR C 346 18.50 28.71 6.41
CA THR C 346 18.09 29.92 7.11
C THR C 346 17.22 29.58 8.32
N ALA C 347 16.36 28.58 8.19
CA ALA C 347 15.48 28.21 9.29
C ALA C 347 16.28 27.86 10.54
N VAL C 348 17.27 26.98 10.39
CA VAL C 348 18.14 26.65 11.52
C VAL C 348 18.96 27.86 11.92
N ILE C 349 19.23 28.77 10.99
CA ILE C 349 19.99 29.97 11.32
C ILE C 349 19.13 30.94 12.13
N ASN C 350 17.86 31.07 11.77
CA ASN C 350 16.99 32.01 12.47
C ASN C 350 16.49 31.44 13.79
N ALA C 351 16.10 30.18 13.81
CA ALA C 351 15.68 29.54 15.05
C ALA C 351 16.78 29.61 16.10
N ALA C 352 18.02 29.31 15.71
CA ALA C 352 19.13 29.39 16.64
C ALA C 352 19.48 30.83 16.96
N SER C 353 19.41 31.72 15.95
CA SER C 353 19.69 33.13 16.20
C SER C 353 18.61 33.78 17.04
N GLY C 354 17.36 33.34 16.91
CA GLY C 354 16.27 33.85 17.68
C GLY C 354 15.38 34.86 16.96
N ARG C 355 15.78 35.30 15.76
CA ARG C 355 14.96 36.25 15.03
C ARG C 355 13.59 35.69 14.69
N GLN C 356 13.44 34.36 14.73
CA GLN C 356 12.15 33.73 14.50
C GLN C 356 11.99 32.54 15.41
N THR C 357 10.74 32.18 15.66
CA THR C 357 10.43 31.02 16.46
C THR C 357 10.72 29.75 15.67
N VAL C 358 10.70 28.61 16.38
CA VAL C 358 10.77 27.33 15.69
C VAL C 358 9.56 27.15 14.77
N ASP C 359 8.39 27.57 15.24
CA ASP C 359 7.19 27.47 14.41
C ASP C 359 7.24 28.45 13.26
N ALA C 360 7.81 29.64 13.48
CA ALA C 360 7.84 30.66 12.44
C ALA C 360 8.83 30.28 11.33
N ALA C 361 10.05 29.90 11.70
CA ALA C 361 11.06 29.59 10.70
C ALA C 361 10.68 28.35 9.91
N LEU C 362 10.06 27.36 10.55
CA LEU C 362 9.71 26.12 9.85
C LEU C 362 8.50 26.32 8.95
N ALA C 363 7.52 27.12 9.39
CA ALA C 363 6.41 27.45 8.50
C ALA C 363 6.94 28.02 7.18
N ALA C 364 7.82 29.00 7.27
CA ALA C 364 8.41 29.59 6.07
C ALA C 364 9.21 28.55 5.29
N ALA C 365 10.10 27.84 5.97
CA ALA C 365 10.91 26.82 5.31
C ALA C 365 10.02 25.83 4.57
N GLN C 366 9.03 25.28 5.26
CA GLN C 366 8.03 24.43 4.61
C GLN C 366 7.50 25.10 3.35
N THR C 367 6.89 26.28 3.50
CA THR C 367 6.31 26.98 2.37
C THR C 367 7.35 27.21 1.27
N ASN C 368 8.51 27.74 1.65
CA ASN C 368 9.51 28.12 0.65
C ASN C 368 10.03 26.91 -0.10
N ALA C 369 10.49 25.90 0.64
CA ALA C 369 11.02 24.70 -0.01
C ALA C 369 10.02 24.10 -0.98
N ALA C 370 8.77 23.94 -0.53
CA ALA C 370 7.74 23.41 -1.40
C ALA C 370 7.49 24.32 -2.59
N ALA C 371 7.50 25.64 -2.36
CA ALA C 371 7.30 26.58 -3.45
C ALA C 371 8.45 26.52 -4.45
N ALA C 372 9.69 26.45 -3.95
CA ALA C 372 10.84 26.40 -4.84
C ALA C 372 10.93 25.05 -5.55
N ALA C 373 10.51 23.96 -4.90
CA ALA C 373 10.55 22.65 -5.53
C ALA C 373 9.71 22.64 -6.80
N GLN C 374 8.59 23.36 -6.81
CA GLN C 374 7.72 23.37 -7.97
C GLN C 374 8.39 23.99 -9.20
N LEU C 375 9.47 24.74 -9.02
CA LEU C 375 10.09 25.44 -10.14
C LEU C 375 10.80 24.49 -11.10
N TYR C 376 11.20 23.31 -10.65
CA TYR C 376 11.84 22.37 -11.57
C TYR C 376 10.86 21.79 -12.57
N ASP C 377 9.57 21.79 -12.25
CA ASP C 377 8.56 21.27 -13.17
C ASP C 377 8.20 22.24 -14.28
N VAL C 378 8.93 23.35 -14.43
CA VAL C 378 8.66 24.30 -15.50
C VAL C 378 9.95 24.75 -16.16
N MET C 379 11.10 24.37 -15.60
CA MET C 379 12.37 24.90 -16.07
C MET C 379 12.54 24.66 -17.57
N ASP C 380 12.05 23.54 -18.07
CA ASP C 380 12.09 23.25 -19.49
C ASP C 380 10.87 23.78 -20.23
N ALA C 381 9.94 24.42 -19.53
CA ALA C 381 8.73 24.97 -20.13
C ALA C 381 8.78 26.48 -20.30
N VAL C 382 9.40 27.20 -19.38
CA VAL C 382 9.46 28.64 -19.46
C VAL C 382 10.26 29.00 -20.70
N PRO C 383 9.65 29.62 -21.72
CA PRO C 383 10.37 29.85 -22.99
C PRO C 383 11.72 30.53 -22.83
N ALA C 384 12.59 30.30 -23.82
CA ALA C 384 13.96 30.77 -23.74
C ALA C 384 14.01 32.30 -23.65
N ARG C 385 15.01 32.79 -22.92
CA ARG C 385 15.26 34.21 -22.72
C ARG C 385 14.21 34.87 -21.83
N ARG C 386 13.30 34.10 -21.23
CA ARG C 386 12.18 34.67 -20.48
C ARG C 386 12.13 34.15 -19.05
N TRP C 387 13.24 33.66 -18.51
CA TRP C 387 13.24 33.15 -17.15
C TRP C 387 13.24 34.28 -16.11
N LYS C 388 13.92 35.39 -16.41
CA LYS C 388 14.04 36.46 -15.42
C LYS C 388 12.68 37.11 -15.14
N GLU C 389 11.95 37.47 -16.20
CA GLU C 389 10.62 38.04 -16.00
C GLU C 389 9.67 37.03 -15.37
N PHE C 390 9.89 35.74 -15.62
CA PHE C 390 9.03 34.70 -15.05
C PHE C 390 9.11 34.69 -13.53
N VAL C 391 10.33 34.66 -12.98
CA VAL C 391 10.49 34.66 -11.54
C VAL C 391 10.15 36.01 -10.95
N ARG C 392 10.32 37.09 -11.73
CA ARG C 392 9.89 38.41 -11.27
C ARG C 392 8.37 38.51 -11.28
N THR C 393 7.74 38.18 -12.42
CA THR C 393 6.29 38.19 -12.49
C THR C 393 5.67 37.48 -11.29
N LEU C 394 6.08 36.24 -11.06
CA LEU C 394 5.64 35.52 -9.86
C LEU C 394 6.02 36.29 -8.60
N GLY C 395 7.21 36.90 -8.60
CA GLY C 395 7.67 37.71 -7.49
C GLY C 395 7.58 37.02 -6.14
N LEU C 396 8.36 35.94 -5.97
CA LEU C 396 8.40 35.26 -4.67
C LEU C 396 9.31 36.00 -3.70
N ARG C 397 10.49 36.41 -4.15
CA ARG C 397 11.36 37.35 -3.43
C ARG C 397 11.99 36.76 -2.18
N GLU C 398 11.57 35.57 -1.76
CA GLU C 398 12.19 34.94 -0.62
C GLU C 398 13.67 34.67 -0.94
N ALA C 399 14.54 35.08 -0.02
CA ALA C 399 15.98 34.94 -0.27
C ALA C 399 16.36 33.51 -0.63
N GLU C 400 15.72 32.53 0.02
CA GLU C 400 16.03 31.13 -0.24
C GLU C 400 15.35 30.62 -1.50
N ILE C 401 14.19 31.16 -1.86
CA ILE C 401 13.55 30.78 -3.11
C ILE C 401 14.36 31.30 -4.29
N GLU C 402 14.90 32.52 -4.16
CA GLU C 402 15.70 33.07 -5.25
C GLU C 402 16.93 32.22 -5.52
N ALA C 403 17.44 31.54 -4.48
CA ALA C 403 18.59 30.67 -4.68
C ALA C 403 18.30 29.55 -5.66
N VAL C 404 17.07 29.05 -5.68
CA VAL C 404 16.68 28.07 -6.68
C VAL C 404 16.44 28.73 -8.03
N GLU C 405 15.83 29.91 -8.01
CA GLU C 405 15.61 30.65 -9.24
C GLU C 405 16.94 30.93 -9.94
N VAL C 406 17.96 31.30 -9.17
CA VAL C 406 19.30 31.49 -9.75
C VAL C 406 19.83 30.16 -10.26
N GLU C 407 19.75 29.13 -9.44
CA GLU C 407 20.26 27.82 -9.82
C GLU C 407 19.63 27.32 -11.11
N ILE C 408 18.32 27.49 -11.26
CA ILE C 408 17.65 27.06 -12.48
C ILE C 408 18.14 27.88 -13.67
N GLY C 409 18.25 29.20 -13.49
CA GLY C 409 18.72 30.04 -14.57
C GLY C 409 20.10 29.64 -15.07
N ARG C 410 20.97 29.21 -14.15
CA ARG C 410 22.32 28.80 -14.53
C ARG C 410 22.30 27.51 -15.32
N PHE C 411 21.56 26.50 -14.82
CA PHE C 411 21.37 25.27 -15.58
C PHE C 411 20.99 25.59 -17.02
N ARG C 412 19.90 26.30 -17.21
CA ARG C 412 19.40 26.59 -18.55
C ARG C 412 20.49 27.23 -19.41
N ASP C 413 21.32 28.09 -18.82
CA ASP C 413 22.44 28.65 -19.55
C ASP C 413 23.37 27.55 -20.07
N GLN C 414 23.64 26.54 -19.23
CA GLN C 414 24.52 25.47 -19.65
C GLN C 414 23.94 24.68 -20.81
N GLN C 415 22.62 24.51 -20.84
CA GLN C 415 22.01 23.83 -21.97
C GLN C 415 22.18 24.63 -23.26
N TYR C 416 21.95 25.94 -23.19
CA TYR C 416 22.30 26.80 -24.31
C TYR C 416 23.77 26.66 -24.67
N GLU C 417 24.63 26.52 -23.66
CA GLU C 417 26.04 26.29 -23.91
C GLU C 417 26.26 24.88 -24.46
N MET C 418 25.52 23.91 -23.93
CA MET C 418 25.62 22.54 -24.44
C MET C 418 25.07 22.45 -25.86
N LEU C 419 23.97 23.14 -26.13
CA LEU C 419 23.45 23.21 -27.49
C LEU C 419 24.49 23.77 -28.44
N LYS C 420 25.25 24.78 -28.00
CA LYS C 420 26.25 25.38 -28.89
C LYS C 420 27.37 24.41 -29.22
N ARG C 421 27.81 23.63 -28.23
CA ARG C 421 28.86 22.64 -28.47
C ARG C 421 28.38 21.56 -29.42
N TRP C 422 27.14 21.09 -29.24
CA TRP C 422 26.54 20.19 -30.21
C TRP C 422 26.44 20.82 -31.58
N ARG C 423 26.20 22.14 -31.63
CA ARG C 423 26.12 22.84 -32.91
C ARG C 423 27.48 23.00 -33.56
N GLN C 424 28.56 22.96 -32.78
CA GLN C 424 29.90 23.09 -33.30
C GLN C 424 30.65 21.77 -33.29
N GLN C 425 29.92 20.65 -33.29
CA GLN C 425 30.53 19.31 -33.33
C GLN C 425 31.48 19.09 -32.17
N GLN C 426 31.10 19.60 -30.99
CA GLN C 426 31.85 19.37 -29.77
C GLN C 426 31.05 18.50 -28.83
N PRO C 427 31.70 17.81 -27.88
CA PRO C 427 30.96 16.91 -27.00
C PRO C 427 29.84 17.64 -26.27
N ALA C 428 28.64 17.06 -26.35
CA ALA C 428 27.47 17.69 -25.76
C ALA C 428 26.54 16.63 -25.23
N GLY C 429 25.78 16.99 -24.19
CA GLY C 429 24.75 16.12 -23.66
C GLY C 429 23.44 16.33 -24.39
N LEU C 430 22.95 15.28 -25.05
CA LEU C 430 21.79 15.43 -25.93
C LEU C 430 20.55 15.84 -25.16
N GLY C 431 20.44 15.40 -23.90
CA GLY C 431 19.31 15.81 -23.09
C GLY C 431 19.33 17.31 -22.80
N ALA C 432 20.50 17.84 -22.46
CA ALA C 432 20.63 19.29 -22.31
C ALA C 432 20.30 19.99 -23.61
N VAL C 433 20.90 19.54 -24.72
CA VAL C 433 20.60 20.09 -26.03
C VAL C 433 19.09 20.18 -26.23
N TYR C 434 18.41 19.03 -26.13
CA TYR C 434 16.99 18.98 -26.45
C TYR C 434 16.19 19.91 -25.55
N ALA C 435 16.49 19.93 -24.26
CA ALA C 435 15.75 20.78 -23.33
C ALA C 435 15.78 22.24 -23.75
N ALA C 436 16.92 22.68 -24.31
CA ALA C 436 17.05 24.07 -24.74
C ALA C 436 16.26 24.30 -26.03
N LEU C 437 16.50 23.47 -27.04
CA LEU C 437 15.79 23.61 -28.31
C LEU C 437 14.29 23.58 -28.09
N GLU C 438 13.81 22.64 -27.28
CA GLU C 438 12.39 22.45 -27.09
C GLU C 438 11.72 23.61 -26.36
N ARG C 439 12.49 24.53 -25.78
CA ARG C 439 11.96 25.79 -25.30
C ARG C 439 12.39 26.95 -26.19
N MET C 440 12.87 26.66 -27.40
CA MET C 440 13.34 27.67 -28.34
C MET C 440 12.39 27.80 -29.53
N GLY C 441 11.10 27.70 -29.27
CA GLY C 441 10.10 27.98 -30.29
C GLY C 441 9.99 26.90 -31.34
N LEU C 442 9.15 27.18 -32.33
CA LEU C 442 8.89 26.27 -33.44
C LEU C 442 10.19 25.75 -34.04
N ASP C 443 10.95 26.64 -34.69
CA ASP C 443 12.16 26.23 -35.38
C ASP C 443 13.08 25.44 -34.46
N GLY C 444 13.20 25.86 -33.20
CA GLY C 444 13.99 25.10 -32.25
C GLY C 444 13.55 23.65 -32.18
N CYS C 445 12.23 23.42 -32.15
CA CYS C 445 11.71 22.06 -32.18
C CYS C 445 11.88 21.42 -33.56
N VAL C 446 12.06 22.22 -34.61
CA VAL C 446 12.40 21.68 -35.91
C VAL C 446 13.85 21.19 -35.90
N GLU C 447 14.78 22.07 -35.52
CA GLU C 447 16.17 21.67 -35.33
C GLU C 447 16.24 20.42 -34.46
N ASP C 448 15.66 20.49 -33.26
CA ASP C 448 15.61 19.34 -32.36
C ASP C 448 15.15 18.10 -33.10
N LEU C 449 13.94 18.14 -33.66
CA LEU C 449 13.39 16.98 -34.34
C LEU C 449 14.34 16.50 -35.43
N ARG C 450 14.91 17.43 -36.19
CA ARG C 450 15.90 17.05 -37.19
C ARG C 450 17.08 16.34 -36.54
N SER C 451 17.67 16.94 -35.51
CA SER C 451 18.75 16.30 -34.79
C SER C 451 18.36 14.88 -34.39
N ARG C 452 17.17 14.73 -33.80
CA ARG C 452 16.73 13.41 -33.38
C ARG C 452 16.66 12.44 -34.54
N LEU C 453 16.35 12.92 -35.75
CA LEU C 453 16.21 12.02 -36.90
C LEU C 453 17.56 11.64 -37.49
N GLN C 454 18.49 12.59 -37.56
CA GLN C 454 19.85 12.24 -37.97
C GLN C 454 20.41 11.15 -37.07
N ARG C 455 20.19 11.28 -35.76
CA ARG C 455 20.61 10.26 -34.81
C ARG C 455 20.15 8.87 -35.24
N LEU C 456 19.01 8.78 -35.92
CA LEU C 456 18.48 7.47 -36.30
C LEU C 456 19.24 6.86 -37.47
N GLU C 457 19.85 7.68 -38.33
CA GLU C 457 20.67 7.20 -39.43
C GLU C 457 19.92 6.18 -40.28
N MET D 1 -25.87 8.71 -28.08
CA MET D 1 -26.28 9.48 -26.87
C MET D 1 -25.07 10.07 -26.16
N LYS D 2 -25.01 11.40 -26.13
CA LYS D 2 -23.91 12.09 -25.45
C LYS D 2 -24.03 11.93 -23.94
N ILE D 3 -22.94 12.24 -23.25
CA ILE D 3 -22.87 12.04 -21.80
C ILE D 3 -23.40 13.27 -21.09
N GLU D 4 -24.16 13.03 -20.02
CA GLU D 4 -24.53 14.05 -19.06
C GLU D 4 -24.40 13.46 -17.67
N GLU D 5 -24.39 14.33 -16.66
CA GLU D 5 -24.27 13.89 -15.28
C GLU D 5 -25.51 13.08 -14.89
N GLY D 6 -25.29 11.90 -14.32
CA GLY D 6 -26.35 10.96 -14.05
C GLY D 6 -26.38 9.77 -14.97
N LYS D 7 -25.31 9.53 -15.71
CA LYS D 7 -25.27 8.49 -16.73
C LYS D 7 -23.82 8.10 -16.94
N LEU D 8 -23.62 6.92 -17.51
CA LEU D 8 -22.28 6.42 -17.81
C LEU D 8 -22.25 5.85 -19.23
N VAL D 9 -21.60 6.58 -20.13
CA VAL D 9 -21.47 6.15 -21.52
C VAL D 9 -20.18 5.35 -21.63
N ILE D 10 -20.30 4.08 -22.02
CA ILE D 10 -19.16 3.19 -22.15
C ILE D 10 -18.93 2.92 -23.63
N TRP D 11 -17.67 2.97 -24.05
CA TRP D 11 -17.28 2.62 -25.40
C TRP D 11 -16.45 1.35 -25.35
N ILE D 12 -16.81 0.38 -26.20
CA ILE D 12 -16.07 -0.88 -26.30
C ILE D 12 -16.18 -1.36 -27.73
N ASN D 13 -15.20 -2.16 -28.15
CA ASN D 13 -15.12 -2.58 -29.53
C ASN D 13 -16.28 -3.51 -29.89
N GLY D 14 -16.59 -3.55 -31.19
CA GLY D 14 -17.69 -4.35 -31.70
C GLY D 14 -17.40 -5.83 -31.84
N ASP D 15 -16.16 -6.25 -31.60
CA ASP D 15 -15.83 -7.67 -31.56
C ASP D 15 -15.91 -8.25 -30.17
N LYS D 16 -16.13 -7.42 -29.15
CA LYS D 16 -16.28 -7.87 -27.77
C LYS D 16 -17.76 -8.03 -27.43
N GLY D 17 -18.02 -8.65 -26.30
CA GLY D 17 -19.39 -8.90 -25.86
C GLY D 17 -20.08 -7.69 -25.27
N TYR D 18 -20.37 -6.70 -26.12
CA TYR D 18 -20.97 -5.46 -25.63
C TYR D 18 -22.41 -5.65 -25.17
N ASN D 19 -23.09 -6.69 -25.65
CA ASN D 19 -24.44 -6.97 -25.15
C ASN D 19 -24.39 -7.57 -23.75
N GLY D 20 -23.46 -8.50 -23.53
CA GLY D 20 -23.29 -9.04 -22.20
C GLY D 20 -22.99 -7.96 -21.18
N LEU D 21 -22.07 -7.05 -21.53
CA LEU D 21 -21.77 -5.94 -20.63
C LEU D 21 -22.98 -5.05 -20.43
N ALA D 22 -23.77 -4.83 -21.49
CA ALA D 22 -25.01 -4.08 -21.34
C ALA D 22 -25.90 -4.69 -20.28
N GLU D 23 -25.90 -6.01 -20.16
CA GLU D 23 -26.62 -6.66 -19.07
C GLU D 23 -26.02 -6.29 -17.71
N VAL D 24 -24.70 -6.10 -17.66
CA VAL D 24 -24.06 -5.69 -16.42
C VAL D 24 -24.41 -4.25 -16.10
N GLY D 25 -24.52 -3.40 -17.12
CA GLY D 25 -25.04 -2.06 -16.93
C GLY D 25 -26.51 -2.02 -16.60
N LYS D 26 -27.22 -3.13 -16.81
CA LYS D 26 -28.62 -3.22 -16.40
C LYS D 26 -28.72 -3.59 -14.92
N LYS D 27 -27.88 -4.53 -14.47
CA LYS D 27 -27.85 -4.87 -13.05
C LYS D 27 -27.49 -3.65 -12.20
N PHE D 28 -26.54 -2.84 -12.68
CA PHE D 28 -26.25 -1.57 -12.02
C PHE D 28 -27.49 -0.72 -11.93
N GLU D 29 -28.21 -0.59 -13.05
CA GLU D 29 -29.42 0.22 -13.06
C GLU D 29 -30.50 -0.37 -12.16
N LYS D 30 -30.63 -1.70 -12.15
CA LYS D 30 -31.56 -2.34 -11.23
C LYS D 30 -31.24 -1.97 -9.78
N ASP D 31 -29.96 -2.04 -9.41
CA ASP D 31 -29.57 -1.81 -8.02
C ASP D 31 -29.58 -0.33 -7.67
N THR D 32 -29.15 0.53 -8.61
CA THR D 32 -28.93 1.93 -8.30
C THR D 32 -29.92 2.87 -8.99
N GLY D 33 -30.61 2.41 -10.03
CA GLY D 33 -31.44 3.29 -10.83
C GLY D 33 -30.69 4.14 -11.82
N ILE D 34 -29.39 3.91 -11.99
CA ILE D 34 -28.55 4.72 -12.86
C ILE D 34 -28.50 4.05 -14.23
N LYS D 35 -28.66 4.84 -15.29
CA LYS D 35 -28.64 4.33 -16.64
C LYS D 35 -27.20 4.24 -17.15
N VAL D 36 -26.82 3.07 -17.67
CA VAL D 36 -25.51 2.83 -18.23
C VAL D 36 -25.69 2.44 -19.69
N THR D 37 -25.00 3.15 -20.58
CA THR D 37 -25.11 2.94 -22.02
C THR D 37 -23.80 2.42 -22.56
N VAL D 38 -23.86 1.29 -23.25
CA VAL D 38 -22.70 0.69 -23.90
C VAL D 38 -22.81 0.96 -25.40
N GLU D 39 -21.70 1.41 -25.99
CA GLU D 39 -21.64 1.69 -27.40
C GLU D 39 -20.40 1.04 -27.99
N HIS D 40 -20.46 0.74 -29.29
CA HIS D 40 -19.35 0.13 -30.01
C HIS D 40 -19.17 0.83 -31.35
N PRO D 41 -18.76 2.10 -31.33
CA PRO D 41 -18.59 2.84 -32.57
C PRO D 41 -17.43 2.30 -33.40
N ASP D 42 -17.42 2.69 -34.66
CA ASP D 42 -16.29 2.37 -35.51
C ASP D 42 -15.11 3.27 -35.14
N LYS D 43 -13.92 2.67 -35.07
CA LYS D 43 -12.68 3.42 -34.85
C LYS D 43 -12.75 4.23 -33.56
N LEU D 44 -13.23 3.60 -32.48
CA LEU D 44 -13.33 4.29 -31.21
C LEU D 44 -11.95 4.65 -30.66
N GLU D 45 -10.95 3.80 -30.89
CA GLU D 45 -9.61 4.12 -30.43
C GLU D 45 -9.07 5.35 -31.14
N GLU D 46 -9.54 5.63 -32.35
CA GLU D 46 -9.18 6.84 -33.06
C GLU D 46 -10.13 8.00 -32.77
N LYS D 47 -11.39 7.70 -32.43
CA LYS D 47 -12.34 8.75 -32.13
C LYS D 47 -12.05 9.39 -30.77
N PHE D 48 -11.69 8.57 -29.79
CA PHE D 48 -11.42 9.07 -28.44
C PHE D 48 -10.41 10.21 -28.42
N PRO D 49 -9.25 10.10 -29.06
CA PRO D 49 -8.33 11.26 -29.09
C PRO D 49 -8.92 12.50 -29.75
N GLN D 50 -10.00 12.36 -30.52
CA GLN D 50 -10.59 13.50 -31.20
C GLN D 50 -11.73 14.15 -30.41
N VAL D 51 -12.24 13.49 -29.38
CA VAL D 51 -13.47 13.94 -28.75
C VAL D 51 -13.45 13.71 -27.24
N ALA D 52 -12.28 13.36 -26.70
CA ALA D 52 -12.21 12.97 -25.29
C ALA D 52 -12.75 14.08 -24.39
N ALA D 53 -12.13 15.26 -24.42
CA ALA D 53 -12.44 16.32 -23.49
C ALA D 53 -13.71 17.09 -23.83
N THR D 54 -14.55 16.58 -24.72
CA THR D 54 -15.83 17.21 -25.04
C THR D 54 -16.97 16.36 -24.51
N GLY D 55 -18.17 16.95 -24.50
CA GLY D 55 -19.33 16.25 -24.01
C GLY D 55 -19.79 15.08 -24.86
N ASP D 56 -19.11 14.80 -25.97
CA ASP D 56 -19.44 13.66 -26.81
C ASP D 56 -18.54 12.46 -26.58
N GLY D 57 -17.60 12.56 -25.65
CA GLY D 57 -16.76 11.43 -25.30
C GLY D 57 -17.42 10.53 -24.29
N PRO D 58 -16.81 9.37 -24.08
CA PRO D 58 -17.38 8.41 -23.14
C PRO D 58 -16.83 8.56 -21.73
N ASP D 59 -17.59 8.02 -20.77
CA ASP D 59 -17.11 7.95 -19.40
C ASP D 59 -16.08 6.85 -19.24
N ILE D 60 -16.28 5.74 -19.95
CA ILE D 60 -15.36 4.60 -19.91
C ILE D 60 -15.04 4.20 -21.33
N ILE D 61 -13.82 3.73 -21.54
CA ILE D 61 -13.35 3.28 -22.84
C ILE D 61 -12.65 1.94 -22.64
N PHE D 62 -13.03 0.94 -23.44
CA PHE D 62 -12.47 -0.39 -23.36
C PHE D 62 -11.59 -0.66 -24.57
N TRP D 63 -10.37 -1.14 -24.32
CA TRP D 63 -9.43 -1.44 -25.38
C TRP D 63 -8.26 -2.19 -24.79
N ALA D 64 -7.46 -2.80 -25.66
CA ALA D 64 -6.19 -3.35 -25.23
C ALA D 64 -5.33 -2.23 -24.66
N HIS D 65 -4.42 -2.60 -23.76
CA HIS D 65 -3.67 -1.62 -23.00
C HIS D 65 -2.70 -0.82 -23.87
N ASP D 66 -2.41 -1.26 -25.09
CA ASP D 66 -1.37 -0.61 -25.87
C ASP D 66 -1.70 0.85 -26.17
N ARG D 67 -2.98 1.19 -26.21
CA ARG D 67 -3.40 2.54 -26.59
C ARG D 67 -3.46 3.51 -25.42
N PHE D 68 -3.29 3.05 -24.19
CA PHE D 68 -3.51 3.91 -23.04
C PHE D 68 -2.29 4.72 -22.66
N GLY D 69 -1.10 4.36 -23.15
CA GLY D 69 0.06 5.22 -22.91
C GLY D 69 -0.11 6.59 -23.52
N GLY D 70 -0.51 6.63 -24.79
CA GLY D 70 -0.79 7.91 -25.41
C GLY D 70 -1.92 8.64 -24.72
N TYR D 71 -2.97 7.91 -24.33
CA TYR D 71 -4.08 8.54 -23.62
C TYR D 71 -3.63 9.10 -22.27
N ALA D 72 -2.68 8.43 -21.62
CA ALA D 72 -2.21 8.90 -20.33
C ALA D 72 -1.16 9.99 -20.49
N GLN D 73 -0.17 9.78 -21.35
CA GLN D 73 0.83 10.81 -21.58
C GLN D 73 0.18 12.14 -21.88
N SER D 74 -0.94 12.12 -22.59
CA SER D 74 -1.71 13.32 -22.87
C SER D 74 -2.61 13.74 -21.73
N GLY D 75 -2.76 12.90 -20.70
CA GLY D 75 -3.50 13.29 -19.52
C GLY D 75 -5.01 13.21 -19.64
N LEU D 76 -5.52 12.42 -20.58
CA LEU D 76 -6.95 12.30 -20.80
C LEU D 76 -7.61 11.23 -19.94
N LEU D 77 -6.81 10.44 -19.23
CA LEU D 77 -7.32 9.38 -18.37
C LEU D 77 -7.10 9.75 -16.91
N ALA D 78 -8.12 9.53 -16.09
CA ALA D 78 -8.02 9.75 -14.66
C ALA D 78 -7.22 8.63 -14.02
N GLU D 79 -6.39 8.98 -13.04
CA GLU D 79 -5.63 7.96 -12.32
C GLU D 79 -6.59 7.03 -11.60
N ILE D 80 -6.32 5.74 -11.67
CA ILE D 80 -7.12 4.72 -11.00
C ILE D 80 -6.55 4.53 -9.61
N THR D 81 -7.43 4.59 -8.61
CA THR D 81 -7.04 4.61 -7.19
C THR D 81 -7.79 3.52 -6.42
N PRO D 82 -7.45 2.26 -6.65
CA PRO D 82 -8.11 1.18 -5.92
C PRO D 82 -7.42 0.86 -4.61
N ALA D 83 -8.19 0.33 -3.68
CA ALA D 83 -7.63 -0.09 -2.41
C ALA D 83 -6.70 -1.27 -2.61
N ALA D 84 -5.77 -1.45 -1.66
CA ALA D 84 -4.82 -2.55 -1.75
C ALA D 84 -5.52 -3.89 -1.93
N ALA D 85 -6.62 -4.09 -1.19
CA ALA D 85 -7.37 -5.34 -1.30
C ALA D 85 -7.77 -5.59 -2.75
N PHE D 86 -8.49 -4.63 -3.36
CA PHE D 86 -9.00 -4.81 -4.71
C PHE D 86 -7.89 -5.26 -5.66
N GLN D 87 -6.78 -4.52 -5.68
CA GLN D 87 -5.67 -4.90 -6.55
C GLN D 87 -5.27 -6.36 -6.35
N ASP D 88 -5.35 -6.84 -5.10
CA ASP D 88 -4.97 -8.22 -4.83
C ASP D 88 -5.89 -9.21 -5.54
N LYS D 89 -7.13 -8.80 -5.83
CA LYS D 89 -8.06 -9.68 -6.53
C LYS D 89 -7.68 -9.89 -7.99
N LEU D 90 -6.74 -9.12 -8.52
CA LEU D 90 -6.28 -9.28 -9.90
C LEU D 90 -4.79 -9.59 -9.91
N TYR D 91 -4.35 -10.22 -11.00
CA TYR D 91 -2.97 -10.64 -11.10
C TYR D 91 -2.04 -9.43 -11.17
N PRO D 92 -0.82 -9.54 -10.64
CA PRO D 92 0.09 -8.38 -10.68
C PRO D 92 0.44 -7.93 -12.08
N PHE D 93 0.73 -8.88 -12.99
CA PHE D 93 1.18 -8.50 -14.32
C PHE D 93 0.09 -7.81 -15.12
N THR D 94 -1.18 -8.14 -14.87
CA THR D 94 -2.26 -7.43 -15.53
C THR D 94 -2.28 -5.97 -15.09
N TRP D 95 -2.14 -5.73 -13.79
CA TRP D 95 -1.96 -4.36 -13.31
C TRP D 95 -0.77 -3.70 -13.99
N ASP D 96 0.34 -4.45 -14.13
CA ASP D 96 1.55 -3.87 -14.70
C ASP D 96 1.30 -3.36 -16.12
N ALA D 97 0.47 -4.08 -16.89
CA ALA D 97 0.21 -3.68 -18.26
C ALA D 97 -0.48 -2.33 -18.33
N VAL D 98 -1.22 -1.96 -17.28
CA VAL D 98 -1.96 -0.71 -17.24
C VAL D 98 -1.30 0.31 -16.32
N ARG D 99 -0.06 0.09 -15.92
CA ARG D 99 0.70 1.03 -15.11
C ARG D 99 1.62 1.82 -16.04
N TYR D 100 1.41 3.13 -16.10
CA TYR D 100 2.19 4.02 -16.96
C TYR D 100 2.81 5.11 -16.10
N ASN D 101 4.12 5.32 -16.26
CA ASN D 101 4.86 6.27 -15.44
C ASN D 101 4.46 6.13 -13.97
N GLY D 102 4.39 4.89 -13.51
CA GLY D 102 4.15 4.61 -12.11
C GLY D 102 2.70 4.61 -11.68
N LYS D 103 1.80 5.20 -12.47
CA LYS D 103 0.42 5.41 -12.06
C LYS D 103 -0.49 4.42 -12.78
N LEU D 104 -1.41 3.81 -12.03
CA LEU D 104 -2.42 2.94 -12.61
C LEU D 104 -3.46 3.79 -13.32
N ILE D 105 -3.57 3.61 -14.64
CA ILE D 105 -4.40 4.45 -15.48
C ILE D 105 -5.65 3.74 -15.97
N ALA D 106 -5.83 2.46 -15.66
CA ALA D 106 -7.00 1.74 -16.11
C ALA D 106 -7.16 0.48 -15.27
N TYR D 107 -8.29 -0.21 -15.48
CA TYR D 107 -8.58 -1.46 -14.81
C TYR D 107 -8.30 -2.62 -15.74
N PRO D 108 -7.39 -3.53 -15.42
CA PRO D 108 -7.17 -4.69 -16.31
C PRO D 108 -8.35 -5.63 -16.24
N ILE D 109 -8.84 -6.05 -17.41
CA ILE D 109 -10.05 -6.85 -17.48
C ILE D 109 -9.70 -8.30 -17.76
N ALA D 110 -9.09 -8.57 -18.92
CA ALA D 110 -8.77 -9.93 -19.30
C ALA D 110 -7.54 -9.95 -20.19
N VAL D 111 -6.80 -11.07 -20.13
CA VAL D 111 -5.59 -11.26 -20.91
C VAL D 111 -5.98 -11.89 -22.25
N GLU D 112 -5.70 -11.19 -23.34
CA GLU D 112 -6.02 -11.65 -24.68
C GLU D 112 -4.77 -12.20 -25.35
N ALA D 113 -4.94 -13.26 -26.14
CA ALA D 113 -3.85 -13.86 -26.89
C ALA D 113 -4.41 -14.64 -28.06
N LEU D 114 -3.74 -14.53 -29.20
CA LEU D 114 -4.15 -15.31 -30.37
C LEU D 114 -3.82 -16.78 -30.18
N SER D 115 -4.59 -17.64 -30.85
CA SER D 115 -4.41 -19.07 -30.75
C SER D 115 -4.73 -19.70 -32.10
N LEU D 116 -4.29 -20.95 -32.27
CA LEU D 116 -4.58 -21.71 -33.47
C LEU D 116 -5.89 -22.46 -33.29
N ILE D 117 -6.88 -22.13 -34.11
CA ILE D 117 -8.21 -22.73 -34.03
C ILE D 117 -8.38 -23.57 -35.28
N TYR D 118 -8.47 -24.88 -35.09
CA TYR D 118 -8.59 -25.83 -36.19
C TYR D 118 -9.89 -26.61 -36.05
N ASN D 119 -10.25 -27.31 -37.13
CA ASN D 119 -11.48 -28.09 -37.21
C ASN D 119 -11.10 -29.56 -37.06
N LYS D 120 -11.34 -30.12 -35.86
CA LYS D 120 -11.07 -31.52 -35.61
C LYS D 120 -11.78 -32.44 -36.61
N ASP D 121 -12.88 -31.98 -37.22
CA ASP D 121 -13.57 -32.80 -38.20
C ASP D 121 -12.78 -32.92 -39.49
N LEU D 122 -12.03 -31.88 -39.86
CA LEU D 122 -11.25 -31.91 -41.10
C LEU D 122 -9.79 -32.19 -40.85
N LEU D 123 -9.25 -31.83 -39.69
CA LEU D 123 -7.87 -32.18 -39.32
C LEU D 123 -7.84 -32.53 -37.84
N PRO D 124 -7.79 -33.82 -37.50
CA PRO D 124 -7.73 -34.17 -36.07
C PRO D 124 -6.44 -33.74 -35.41
N ASN D 125 -5.33 -33.71 -36.14
CA ASN D 125 -4.02 -33.43 -35.59
C ASN D 125 -3.52 -32.10 -36.13
N PRO D 126 -3.53 -31.01 -35.35
CA PRO D 126 -3.08 -29.74 -35.89
C PRO D 126 -1.60 -29.78 -36.22
N PRO D 127 -1.15 -29.01 -37.20
CA PRO D 127 0.27 -29.06 -37.58
C PRO D 127 1.16 -28.47 -36.49
N LYS D 128 2.28 -29.15 -36.23
CA LYS D 128 3.21 -28.68 -35.22
C LYS D 128 4.06 -27.50 -35.71
N THR D 129 4.15 -27.29 -37.02
CA THR D 129 5.00 -26.25 -37.56
C THR D 129 4.26 -25.48 -38.64
N TRP D 130 4.66 -24.22 -38.81
CA TRP D 130 4.17 -23.42 -39.93
C TRP D 130 4.54 -24.06 -41.26
N GLU D 131 5.63 -24.81 -41.31
CA GLU D 131 6.16 -25.32 -42.56
C GLU D 131 5.28 -26.40 -43.16
N GLU D 132 4.46 -27.08 -42.36
CA GLU D 132 3.65 -28.18 -42.87
C GLU D 132 2.41 -27.70 -43.62
N ILE D 133 1.88 -26.53 -43.23
CA ILE D 133 0.60 -26.09 -43.77
C ILE D 133 0.58 -26.13 -45.30
N PRO D 134 1.61 -25.64 -46.01
CA PRO D 134 1.62 -25.82 -47.47
C PRO D 134 1.25 -27.22 -47.90
N ALA D 135 1.81 -28.25 -47.24
CA ALA D 135 1.45 -29.62 -47.55
C ALA D 135 -0.01 -29.89 -47.21
N LEU D 136 -0.43 -29.52 -46.00
CA LEU D 136 -1.80 -29.77 -45.59
C LEU D 136 -2.79 -29.01 -46.46
N ASP D 137 -2.38 -27.86 -47.02
CA ASP D 137 -3.25 -27.14 -47.95
C ASP D 137 -3.55 -27.99 -49.19
N LYS D 138 -2.50 -28.58 -49.76
CA LYS D 138 -2.68 -29.42 -50.94
C LYS D 138 -3.60 -30.60 -50.64
N GLU D 139 -3.51 -31.15 -49.43
CA GLU D 139 -4.42 -32.21 -49.03
C GLU D 139 -5.87 -31.74 -49.11
N LEU D 140 -6.17 -30.61 -48.47
CA LEU D 140 -7.54 -30.13 -48.37
C LEU D 140 -8.03 -29.46 -49.65
N LYS D 141 -7.15 -28.76 -50.37
CA LYS D 141 -7.54 -28.23 -51.66
C LYS D 141 -8.12 -29.31 -52.56
N ALA D 142 -7.63 -30.54 -52.43
CA ALA D 142 -8.19 -31.65 -53.17
C ALA D 142 -9.66 -31.89 -52.81
N LYS D 143 -10.06 -31.50 -51.60
CA LYS D 143 -11.43 -31.64 -51.14
C LYS D 143 -12.27 -30.41 -51.43
N GLY D 144 -11.71 -29.40 -52.10
CA GLY D 144 -12.41 -28.15 -52.28
C GLY D 144 -12.45 -27.27 -51.06
N LYS D 145 -11.56 -27.49 -50.11
CA LYS D 145 -11.46 -26.69 -48.90
C LYS D 145 -10.14 -25.92 -48.88
N SER D 146 -9.79 -25.37 -47.73
CA SER D 146 -8.54 -24.64 -47.55
C SER D 146 -7.99 -24.93 -46.16
N ALA D 147 -6.68 -24.73 -46.01
CA ALA D 147 -6.03 -25.02 -44.74
C ALA D 147 -6.28 -23.92 -43.71
N LEU D 148 -5.78 -22.72 -43.98
CA LEU D 148 -5.78 -21.65 -43.00
C LEU D 148 -6.25 -20.35 -43.64
N MET D 149 -7.11 -19.63 -42.92
CA MET D 149 -7.53 -18.30 -43.31
C MET D 149 -7.70 -17.46 -42.06
N PHE D 150 -7.19 -16.23 -42.11
CA PHE D 150 -7.35 -15.30 -40.99
C PHE D 150 -7.16 -13.89 -41.51
N ASN D 151 -7.49 -12.92 -40.65
CA ASN D 151 -7.47 -11.52 -41.06
C ASN D 151 -6.06 -11.06 -41.39
N LEU D 152 -5.79 -10.86 -42.68
CA LEU D 152 -4.50 -10.36 -43.11
C LEU D 152 -4.46 -8.84 -43.23
N GLN D 153 -5.59 -8.16 -43.04
CA GLN D 153 -5.62 -6.72 -43.15
C GLN D 153 -5.18 -6.01 -41.87
N GLU D 154 -5.00 -6.75 -40.77
CA GLU D 154 -4.62 -6.18 -39.50
C GLU D 154 -3.34 -6.83 -39.00
N PRO D 155 -2.27 -6.08 -38.76
CA PRO D 155 -0.99 -6.72 -38.39
C PRO D 155 -1.04 -7.48 -37.08
N TYR D 156 -2.06 -7.24 -36.24
CA TYR D 156 -2.19 -7.99 -35.00
C TYR D 156 -2.18 -9.49 -35.28
N PHE D 157 -2.94 -9.92 -36.28
CA PHE D 157 -3.06 -11.35 -36.57
C PHE D 157 -1.85 -11.88 -37.32
N THR D 158 -1.17 -11.04 -38.10
CA THR D 158 0.00 -11.47 -38.85
C THR D 158 1.26 -11.43 -38.02
N TRP D 159 1.30 -10.56 -37.01
CA TRP D 159 2.54 -10.36 -36.25
C TRP D 159 3.09 -11.65 -35.64
N PRO D 160 2.29 -12.55 -35.07
CA PRO D 160 2.87 -13.72 -34.38
C PRO D 160 3.91 -14.46 -35.20
N LEU D 161 3.70 -14.57 -36.51
CA LEU D 161 4.69 -15.24 -37.36
C LEU D 161 5.93 -14.37 -37.53
N ILE D 162 5.74 -13.05 -37.68
CA ILE D 162 6.87 -12.16 -37.86
C ILE D 162 7.71 -12.09 -36.59
N ALA D 163 7.09 -12.32 -35.43
CA ALA D 163 7.79 -12.28 -34.16
C ALA D 163 8.44 -13.60 -33.80
N ALA D 164 8.12 -14.68 -34.53
CA ALA D 164 8.64 -15.99 -34.19
C ALA D 164 10.16 -16.03 -34.27
N ASP D 165 10.71 -15.59 -35.39
CA ASP D 165 12.13 -15.80 -35.66
C ASP D 165 13.01 -14.63 -35.26
N GLY D 166 12.44 -13.45 -34.97
CA GLY D 166 13.26 -12.36 -34.48
C GLY D 166 12.74 -10.95 -34.68
N GLY D 167 11.50 -10.80 -35.17
CA GLY D 167 10.94 -9.47 -35.31
C GLY D 167 10.52 -8.90 -33.96
N TYR D 168 10.70 -7.59 -33.79
CA TYR D 168 10.28 -6.94 -32.56
C TYR D 168 9.90 -5.48 -32.83
N ALA D 169 9.07 -4.95 -31.93
CA ALA D 169 8.56 -3.58 -32.07
C ALA D 169 9.59 -2.58 -31.54
N PHE D 170 9.74 -2.51 -30.22
CA PHE D 170 10.73 -1.65 -29.59
C PHE D 170 11.54 -2.50 -28.62
N LYS D 171 12.86 -2.52 -28.80
CA LYS D 171 13.70 -3.33 -27.96
C LYS D 171 13.60 -2.89 -26.51
N TYR D 172 13.38 -3.85 -25.62
CA TYR D 172 13.32 -3.59 -24.19
C TYR D 172 14.69 -3.83 -23.59
N ALA D 173 15.25 -2.82 -22.93
CA ALA D 173 16.57 -2.91 -22.33
C ALA D 173 16.66 -1.93 -21.17
N ALA D 174 17.36 -2.35 -20.11
CA ALA D 174 17.54 -1.50 -18.93
C ALA D 174 16.22 -1.15 -18.27
N GLY D 175 15.22 -2.01 -18.42
CA GLY D 175 13.91 -1.74 -17.87
C GLY D 175 13.09 -0.75 -18.66
N LYS D 176 13.45 -0.48 -19.92
CA LYS D 176 12.79 0.54 -20.71
C LYS D 176 12.81 0.12 -22.18
N TYR D 177 11.86 0.66 -22.94
CA TYR D 177 11.82 0.45 -24.39
C TYR D 177 12.61 1.55 -25.08
N ASP D 178 13.57 1.15 -25.91
CA ASP D 178 14.37 2.09 -26.68
C ASP D 178 13.60 2.44 -27.95
N ILE D 179 12.91 3.58 -27.94
CA ILE D 179 12.07 3.97 -29.07
C ILE D 179 12.87 4.17 -30.34
N LYS D 180 14.18 4.35 -30.23
CA LYS D 180 15.04 4.44 -31.42
C LYS D 180 15.37 3.08 -32.00
N ASP D 181 14.98 2.00 -31.33
CA ASP D 181 15.43 0.64 -31.64
C ASP D 181 14.21 -0.18 -32.05
N VAL D 182 13.86 -0.09 -33.33
CA VAL D 182 12.75 -0.85 -33.90
C VAL D 182 13.31 -2.07 -34.61
N GLY D 183 12.68 -3.22 -34.42
CA GLY D 183 13.17 -4.46 -34.98
C GLY D 183 12.20 -5.12 -35.94
N VAL D 184 11.60 -4.32 -36.82
CA VAL D 184 10.66 -4.85 -37.79
C VAL D 184 11.33 -5.32 -39.08
N ASP D 185 12.53 -4.82 -39.38
CA ASP D 185 13.25 -5.20 -40.59
C ASP D 185 14.48 -6.05 -40.27
N ASN D 186 14.43 -6.79 -39.16
CA ASN D 186 15.51 -7.71 -38.82
C ASN D 186 15.34 -9.03 -39.56
N ALA D 187 16.32 -9.92 -39.42
CA ALA D 187 16.29 -11.18 -40.12
C ALA D 187 15.00 -11.94 -39.85
N GLY D 188 14.75 -12.26 -38.58
CA GLY D 188 13.57 -13.03 -38.24
C GLY D 188 12.29 -12.47 -38.83
N ALA D 189 12.19 -11.15 -38.90
CA ALA D 189 11.00 -10.52 -39.44
C ALA D 189 10.84 -10.85 -40.93
N LYS D 190 11.86 -10.51 -41.72
CA LYS D 190 11.78 -10.77 -43.16
C LYS D 190 11.59 -12.26 -43.43
N ALA D 191 12.39 -13.10 -42.79
CA ALA D 191 12.19 -14.55 -42.92
C ALA D 191 10.76 -14.93 -42.56
N GLY D 192 10.14 -14.21 -41.64
CA GLY D 192 8.78 -14.49 -41.24
C GLY D 192 7.75 -13.98 -42.23
N LEU D 193 7.97 -12.78 -42.78
CA LEU D 193 6.99 -12.21 -43.70
C LEU D 193 7.05 -12.89 -45.05
N THR D 194 8.24 -13.25 -45.51
CA THR D 194 8.36 -13.95 -46.78
C THR D 194 7.59 -15.27 -46.76
N PHE D 195 7.59 -15.95 -45.61
CA PHE D 195 6.83 -17.20 -45.51
C PHE D 195 5.35 -16.97 -45.70
N LEU D 196 4.84 -15.81 -45.27
CA LEU D 196 3.43 -15.50 -45.49
C LEU D 196 3.16 -15.17 -46.95
N VAL D 197 4.03 -14.37 -47.57
CA VAL D 197 3.86 -14.05 -48.98
C VAL D 197 4.12 -15.28 -49.85
N ASP D 198 5.04 -16.15 -49.42
CA ASP D 198 5.21 -17.42 -50.13
C ASP D 198 3.93 -18.23 -50.10
N LEU D 199 3.13 -18.11 -49.04
CA LEU D 199 1.85 -18.80 -48.98
C LEU D 199 0.86 -18.21 -49.98
N ILE D 200 0.79 -16.89 -50.07
CA ILE D 200 -0.16 -16.26 -50.99
C ILE D 200 0.25 -16.53 -52.42
N LYS D 201 1.54 -16.37 -52.73
CA LYS D 201 2.00 -16.58 -54.10
C LYS D 201 1.93 -18.05 -54.50
N ASN D 202 2.11 -18.95 -53.54
CA ASN D 202 1.88 -20.38 -53.77
C ASN D 202 0.41 -20.75 -53.66
N LYS D 203 -0.49 -19.76 -53.72
CA LYS D 203 -1.93 -19.99 -53.67
C LYS D 203 -2.31 -20.84 -52.46
N HIS D 204 -1.72 -20.53 -51.31
CA HIS D 204 -2.13 -21.11 -50.04
C HIS D 204 -3.06 -20.18 -49.27
N MET D 205 -3.12 -18.90 -49.64
CA MET D 205 -4.05 -17.95 -49.04
C MET D 205 -4.44 -16.93 -50.11
N ASN D 206 -5.30 -15.98 -49.71
CA ASN D 206 -5.72 -14.90 -50.57
C ASN D 206 -5.45 -13.57 -49.87
N ALA D 207 -4.88 -12.63 -50.59
CA ALA D 207 -4.46 -11.36 -49.98
C ALA D 207 -5.64 -10.61 -49.40
N ASP D 208 -6.77 -10.58 -50.13
CA ASP D 208 -7.90 -9.77 -49.73
C ASP D 208 -8.59 -10.28 -48.47
N THR D 209 -8.31 -11.50 -48.05
CA THR D 209 -8.97 -12.06 -46.86
C THR D 209 -8.80 -11.13 -45.67
N ASP D 210 -9.90 -10.90 -44.97
CA ASP D 210 -9.89 -10.05 -43.79
C ASP D 210 -10.55 -10.83 -42.65
N TYR D 211 -11.01 -10.11 -41.63
CA TYR D 211 -11.54 -10.77 -40.45
C TYR D 211 -12.90 -11.40 -40.73
N SER D 212 -13.82 -10.61 -41.31
CA SER D 212 -15.17 -11.12 -41.55
C SER D 212 -15.15 -12.32 -42.47
N ILE D 213 -14.29 -12.30 -43.48
CA ILE D 213 -14.19 -13.42 -44.42
C ILE D 213 -13.72 -14.67 -43.70
N ALA D 214 -12.55 -14.59 -43.07
CA ALA D 214 -11.99 -15.75 -42.38
C ALA D 214 -13.02 -16.41 -41.46
N GLU D 215 -13.64 -15.61 -40.59
CA GLU D 215 -14.59 -16.15 -39.61
C GLU D 215 -15.69 -16.93 -40.31
N ALA D 216 -16.28 -16.36 -41.37
CA ALA D 216 -17.33 -17.04 -42.09
C ALA D 216 -16.82 -18.33 -42.71
N ALA D 217 -15.70 -18.25 -43.43
CA ALA D 217 -15.13 -19.44 -44.05
C ALA D 217 -14.98 -20.56 -43.03
N PHE D 218 -14.32 -20.28 -41.91
CA PHE D 218 -14.12 -21.31 -40.90
C PHE D 218 -15.46 -21.85 -40.40
N ASN D 219 -16.44 -20.96 -40.18
CA ASN D 219 -17.71 -21.39 -39.61
C ASN D 219 -18.50 -22.29 -40.57
N LYS D 220 -18.20 -22.26 -41.87
CA LYS D 220 -18.89 -23.11 -42.83
C LYS D 220 -18.06 -24.33 -43.23
N GLY D 221 -16.98 -24.62 -42.53
CA GLY D 221 -16.16 -25.76 -42.86
C GLY D 221 -15.44 -25.64 -44.18
N GLU D 222 -15.28 -24.43 -44.70
CA GLU D 222 -14.55 -24.22 -45.94
C GLU D 222 -13.05 -24.13 -45.72
N THR D 223 -12.61 -23.76 -44.52
CA THR D 223 -11.20 -23.74 -44.17
C THR D 223 -11.01 -24.51 -42.87
N ALA D 224 -9.97 -25.33 -42.82
CA ALA D 224 -9.76 -26.22 -41.68
C ALA D 224 -9.21 -25.48 -40.46
N MET D 225 -8.53 -24.35 -40.65
CA MET D 225 -7.88 -23.68 -39.54
C MET D 225 -8.10 -22.18 -39.65
N THR D 226 -7.78 -21.48 -38.56
CA THR D 226 -7.69 -20.04 -38.51
C THR D 226 -6.97 -19.67 -37.23
N ILE D 227 -6.73 -18.38 -37.04
CA ILE D 227 -6.20 -17.85 -35.79
C ILE D 227 -7.10 -16.72 -35.33
N ASN D 228 -7.40 -16.68 -34.04
CA ASN D 228 -8.33 -15.69 -33.50
C ASN D 228 -8.26 -15.77 -31.99
N GLY D 229 -8.96 -14.83 -31.34
CA GLY D 229 -8.92 -14.71 -29.91
C GLY D 229 -10.15 -15.26 -29.23
N PRO D 230 -10.19 -15.14 -27.91
CA PRO D 230 -11.34 -15.68 -27.15
C PRO D 230 -12.68 -15.16 -27.64
N TRP D 231 -12.73 -13.90 -28.07
CA TRP D 231 -13.99 -13.34 -28.55
C TRP D 231 -14.60 -14.14 -29.69
N ALA D 232 -13.79 -14.88 -30.44
CA ALA D 232 -14.29 -15.58 -31.61
C ALA D 232 -15.05 -16.85 -31.25
N TRP D 233 -14.73 -17.47 -30.12
CA TRP D 233 -15.24 -18.80 -29.81
C TRP D 233 -16.75 -18.88 -29.92
N SER D 234 -17.46 -17.83 -29.52
CA SER D 234 -18.92 -17.88 -29.51
C SER D 234 -19.48 -18.19 -30.89
N ASN D 235 -18.95 -17.55 -31.93
CA ASN D 235 -19.52 -17.71 -33.26
C ASN D 235 -19.23 -19.09 -33.85
N ILE D 236 -18.12 -19.72 -33.46
CA ILE D 236 -17.88 -21.09 -33.89
C ILE D 236 -18.85 -22.03 -33.20
N ASP D 237 -19.16 -21.76 -31.93
CA ASP D 237 -20.15 -22.55 -31.22
C ASP D 237 -21.52 -22.47 -31.88
N THR D 238 -21.84 -21.33 -32.50
CA THR D 238 -23.11 -21.22 -33.21
C THR D 238 -23.16 -22.16 -34.41
N SER D 239 -22.01 -22.42 -35.03
CA SER D 239 -21.96 -23.22 -36.24
C SER D 239 -21.83 -24.70 -35.91
N ALA D 240 -21.84 -25.52 -36.96
CA ALA D 240 -21.75 -26.97 -36.84
C ALA D 240 -20.31 -27.47 -36.75
N VAL D 241 -19.34 -26.57 -36.63
CA VAL D 241 -17.94 -26.96 -36.69
C VAL D 241 -17.48 -27.49 -35.34
N ASN D 242 -16.90 -28.69 -35.35
CA ASN D 242 -16.20 -29.21 -34.18
C ASN D 242 -14.78 -28.66 -34.20
N TYR D 243 -14.47 -27.78 -33.25
CA TYR D 243 -13.20 -27.06 -33.27
C TYR D 243 -12.42 -27.33 -32.00
N GLY D 244 -11.13 -27.09 -32.10
CA GLY D 244 -10.26 -27.04 -30.94
C GLY D 244 -9.26 -25.93 -31.10
N VAL D 245 -8.88 -25.33 -29.97
CA VAL D 245 -7.91 -24.25 -29.94
C VAL D 245 -6.64 -24.80 -29.31
N THR D 246 -5.50 -24.53 -29.94
CA THR D 246 -4.24 -25.17 -29.55
C THR D 246 -3.10 -24.17 -29.71
N VAL D 247 -1.88 -24.69 -29.55
CA VAL D 247 -0.68 -23.87 -29.71
C VAL D 247 -0.54 -23.46 -31.16
N LEU D 248 -0.08 -22.23 -31.39
CA LEU D 248 0.16 -21.75 -32.73
C LEU D 248 1.35 -22.50 -33.35
N PRO D 249 1.38 -22.65 -34.67
CA PRO D 249 2.45 -23.41 -35.31
C PRO D 249 3.81 -22.76 -35.06
N THR D 250 4.84 -23.60 -34.96
CA THR D 250 6.19 -23.08 -34.85
C THR D 250 6.68 -22.64 -36.23
N PHE D 251 7.67 -21.75 -36.21
CA PHE D 251 8.27 -21.25 -37.45
C PHE D 251 9.78 -21.35 -37.34
N LYS D 252 10.39 -22.20 -38.17
CA LYS D 252 11.82 -22.46 -38.11
C LYS D 252 12.21 -22.95 -36.73
N GLY D 253 11.35 -23.80 -36.14
CA GLY D 253 11.62 -24.41 -34.87
C GLY D 253 11.28 -23.56 -33.66
N GLN D 254 11.08 -22.25 -33.84
CA GLN D 254 10.89 -21.37 -32.70
C GLN D 254 9.43 -20.93 -32.60
N PRO D 255 8.87 -20.84 -31.40
CA PRO D 255 7.43 -20.61 -31.28
C PRO D 255 7.00 -19.28 -31.88
N SER D 256 5.81 -19.27 -32.45
CA SER D 256 5.20 -18.03 -32.89
C SER D 256 4.87 -17.16 -31.68
N LYS D 257 5.27 -15.89 -31.73
CA LYS D 257 5.19 -15.00 -30.58
C LYS D 257 4.08 -13.96 -30.79
N PRO D 258 2.84 -14.27 -30.44
CA PRO D 258 1.78 -13.27 -30.56
C PRO D 258 1.91 -12.17 -29.51
N PHE D 259 1.49 -10.97 -29.90
CA PHE D 259 1.44 -9.85 -28.96
C PHE D 259 0.31 -10.05 -27.97
N VAL D 260 0.62 -10.02 -26.69
CA VAL D 260 -0.35 -10.24 -25.64
C VAL D 260 -0.97 -8.90 -25.26
N GLY D 261 -2.29 -8.85 -25.29
CA GLY D 261 -3.03 -7.62 -25.00
C GLY D 261 -3.96 -7.80 -23.81
N VAL D 262 -3.97 -6.81 -22.93
CA VAL D 262 -4.83 -6.81 -21.76
C VAL D 262 -5.97 -5.84 -22.03
N LEU D 263 -7.16 -6.39 -22.27
CA LEU D 263 -8.34 -5.54 -22.36
C LEU D 263 -8.51 -4.80 -21.05
N SER D 264 -8.65 -3.48 -21.14
CA SER D 264 -8.65 -2.62 -19.96
C SER D 264 -9.73 -1.57 -20.10
N ALA D 265 -10.11 -1.00 -18.96
CA ALA D 265 -11.16 0.01 -18.88
C ALA D 265 -10.59 1.28 -18.26
N GLY D 266 -10.45 2.33 -19.08
CA GLY D 266 -9.99 3.61 -18.60
C GLY D 266 -11.15 4.54 -18.32
N ILE D 267 -10.87 5.57 -17.52
CA ILE D 267 -11.87 6.56 -17.13
C ILE D 267 -11.44 7.90 -17.70
N ASN D 268 -12.35 8.56 -18.42
CA ASN D 268 -12.08 9.86 -18.99
C ASN D 268 -11.79 10.87 -17.87
N ALA D 269 -10.63 11.52 -17.96
CA ALA D 269 -10.27 12.52 -16.95
C ALA D 269 -11.28 13.65 -16.89
N ALA D 270 -11.93 13.98 -18.02
CA ALA D 270 -12.92 15.04 -18.06
C ALA D 270 -14.29 14.60 -17.57
N SER D 271 -14.45 13.33 -17.20
CA SER D 271 -15.78 12.81 -16.91
C SER D 271 -16.32 13.42 -15.62
N PRO D 272 -17.60 13.78 -15.59
CA PRO D 272 -18.21 14.21 -14.32
C PRO D 272 -18.69 13.06 -13.46
N ASN D 273 -18.66 11.83 -13.98
CA ASN D 273 -19.18 10.67 -13.28
C ASN D 273 -18.09 9.65 -13.00
N LYS D 274 -16.94 10.12 -12.50
CA LYS D 274 -15.80 9.22 -12.30
C LYS D 274 -16.04 8.26 -11.14
N GLU D 275 -16.69 8.73 -10.07
CA GLU D 275 -16.91 7.85 -8.92
C GLU D 275 -17.98 6.81 -9.22
N LEU D 276 -18.88 7.09 -10.16
CA LEU D 276 -19.80 6.06 -10.63
C LEU D 276 -19.04 4.97 -11.37
N ALA D 277 -18.14 5.37 -12.27
CA ALA D 277 -17.37 4.40 -13.04
C ALA D 277 -16.57 3.50 -12.13
N LYS D 278 -15.88 4.09 -11.15
CA LYS D 278 -15.07 3.30 -10.23
C LYS D 278 -15.90 2.19 -9.59
N GLU D 279 -17.08 2.54 -9.09
CA GLU D 279 -17.96 1.54 -8.48
C GLU D 279 -18.32 0.45 -9.49
N PHE D 280 -18.95 0.85 -10.60
CA PHE D 280 -19.40 -0.12 -11.59
C PHE D 280 -18.27 -1.06 -12.00
N LEU D 281 -17.14 -0.50 -12.40
CA LEU D 281 -16.00 -1.32 -12.79
C LEU D 281 -15.59 -2.24 -11.65
N GLU D 282 -15.27 -1.67 -10.50
CA GLU D 282 -14.77 -2.47 -9.39
C GLU D 282 -15.83 -3.44 -8.88
N ASN D 283 -17.03 -2.93 -8.58
CA ASN D 283 -18.01 -3.67 -7.81
C ASN D 283 -19.15 -4.24 -8.64
N TYR D 284 -19.08 -4.16 -9.96
CA TYR D 284 -20.12 -4.77 -10.79
C TYR D 284 -19.51 -5.59 -11.92
N LEU D 285 -18.67 -4.96 -12.74
CA LEU D 285 -18.05 -5.68 -13.85
C LEU D 285 -17.02 -6.68 -13.34
N LEU D 286 -16.08 -6.22 -12.52
CA LEU D 286 -14.98 -7.07 -12.05
C LEU D 286 -15.45 -7.94 -10.88
N THR D 287 -16.45 -8.75 -11.18
CA THR D 287 -16.98 -9.76 -10.27
C THR D 287 -17.12 -11.06 -11.03
N ASP D 288 -17.14 -12.17 -10.29
CA ASP D 288 -17.45 -13.44 -10.91
C ASP D 288 -18.76 -13.35 -11.68
N GLU D 289 -19.74 -12.64 -11.12
CA GLU D 289 -21.00 -12.43 -11.81
C GLU D 289 -20.80 -11.60 -13.08
N GLY D 290 -20.16 -10.44 -12.95
CA GLY D 290 -20.02 -9.55 -14.08
C GLY D 290 -19.22 -10.16 -15.22
N LEU D 291 -18.01 -10.63 -14.91
CA LEU D 291 -17.17 -11.23 -15.95
C LEU D 291 -17.88 -12.39 -16.62
N GLU D 292 -18.59 -13.22 -15.83
CA GLU D 292 -19.30 -14.34 -16.42
C GLU D 292 -20.38 -13.87 -17.39
N ALA D 293 -21.12 -12.83 -17.01
CA ALA D 293 -22.16 -12.29 -17.89
C ALA D 293 -21.57 -11.91 -19.25
N VAL D 294 -20.47 -11.16 -19.24
CA VAL D 294 -19.84 -10.75 -20.49
C VAL D 294 -19.26 -11.97 -21.20
N ASN D 295 -18.67 -12.89 -20.44
CA ASN D 295 -17.95 -14.01 -21.05
C ASN D 295 -18.87 -14.88 -21.89
N LYS D 296 -20.06 -15.18 -21.38
CA LYS D 296 -20.99 -16.03 -22.13
C LYS D 296 -21.55 -15.32 -23.35
N ASP D 297 -21.47 -14.00 -23.40
CA ASP D 297 -21.78 -13.27 -24.62
C ASP D 297 -20.65 -13.49 -25.62
N LYS D 298 -19.49 -12.93 -25.31
CA LYS D 298 -18.27 -13.18 -26.08
C LYS D 298 -17.19 -13.46 -25.04
N PRO D 299 -16.58 -14.64 -25.01
CA PRO D 299 -15.57 -14.93 -23.99
C PRO D 299 -14.51 -13.84 -23.94
N LEU D 300 -13.98 -13.63 -22.74
CA LEU D 300 -12.99 -12.57 -22.51
C LEU D 300 -11.56 -13.05 -22.63
N GLY D 301 -11.31 -14.35 -22.50
CA GLY D 301 -9.96 -14.85 -22.41
C GLY D 301 -9.60 -15.19 -20.98
N ALA D 302 -8.32 -15.01 -20.62
CA ALA D 302 -7.88 -15.26 -19.26
C ALA D 302 -8.17 -14.02 -18.42
N VAL D 303 -9.34 -14.04 -17.77
CA VAL D 303 -9.78 -12.89 -16.97
C VAL D 303 -8.77 -12.59 -15.88
N ALA D 304 -8.58 -11.30 -15.60
CA ALA D 304 -7.65 -10.89 -14.56
C ALA D 304 -8.12 -11.29 -13.18
N LEU D 305 -9.39 -11.66 -13.03
CA LEU D 305 -9.95 -11.99 -11.72
C LEU D 305 -9.50 -13.39 -11.32
N LYS D 306 -8.69 -13.46 -10.25
CA LYS D 306 -8.12 -14.73 -9.83
C LYS D 306 -9.21 -15.76 -9.57
N SER D 307 -10.21 -15.39 -8.77
CA SER D 307 -11.25 -16.35 -8.41
C SER D 307 -11.95 -16.89 -9.66
N TYR D 308 -12.28 -16.01 -10.60
CA TYR D 308 -12.98 -16.47 -11.80
C TYR D 308 -12.02 -17.18 -12.75
N GLU D 309 -10.83 -16.64 -12.94
CA GLU D 309 -9.84 -17.33 -13.76
C GLU D 309 -9.56 -18.73 -13.23
N GLU D 310 -9.65 -18.91 -11.91
CA GLU D 310 -9.43 -20.22 -11.31
C GLU D 310 -10.39 -21.26 -11.87
N GLU D 311 -11.62 -20.85 -12.21
CA GLU D 311 -12.59 -21.77 -12.78
C GLU D 311 -12.33 -22.01 -14.26
N LEU D 312 -12.37 -20.94 -15.06
CA LEU D 312 -12.17 -21.08 -16.50
C LEU D 312 -10.84 -21.75 -16.81
N ALA D 313 -9.83 -21.52 -15.98
CA ALA D 313 -8.51 -22.13 -16.20
C ALA D 313 -8.63 -23.61 -16.53
N LYS D 314 -9.56 -24.32 -15.88
CA LYS D 314 -9.70 -25.75 -16.09
C LYS D 314 -10.00 -26.08 -17.55
N ASP D 315 -10.70 -25.20 -18.25
CA ASP D 315 -10.99 -25.43 -19.66
C ASP D 315 -9.67 -25.49 -20.44
N PRO D 316 -9.54 -26.39 -21.42
CA PRO D 316 -8.31 -26.39 -22.22
C PRO D 316 -8.15 -25.17 -23.10
N ARG D 317 -9.25 -24.61 -23.62
CA ARG D 317 -9.13 -23.49 -24.54
C ARG D 317 -8.37 -22.33 -23.90
N ILE D 318 -8.71 -22.02 -22.65
CA ILE D 318 -7.98 -20.98 -21.94
C ILE D 318 -6.54 -21.42 -21.71
N ALA D 319 -6.32 -22.73 -21.54
CA ALA D 319 -4.96 -23.23 -21.36
C ALA D 319 -4.12 -23.02 -22.61
N ALA D 320 -4.73 -23.11 -23.79
CA ALA D 320 -3.99 -22.85 -25.02
C ALA D 320 -3.63 -21.37 -25.14
N THR D 321 -4.61 -20.49 -24.93
CA THR D 321 -4.37 -19.05 -25.02
C THR D 321 -3.19 -18.64 -24.16
N MET D 322 -3.23 -18.99 -22.88
CA MET D 322 -2.16 -18.60 -21.97
C MET D 322 -0.86 -19.33 -22.27
N GLU D 323 -0.91 -20.51 -22.89
CA GLU D 323 0.31 -21.13 -23.37
C GLU D 323 0.91 -20.32 -24.50
N ASN D 324 0.07 -19.84 -25.42
CA ASN D 324 0.55 -18.95 -26.47
C ASN D 324 1.04 -17.64 -25.87
N ALA D 325 0.27 -17.07 -24.94
CA ALA D 325 0.67 -15.81 -24.31
C ALA D 325 2.05 -15.94 -23.68
N GLN D 326 2.29 -17.01 -22.92
CA GLN D 326 3.57 -17.16 -22.24
C GLN D 326 4.72 -17.30 -23.22
N LYS D 327 4.45 -17.80 -24.43
CA LYS D 327 5.47 -17.88 -25.46
C LYS D 327 5.51 -16.65 -26.34
N GLY D 328 4.59 -15.71 -26.15
CA GLY D 328 4.59 -14.44 -26.84
C GLY D 328 5.25 -13.36 -26.02
N GLU D 329 4.79 -12.12 -26.22
CA GLU D 329 5.32 -10.97 -25.51
C GLU D 329 4.19 -10.02 -25.18
N ILE D 330 4.21 -9.49 -23.95
CA ILE D 330 3.22 -8.50 -23.56
C ILE D 330 3.43 -7.23 -24.37
N MET D 331 2.35 -6.69 -24.92
CA MET D 331 2.46 -5.50 -25.73
C MET D 331 2.98 -4.33 -24.88
N PRO D 332 3.88 -3.51 -25.41
CA PRO D 332 4.14 -2.22 -24.76
C PRO D 332 2.88 -1.37 -24.79
N ASN D 333 2.75 -0.48 -23.81
CA ASN D 333 1.66 0.48 -23.80
C ASN D 333 2.12 1.89 -24.14
N ILE D 334 3.40 2.07 -24.44
CA ILE D 334 3.96 3.40 -24.65
C ILE D 334 3.20 4.11 -25.77
N PRO D 335 3.23 5.44 -25.83
CA PRO D 335 2.52 6.14 -26.93
C PRO D 335 3.10 5.85 -28.30
N GLN D 336 4.36 5.44 -28.38
CA GLN D 336 4.98 5.16 -29.66
C GLN D 336 4.42 3.91 -30.33
N MET D 337 3.64 3.09 -29.60
CA MET D 337 3.04 1.92 -30.23
C MET D 337 2.18 2.32 -31.42
N SER D 338 1.59 3.52 -31.38
CA SER D 338 0.76 3.97 -32.49
C SER D 338 1.57 4.06 -33.78
N ALA D 339 2.79 4.60 -33.71
CA ALA D 339 3.65 4.64 -34.87
C ALA D 339 4.02 3.24 -35.33
N PHE D 340 4.18 2.30 -34.40
CA PHE D 340 4.48 0.92 -34.76
C PHE D 340 3.32 0.31 -35.55
N TRP D 341 2.12 0.34 -34.96
CA TRP D 341 1.01 -0.38 -35.57
C TRP D 341 0.66 0.18 -36.94
N TYR D 342 0.67 1.50 -37.10
CA TYR D 342 0.35 2.09 -38.40
C TYR D 342 1.37 1.68 -39.46
N ALA D 343 2.66 1.72 -39.12
CA ALA D 343 3.68 1.43 -40.13
C ALA D 343 3.66 -0.03 -40.53
N VAL D 344 3.49 -0.94 -39.55
CA VAL D 344 3.45 -2.35 -39.86
C VAL D 344 2.14 -2.70 -40.55
N ARG D 345 1.06 -1.97 -40.25
CA ARG D 345 -0.18 -2.16 -41.01
C ARG D 345 0.08 -1.95 -42.50
N THR D 346 0.97 -1.02 -42.84
CA THR D 346 1.28 -0.74 -44.24
C THR D 346 2.24 -1.77 -44.82
N ALA D 347 3.27 -2.14 -44.06
CA ALA D 347 4.25 -3.07 -44.58
C ALA D 347 3.61 -4.40 -44.96
N VAL D 348 2.68 -4.88 -44.13
CA VAL D 348 2.11 -6.21 -44.34
C VAL D 348 1.25 -6.22 -45.61
N ILE D 349 0.25 -5.33 -45.67
CA ILE D 349 -0.67 -5.34 -46.80
C ILE D 349 0.08 -5.18 -48.12
N ASN D 350 1.13 -4.36 -48.12
CA ASN D 350 1.90 -4.14 -49.34
C ASN D 350 2.59 -5.42 -49.79
N ALA D 351 3.38 -6.02 -48.91
CA ALA D 351 4.04 -7.28 -49.23
C ALA D 351 3.02 -8.34 -49.65
N ALA D 352 1.93 -8.46 -48.91
CA ALA D 352 0.92 -9.46 -49.22
C ALA D 352 0.32 -9.22 -50.60
N SER D 353 0.05 -7.96 -50.93
CA SER D 353 -0.50 -7.63 -52.24
C SER D 353 0.53 -7.70 -53.35
N GLY D 354 1.82 -7.82 -53.02
CA GLY D 354 2.86 -7.71 -54.01
C GLY D 354 3.14 -6.29 -54.44
N ARG D 355 2.48 -5.30 -53.84
CA ARG D 355 2.73 -3.91 -54.18
C ARG D 355 4.19 -3.52 -54.00
N GLN D 356 4.92 -4.24 -53.15
CA GLN D 356 6.36 -4.05 -52.97
C GLN D 356 6.87 -5.18 -52.11
N THR D 357 8.20 -5.34 -52.10
CA THR D 357 8.80 -6.54 -51.52
C THR D 357 8.79 -6.49 -50.00
N VAL D 358 8.87 -7.68 -49.40
CA VAL D 358 9.08 -7.79 -47.96
C VAL D 358 10.19 -6.84 -47.53
N ASP D 359 11.36 -6.95 -48.16
CA ASP D 359 12.50 -6.11 -47.78
C ASP D 359 12.13 -4.65 -47.82
N ALA D 360 11.52 -4.20 -48.92
CA ALA D 360 11.09 -2.81 -49.02
C ALA D 360 10.08 -2.46 -47.95
N ALA D 361 9.06 -3.31 -47.78
CA ALA D 361 7.98 -3.00 -46.84
C ALA D 361 8.52 -2.84 -45.42
N LEU D 362 9.50 -3.64 -45.05
CA LEU D 362 10.04 -3.58 -43.69
C LEU D 362 11.07 -2.46 -43.55
N ALA D 363 11.87 -2.22 -44.59
CA ALA D 363 12.80 -1.11 -44.54
C ALA D 363 12.07 0.21 -44.36
N ALA D 364 10.96 0.40 -45.08
CA ALA D 364 10.18 1.63 -44.94
C ALA D 364 9.56 1.73 -43.56
N ALA D 365 8.90 0.67 -43.12
CA ALA D 365 8.26 0.68 -41.81
C ALA D 365 9.26 1.04 -40.72
N GLN D 366 10.40 0.35 -40.68
CA GLN D 366 11.46 0.72 -39.74
C GLN D 366 11.81 2.19 -39.89
N THR D 367 11.88 2.68 -41.12
CA THR D 367 12.12 4.10 -41.35
C THR D 367 10.93 4.94 -40.89
N ASN D 368 9.72 4.52 -41.26
CA ASN D 368 8.53 5.26 -40.87
C ASN D 368 8.36 5.29 -39.35
N ALA D 369 8.46 4.13 -38.72
CA ALA D 369 8.12 4.02 -37.30
C ALA D 369 9.06 4.85 -36.44
N ALA D 370 10.36 4.57 -36.50
CA ALA D 370 11.30 5.24 -35.61
C ALA D 370 11.21 6.75 -35.72
N ALA D 371 10.91 7.27 -36.92
CA ALA D 371 10.76 8.71 -37.08
C ALA D 371 9.51 9.21 -36.38
N ALA D 372 8.37 8.59 -36.65
CA ALA D 372 7.12 8.99 -36.00
C ALA D 372 7.19 8.79 -34.49
N ALA D 373 7.99 7.82 -34.04
CA ALA D 373 8.08 7.55 -32.61
C ALA D 373 8.68 8.73 -31.85
N GLN D 374 9.65 9.42 -32.46
CA GLN D 374 10.24 10.58 -31.82
C GLN D 374 9.27 11.73 -31.67
N LEU D 375 8.23 11.79 -32.53
CA LEU D 375 7.35 12.95 -32.54
C LEU D 375 6.67 13.18 -31.20
N TYR D 376 6.36 12.12 -30.46
CA TYR D 376 5.69 12.30 -29.18
C TYR D 376 6.56 13.09 -28.22
N ASP D 377 7.89 13.01 -28.36
CA ASP D 377 8.79 13.70 -27.46
C ASP D 377 8.66 15.23 -27.53
N VAL D 378 7.97 15.75 -28.56
CA VAL D 378 7.79 17.19 -28.70
C VAL D 378 6.32 17.60 -28.59
N MET D 379 5.39 16.65 -28.64
CA MET D 379 3.96 16.92 -28.49
C MET D 379 3.69 18.06 -27.52
N ASP D 380 4.41 18.08 -26.39
CA ASP D 380 4.21 19.12 -25.39
C ASP D 380 5.07 20.35 -25.63
N ALA D 381 6.12 20.24 -26.43
CA ALA D 381 7.10 21.31 -26.59
C ALA D 381 6.73 22.29 -27.71
N VAL D 382 6.24 21.79 -28.84
CA VAL D 382 5.88 22.66 -29.96
C VAL D 382 4.88 23.68 -29.46
N PRO D 383 5.16 24.99 -29.53
CA PRO D 383 4.23 25.98 -29.01
C PRO D 383 2.87 25.91 -29.68
N ALA D 384 1.85 26.37 -28.96
CA ALA D 384 0.48 26.27 -29.41
C ALA D 384 0.27 26.90 -30.78
N ARG D 385 -0.77 26.43 -31.47
CA ARG D 385 -1.17 26.94 -32.77
C ARG D 385 -0.13 26.69 -33.86
N ARG D 386 0.99 26.04 -33.52
CA ARG D 386 2.09 25.89 -34.46
C ARG D 386 2.35 24.44 -34.86
N TRP D 387 1.42 23.52 -34.57
CA TRP D 387 1.67 22.13 -34.90
C TRP D 387 1.57 21.90 -36.40
N LYS D 388 0.67 22.60 -37.08
CA LYS D 388 0.51 22.39 -38.51
C LYS D 388 1.67 23.00 -39.28
N GLU D 389 2.05 24.24 -38.93
CA GLU D 389 3.26 24.82 -39.49
C GLU D 389 4.48 23.95 -39.18
N PHE D 390 4.42 23.19 -38.08
CA PHE D 390 5.53 22.33 -37.70
C PHE D 390 5.62 21.11 -38.60
N VAL D 391 4.53 20.33 -38.69
CA VAL D 391 4.56 19.09 -39.46
C VAL D 391 4.91 19.36 -40.91
N ARG D 392 4.33 20.42 -41.50
CA ARG D 392 4.55 20.68 -42.91
C ARG D 392 5.97 21.17 -43.18
N THR D 393 6.51 21.99 -42.27
CA THR D 393 7.94 22.32 -42.36
C THR D 393 8.78 21.06 -42.45
N LEU D 394 8.34 20.00 -41.79
CA LEU D 394 9.08 18.74 -41.83
C LEU D 394 8.70 17.92 -43.05
N GLY D 395 7.42 17.94 -43.42
CA GLY D 395 6.96 17.29 -44.63
C GLY D 395 7.46 15.87 -44.80
N LEU D 396 7.16 14.99 -43.83
CA LEU D 396 7.51 13.60 -44.01
C LEU D 396 6.66 12.94 -45.07
N ARG D 397 5.40 13.36 -45.20
CA ARG D 397 4.54 12.98 -46.31
C ARG D 397 4.09 11.52 -46.25
N GLU D 398 4.72 10.70 -45.42
CA GLU D 398 4.34 9.31 -45.31
C GLU D 398 2.92 9.23 -44.76
N ALA D 399 2.06 8.50 -45.47
CA ALA D 399 0.67 8.37 -45.04
C ALA D 399 0.57 7.89 -43.61
N GLU D 400 1.51 7.03 -43.18
CA GLU D 400 1.48 6.51 -41.82
C GLU D 400 1.94 7.55 -40.82
N ILE D 401 3.14 8.12 -41.02
CA ILE D 401 3.67 9.09 -40.08
C ILE D 401 2.66 10.20 -39.84
N GLU D 402 1.96 10.61 -40.91
CA GLU D 402 0.97 11.68 -40.77
C GLU D 402 -0.12 11.29 -39.79
N ALA D 403 -0.50 10.01 -39.77
CA ALA D 403 -1.49 9.55 -38.80
C ALA D 403 -1.05 9.91 -37.37
N VAL D 404 0.22 9.61 -37.05
CA VAL D 404 0.75 10.03 -35.76
C VAL D 404 0.65 11.54 -35.60
N GLU D 405 0.99 12.28 -36.66
CA GLU D 405 0.92 13.73 -36.60
C GLU D 405 -0.51 14.19 -36.32
N VAL D 406 -1.48 13.61 -37.02
CA VAL D 406 -2.89 13.92 -36.75
C VAL D 406 -3.24 13.52 -35.32
N GLU D 407 -2.88 12.29 -34.94
CA GLU D 407 -3.12 11.83 -33.58
C GLU D 407 -2.60 12.83 -32.56
N ILE D 408 -1.34 13.24 -32.71
CA ILE D 408 -0.77 14.22 -31.78
C ILE D 408 -1.56 15.52 -31.83
N GLY D 409 -1.83 16.02 -33.03
CA GLY D 409 -2.64 17.21 -33.15
C GLY D 409 -3.99 17.10 -32.47
N ARG D 410 -4.57 15.89 -32.46
CA ARG D 410 -5.83 15.68 -31.76
C ARG D 410 -5.61 15.69 -30.25
N PHE D 411 -4.59 14.99 -29.76
CA PHE D 411 -4.23 15.07 -28.35
C PHE D 411 -4.07 16.52 -27.92
N ARG D 412 -3.32 17.30 -28.70
CA ARG D 412 -3.14 18.71 -28.37
C ARG D 412 -4.48 19.43 -28.28
N ASP D 413 -5.39 19.14 -29.21
CA ASP D 413 -6.68 19.82 -29.22
C ASP D 413 -7.44 19.57 -27.93
N GLN D 414 -7.47 18.32 -27.48
CA GLN D 414 -8.20 17.99 -26.25
C GLN D 414 -7.56 18.63 -25.04
N GLN D 415 -6.25 18.84 -25.04
CA GLN D 415 -5.59 19.41 -23.89
C GLN D 415 -5.95 20.89 -23.72
N TYR D 416 -6.28 21.57 -24.82
CA TYR D 416 -6.87 22.90 -24.71
C TYR D 416 -8.33 22.82 -24.29
N GLU D 417 -9.07 21.86 -24.85
CA GLU D 417 -10.43 21.63 -24.40
C GLU D 417 -10.46 21.32 -22.92
N MET D 418 -9.55 20.46 -22.45
CA MET D 418 -9.47 20.15 -21.03
C MET D 418 -9.16 21.40 -20.22
N LEU D 419 -8.50 22.39 -20.83
CA LEU D 419 -8.12 23.60 -20.09
C LEU D 419 -9.34 24.47 -19.80
N LYS D 420 -10.25 24.60 -20.76
CA LYS D 420 -11.43 25.43 -20.53
C LYS D 420 -12.30 24.84 -19.43
N ARG D 421 -12.53 23.54 -19.46
CA ARG D 421 -13.27 22.88 -18.39
C ARG D 421 -12.70 23.24 -17.03
N TRP D 422 -11.36 23.17 -16.91
CA TRP D 422 -10.70 23.53 -15.67
C TRP D 422 -10.91 25.00 -15.34
N ARG D 423 -10.69 25.87 -16.33
CA ARG D 423 -10.95 27.29 -16.12
C ARG D 423 -12.37 27.53 -15.64
N GLN D 424 -13.33 26.76 -16.15
CA GLN D 424 -14.71 26.84 -15.72
C GLN D 424 -15.01 25.93 -14.54
N GLN D 425 -13.99 25.39 -13.88
CA GLN D 425 -14.16 24.55 -12.69
C GLN D 425 -15.04 23.33 -13.00
N GLN D 426 -14.74 22.69 -14.13
CA GLN D 426 -15.40 21.46 -14.55
C GLN D 426 -14.39 20.33 -14.59
N PRO D 427 -14.85 19.08 -14.47
CA PRO D 427 -13.91 17.95 -14.34
C PRO D 427 -12.87 17.95 -15.45
N ALA D 428 -11.60 17.88 -15.06
CA ALA D 428 -10.51 18.01 -16.02
C ALA D 428 -9.29 17.27 -15.50
N GLY D 429 -8.46 16.81 -16.43
CA GLY D 429 -7.22 16.17 -16.09
C GLY D 429 -6.10 17.17 -15.97
N LEU D 430 -5.53 17.30 -14.77
CA LEU D 430 -4.52 18.32 -14.53
C LEU D 430 -3.38 18.23 -15.54
N GLY D 431 -2.95 17.01 -15.87
CA GLY D 431 -1.84 16.84 -16.80
C GLY D 431 -2.10 17.52 -18.13
N ALA D 432 -3.29 17.32 -18.69
CA ALA D 432 -3.63 17.97 -19.96
C ALA D 432 -3.66 19.48 -19.81
N VAL D 433 -4.21 19.96 -18.69
CA VAL D 433 -4.17 21.40 -18.41
C VAL D 433 -2.74 21.89 -18.37
N TYR D 434 -1.90 21.23 -17.58
CA TYR D 434 -0.50 21.64 -17.46
C TYR D 434 0.24 21.46 -18.77
N ALA D 435 0.00 20.35 -19.47
CA ALA D 435 0.62 20.18 -20.78
C ALA D 435 0.28 21.34 -21.70
N ALA D 436 -0.94 21.86 -21.61
CA ALA D 436 -1.37 22.93 -22.51
C ALA D 436 -0.72 24.25 -22.13
N LEU D 437 -0.79 24.62 -20.84
CA LEU D 437 -0.26 25.91 -20.40
C LEU D 437 1.23 26.04 -20.73
N GLU D 438 2.00 25.00 -20.40
CA GLU D 438 3.45 25.08 -20.54
C GLU D 438 3.90 25.23 -21.98
N ARG D 439 3.01 25.05 -22.96
CA ARG D 439 3.30 25.37 -24.35
C ARG D 439 2.53 26.60 -24.82
N MET D 440 2.09 27.44 -23.88
CA MET D 440 1.40 28.68 -24.19
C MET D 440 2.17 29.88 -23.65
N GLY D 441 3.50 29.83 -23.76
CA GLY D 441 4.32 30.97 -23.45
C GLY D 441 4.41 31.26 -21.96
N LEU D 442 5.06 32.37 -21.66
CA LEU D 442 5.24 32.82 -20.28
C LEU D 442 3.91 32.85 -19.55
N ASP D 443 2.92 33.55 -20.12
CA ASP D 443 1.62 33.69 -19.47
C ASP D 443 1.04 32.34 -19.08
N GLY D 444 1.11 31.37 -20.00
CA GLY D 444 0.70 30.02 -19.63
C GLY D 444 1.54 29.46 -18.51
N CYS D 445 2.86 29.61 -18.60
CA CYS D 445 3.73 29.15 -17.53
C CYS D 445 3.37 29.81 -16.20
N VAL D 446 2.94 31.06 -16.22
CA VAL D 446 2.55 31.74 -14.99
C VAL D 446 1.25 31.15 -14.46
N GLU D 447 0.18 31.25 -15.26
CA GLU D 447 -1.08 30.62 -14.87
C GLU D 447 -0.84 29.21 -14.38
N ASP D 448 0.07 28.50 -15.05
CA ASP D 448 0.43 27.15 -14.64
C ASP D 448 0.95 27.13 -13.20
N LEU D 449 1.88 28.02 -12.87
CA LEU D 449 2.53 27.94 -11.57
C LEU D 449 1.65 28.53 -10.46
N ARG D 450 0.89 29.59 -10.76
CA ARG D 450 -0.03 30.11 -9.77
C ARG D 450 -1.00 29.04 -9.28
N SER D 451 -1.31 28.08 -10.15
CA SER D 451 -2.15 26.95 -9.76
C SER D 451 -1.38 25.96 -8.90
N ARG D 452 -0.13 25.68 -9.26
CA ARG D 452 0.68 24.74 -8.50
C ARG D 452 0.81 25.19 -7.06
N LEU D 453 1.08 26.47 -6.83
CA LEU D 453 1.25 26.98 -5.47
C LEU D 453 -0.07 26.90 -4.70
N GLN D 454 -1.17 27.32 -5.34
CA GLN D 454 -2.47 27.26 -4.68
C GLN D 454 -2.77 25.87 -4.14
N ARG D 455 -2.38 24.83 -4.87
CA ARG D 455 -2.57 23.47 -4.37
C ARG D 455 -1.95 23.30 -3.00
N LEU D 456 -0.80 23.91 -2.76
CA LEU D 456 -0.12 23.78 -1.48
C LEU D 456 -0.66 24.80 -0.48
N GLU D 457 -0.52 26.09 -0.78
CA GLU D 457 -1.10 27.19 -0.01
C GLU D 457 -0.94 27.00 1.49
N HIS D 458 0.28 27.13 2.00
CA HIS D 458 0.55 27.08 3.43
C HIS D 458 -0.24 25.97 4.11
C1 GLC E . -31.19 12.13 9.02
C2 GLC E . -30.24 10.97 9.37
C3 GLC E . -29.12 11.26 10.31
C4 GLC E . -28.64 12.66 10.27
C5 GLC E . -29.80 13.63 10.41
C6 GLC E . -29.31 15.04 10.51
O1 GLC E . -32.33 11.98 9.71
O2 GLC E . -31.07 9.96 10.00
O3 GLC E . -28.01 10.39 9.96
O4 GLC E . -27.71 12.80 11.36
O5 GLC E . -30.67 13.51 9.25
O6 GLC E . -30.18 15.79 11.35
H1 GLC E . -31.40 12.05 8.06
H2 GLC E . -29.87 10.60 8.55
H3 GLC E . -29.42 11.05 11.21
H4 GLC E . -28.19 12.81 9.42
H5 GLC E . -30.30 13.40 11.22
H61 GLC E . -28.42 15.04 10.89
H62 GLC E . -29.30 15.44 9.64
HO1 GLC E . -32.74 12.72 9.75
HO2 GLC E . -30.57 9.34 10.32
HO3 GLC E . -27.77 9.95 10.64
HO6 GLC E . -30.96 15.78 11.02
C1 GLC E . -26.41 12.52 10.98
C2 GLC E . -25.82 11.51 11.94
C3 GLC E . -25.98 12.01 13.34
C4 GLC E . -25.36 13.37 13.49
C5 GLC E . -25.84 14.36 12.42
C6 GLC E . -25.07 15.64 12.51
O2 GLC E . -26.48 10.26 11.79
O3 GLC E . -25.35 11.08 14.25
O4 GLC E . -25.72 13.85 14.80
O5 GLC E . -25.67 13.81 11.06
O6 GLC E . -25.92 16.69 12.13
H1 GLC E . -26.39 12.18 10.07
H2 GLC E . -24.88 11.40 11.75
H3 GLC E . -26.92 12.07 13.55
H4 GLC E . -24.39 13.28 13.43
H5 GLC E . -26.79 14.55 12.58
H61 GLC E . -24.31 15.60 11.90
H62 GLC E . -24.75 15.78 13.42
HO2 GLC E . -26.41 9.81 12.50
HO3 GLC E . -24.53 11.00 14.06
HO6 GLC E . -26.59 16.70 12.66
C1 GLC E . -24.70 13.77 15.72
C2 GLC E . -25.18 12.94 16.91
C3 GLC E . -26.14 13.66 17.81
C4 GLC E . -25.77 15.10 18.09
C5 GLC E . -25.47 15.81 16.78
C6 GLC E . -25.14 17.25 17.03
O2 GLC E . -25.84 11.75 16.38
O3 GLC E . -26.17 12.95 19.08
O4 GLC E . -26.84 15.76 18.75
O5 GLC E . -24.32 15.17 16.11
O6 GLC E . -24.04 17.61 16.28
H1 GLC E . -23.94 13.33 15.32
H2 GLC E . -24.40 12.68 17.42
H3 GLC E . -27.02 13.64 17.42
H4 GLC E . -24.99 15.12 18.66
H5 GLC E . -26.24 15.76 16.20
H61 GLC E . -25.89 17.81 16.78
H62 GLC E . -24.94 17.39 17.97
HO2 GLC E . -26.48 11.54 16.88
HO3 GLC E . -26.38 12.14 18.95
HO4 GLC E . -26.53 16.26 19.36
HO6 GLC E . -23.49 18.05 16.77
C1 GLC F . 10.14 -27.12 15.99
C2 GLC F . 9.07 -26.28 15.29
C3 GLC F . 8.16 -25.60 16.25
C4 GLC F . 7.57 -26.54 17.24
C5 GLC F . 8.65 -27.37 17.94
C6 GLC F . 8.03 -28.42 18.80
O1 GLC F . 10.99 -26.30 16.67
O2 GLC F . 9.73 -25.28 14.48
O3 GLC F . 7.09 -24.97 15.49
O4 GLC F . 6.83 -25.76 18.23
O5 GLC F . 9.51 -28.08 16.96
O6 GLC F . 9.02 -28.91 19.67
H1 GLC F . 10.63 -27.62 15.33
H2 GLC F . 8.55 -26.86 14.71
H3 GLC F . 8.66 -24.91 16.71
H4 GLC F . 6.95 -27.13 16.78
H5 GLC F . 9.20 -26.79 18.48
H61 GLC F . 7.69 -29.13 18.25
H62 GLC F . 7.31 -28.02 19.31
HO1 GLC F . 11.29 -26.71 17.35
HO2 GLC F . 9.16 -24.89 13.99
HO3 GLC F . 7.41 -24.40 14.95
HO6 GLC F . 9.46 -29.53 19.29
C1 GLC F . 5.48 -25.74 17.96
C2 GLC F . 4.90 -24.43 18.42
C3 GLC F . 5.07 -24.22 19.88
C4 GLC F . 4.55 -25.37 20.68
C5 GLC F . 4.99 -26.75 20.16
C6 GLC F . 4.17 -27.81 20.82
O2 GLC F . 5.56 -23.36 17.73
O3 GLC F . 4.35 -23.02 20.25
O4 GLC F . 5.06 -25.23 22.03
O5 GLC F . 4.83 -26.88 18.69
O6 GLC F . 5.03 -28.69 21.47
H1 GLC F . 5.33 -25.84 17.01
H2 GLC F . 3.95 -24.40 18.20
H3 GLC F . 6.01 -24.11 20.07
H4 GLC F . 3.57 -25.33 20.70
H5 GLC F . 5.92 -26.88 20.39
H61 GLC F . 3.64 -28.27 20.15
H62 GLC F . 3.57 -27.39 21.48
HO2 GLC F . 5.35 -22.62 18.08
HO3 GLC F . 4.88 -22.37 20.30
HO6 GLC F . 5.56 -29.05 20.90
C1 GLC F . 4.13 -24.82 22.95
C2 GLC F . 4.59 -23.53 23.57
C3 GLC F . 5.71 -23.71 24.53
C4 GLC F . 5.41 -24.73 25.59
C5 GLC F . 4.93 -26.07 25.02
C6 GLC F . 4.34 -26.90 26.12
O2 GLC F . 5.03 -22.66 22.49
O3 GLC F . 5.97 -22.43 25.15
O4 GLC F . 6.59 -24.97 26.34
O5 GLC F . 3.89 -25.91 23.97
O6 GLC F . 3.06 -27.31 25.79
H1 GLC F . 3.29 -24.64 22.49
H2 GLC F . 3.84 -23.10 24.03
H3 GLC F . 6.50 -23.99 24.03
H4 GLC F . 4.73 -24.38 26.18
H5 GLC F . 5.68 -26.53 24.64
H61 GLC F . 4.30 -26.37 26.94
H62 GLC F . 4.91 -27.68 26.28
HO2 GLC F . 5.79 -22.33 22.68
HO3 GLC F . 6.75 -22.44 25.49
HO4 GLC F . 6.63 -24.42 26.99
HO6 GLC F . 2.58 -26.63 25.61
C1 GLC G . 30.55 16.88 3.33
C2 GLC G . 29.46 15.86 3.04
C3 GLC G . 28.36 16.41 2.21
C4 GLC G . 27.82 17.68 2.76
C5 GLC G . 28.94 18.71 2.99
C6 GLC G . 28.42 19.96 3.60
O1 GLC G . 31.22 17.16 2.17
O2 GLC G . 30.07 14.75 2.33
O3 GLC G . 27.29 15.44 2.12
O4 GLC G . 26.86 18.18 1.81
O5 GLC G . 30.00 18.16 3.88
O6 GLC G . 27.87 19.69 4.87
H1 GLC G . 31.17 16.52 3.97
H2 GLC G . 29.09 15.54 3.87
H3 GLC G . 28.70 16.58 1.31
H4 GLC G . 27.38 17.50 3.61
H5 GLC G . 29.34 18.92 2.13
H61 GLC G . 27.74 20.33 3.02
H62 GLC G . 29.14 20.59 3.70
HO1 GLC G . 32.03 17.38 2.36
HO2 GLC G . 30.43 14.22 2.90
HO3 GLC G . 27.61 14.66 2.03
HO6 GLC G . 27.37 20.35 5.12
C1 GLC G . 25.57 17.81 2.14
C2 GLC G . 24.77 17.65 0.86
C3 GLC G . 24.68 18.94 0.11
C4 GLC G . 24.24 20.08 0.96
C5 GLC G . 25.01 20.17 2.29
C6 GLC G . 24.37 21.17 3.18
O2 GLC G . 25.41 16.69 0.02
O3 GLC G . 23.72 18.76 -0.96
O4 GLC G . 24.50 21.29 0.21
O5 GLC G . 25.00 18.87 3.00
O6 GLC G . 23.52 20.52 4.08
H1 GLC G . 25.59 16.97 2.61
H2 GLC G . 23.87 17.34 1.08
H3 GLC G . 25.55 19.14 -0.25
H4 GLC G . 23.29 20.01 1.15
H5 GLC G . 25.92 20.43 2.10
H61 GLC G . 23.86 21.80 2.65
H62 GLC G . 25.06 21.65 3.67
HO2 GLC G . 25.31 16.92 -0.79
HO3 GLC G . 24.14 18.53 -1.66
HO6 GLC G . 22.76 20.90 4.08
C1 GLC G . 23.33 21.76 -0.35
C2 GLC G . 23.64 22.61 -1.56
C3 GLC G . 24.21 23.95 -1.21
C4 GLC G . 23.39 24.67 -0.17
C5 GLC G . 23.18 23.80 1.06
C6 GLC G . 22.29 24.52 2.04
O2 GLC G . 24.61 21.88 -2.38
O3 GLC G . 24.24 24.78 -2.40
O4 GLC G . 24.08 25.85 0.21
O5 GLC G . 22.57 22.51 0.71
O6 GLC G . 23.07 25.01 3.08
H1 GLC G . 22.79 21.00 -0.64
H2 GLC G . 22.83 22.74 -2.08
H3 GLC G . 25.11 23.82 -0.87
H4 GLC G . 22.53 24.90 -0.55
H5 GLC G . 24.05 23.64 1.47
H61 GLC G . 21.85 25.25 1.60
H62 GLC G . 21.64 23.89 2.40
HO2 GLC G . 25.24 21.61 -1.88
HO3 GLC G . 23.46 24.87 -2.71
HO4 GLC G . 23.81 26.50 -0.27
HO6 GLC G . 22.63 24.98 3.80
C1 GLC H . -8.94 -7.41 -31.18
C2 GLC H . -7.92 -7.29 -30.03
C3 GLC H . -7.03 -6.11 -30.15
C4 GLC H . -6.42 -5.93 -31.51
C5 GLC H . -7.47 -6.02 -32.62
C6 GLC H . -6.77 -6.08 -33.94
O1 GLC H . -9.91 -6.49 -30.98
O2 GLC H . -8.67 -7.20 -28.79
O3 GLC H . -5.96 -6.26 -29.18
O4 GLC H . -5.76 -4.64 -31.57
O5 GLC H . -8.34 -7.21 -32.53
O6 GLC H . -7.75 -6.05 -34.96
H1 GLC H . -9.33 -8.29 -31.14
H2 GLC H . -7.37 -8.09 -30.02
H3 GLC H . -7.55 -5.30 -29.94
H4 GLC H . -5.77 -6.64 -31.64
H5 GLC H . -8.03 -5.22 -32.59
H61 GLC H . -6.18 -5.31 -34.02
H62 GLC H . -6.27 -6.89 -34.00
HO1 GLC H . -10.66 -6.87 -30.99
HO2 GLC H . -8.14 -7.35 -28.14
HO3 GLC H . -5.64 -5.49 -29.00
HO6 GLC H . -8.45 -6.46 -34.69
C1 GLC H . -4.37 -4.71 -31.53
C2 GLC H . -3.82 -3.54 -30.75
C3 GLC H . -4.21 -2.24 -31.40
C4 GLC H . -3.82 -2.18 -32.84
C5 GLC H . -4.18 -3.43 -33.64
C6 GLC H . -3.45 -3.41 -34.94
O2 GLC H . -4.32 -3.59 -29.42
O3 GLC H . -3.57 -1.15 -30.70
O4 GLC H . -4.53 -1.06 -33.42
O5 GLC H . -3.85 -4.70 -32.93
O6 GLC H . -3.22 -4.72 -35.38
H1 GLC H . -4.11 -5.54 -31.10
H2 GLC H . -2.86 -3.61 -30.74
H3 GLC H . -5.17 -2.15 -31.33
H4 GLC H . -2.87 -2.04 -32.90
H5 GLC H . -5.13 -3.42 -33.82
H61 GLC H . -2.61 -2.96 -34.83
H62 GLC H . -3.97 -2.94 -35.60
HO2 GLC H . -3.68 -3.47 -28.88
HO3 GLC H . -3.75 -0.42 -31.10
HO6 GLC H . -2.38 -4.87 -35.40
C1 GLC H . -3.69 -0.03 -33.81
C2 GLC H . -4.39 1.28 -33.53
C3 GLC H . -5.54 1.52 -34.46
C4 GLC H . -5.10 1.42 -35.90
C5 GLC H . -4.51 0.04 -36.15
C6 GLC H . -4.07 -0.07 -37.58
O2 GLC H . -4.88 1.24 -32.17
O3 GLC H . -6.11 2.83 -34.21
O4 GLC H . -6.21 1.64 -36.76
O5 GLC H . -3.35 -0.22 -35.27
O6 GLC H . -3.68 -1.38 -37.81
H1 GLC H . -2.88 -0.07 -33.29
H2 GLC H . -3.75 2.00 -33.63
H3 GLC H . -6.22 0.84 -34.29
H4 GLC H . -4.43 2.09 -36.06
H5 GLC H . -5.19 -0.63 -35.97
H61 GLC H . -3.33 0.52 -37.73
H62 GLC H . -4.81 0.15 -38.16
HO2 GLC H . -5.42 1.88 -32.05
HO3 GLC H . -6.74 2.97 -34.75
HO4 GLC H . -5.95 2.02 -37.46
HO6 GLC H . -3.15 -1.63 -37.19
S SO4 I . -18.42 6.25 36.75
O1 SO4 I . -19.23 6.83 35.69
O2 SO4 I . -17.49 7.25 37.27
O3 SO4 I . -17.67 5.13 36.23
O4 SO4 I . -19.29 5.79 37.84
S SO4 J . -31.19 -3.65 45.10
O1 SO4 J . -30.06 -4.43 45.58
O2 SO4 J . -30.71 -2.54 44.28
O3 SO4 J . -31.95 -3.12 46.22
O4 SO4 J . -32.06 -4.50 44.29
S SO4 K . -40.54 12.31 24.14
O1 SO4 K . -41.11 11.18 23.41
O2 SO4 K . -40.02 13.29 23.19
O3 SO4 K . -39.45 11.86 25.01
O4 SO4 K . -41.58 12.95 24.95
S SO4 L . -26.09 -10.51 22.98
O1 SO4 L . -25.32 -10.46 21.74
O2 SO4 L . -26.18 -9.17 23.54
O3 SO4 L . -25.42 -11.39 23.94
O4 SO4 L . -27.43 -11.03 22.70
S SO4 M . -3.05 23.36 18.05
O1 SO4 M . -3.74 23.80 16.84
O2 SO4 M . -1.80 24.10 18.19
O3 SO4 M . -3.90 23.62 19.21
O4 SO4 M . -2.76 21.93 17.97
S SO4 N . 1.35 -7.21 38.93
O1 SO4 N . 2.07 -7.70 37.76
O2 SO4 N . 1.79 -5.85 39.23
O3 SO4 N . -0.09 -7.19 38.64
O4 SO4 N . 1.59 -8.09 40.06
S SO4 O . 9.48 -15.85 37.43
O1 SO4 O . 9.50 -14.83 36.39
O2 SO4 O . 10.45 -16.90 37.09
O3 SO4 O . 8.15 -16.42 37.52
O4 SO4 O . 9.85 -15.26 38.71
S SO4 P . 5.23 1.58 -0.44
O1 SO4 P . 6.56 1.56 -1.05
O2 SO4 P . 4.24 1.94 -1.45
O3 SO4 P . 5.21 2.56 0.64
O4 SO4 P . 4.91 0.27 0.10
S SO4 Q . 6.17 9.19 23.46
O1 SO4 Q . 6.70 8.05 22.72
O2 SO4 Q . 5.40 10.05 22.56
O3 SO4 Q . 5.31 8.72 24.53
O4 SO4 Q . 7.28 9.97 24.03
S SO4 R . -3.76 -16.99 11.94
O1 SO4 R . -2.37 -16.78 11.59
O2 SO4 R . -4.61 -16.01 11.26
O3 SO4 R . -3.92 -16.84 13.39
O4 SO4 R . -4.17 -18.33 11.53
S SO4 S . 7.86 0.34 16.94
O1 SO4 S . 8.81 0.05 15.88
O2 SO4 S . 7.74 1.79 17.08
O3 SO4 S . 6.55 -0.22 16.59
O4 SO4 S . 8.33 -0.23 18.20
S SO4 T . 16.67 32.09 -20.44
O1 SO4 T . 15.41 31.63 -21.01
O2 SO4 T . 17.54 32.57 -21.50
O3 SO4 T . 16.40 33.15 -19.50
O4 SO4 T . 17.32 30.98 -19.74
S SO4 U . 40.01 24.85 0.26
O1 SO4 U . 41.24 25.51 0.67
O2 SO4 U . 39.91 24.88 -1.20
O3 SO4 U . 38.87 25.53 0.83
O4 SO4 U . 40.04 23.46 0.72
S SO4 V . 30.39 31.04 -32.27
O1 SO4 V . 30.95 29.83 -32.89
O2 SO4 V . 31.38 32.10 -32.29
O3 SO4 V . 29.20 31.48 -33.00
O4 SO4 V . 30.02 30.74 -30.88
S SO4 W . 24.89 34.00 -13.16
O1 SO4 W . 25.41 34.86 -14.23
O2 SO4 W . 25.91 33.03 -12.79
O3 SO4 W . 23.70 33.31 -13.65
O4 SO4 W . 24.54 34.82 -12.00
S SO4 X . -1.92 23.50 -32.14
O1 SO4 X . -0.61 23.59 -31.51
O2 SO4 X . -1.82 23.99 -33.51
O3 SO4 X . -2.88 24.31 -31.40
O4 SO4 X . -2.37 22.12 -32.16
S SO4 Y . -8.11 12.66 -12.06
O1 SO4 Y . -7.41 13.58 -12.93
O2 SO4 Y . -7.45 11.35 -12.12
O3 SO4 Y . -9.50 12.54 -12.49
O4 SO4 Y . -8.09 13.14 -10.68
S SO4 Z . -9.14 16.45 -37.18
O1 SO4 Z . -9.63 17.45 -38.12
O2 SO4 Z . -8.11 15.64 -37.83
O3 SO4 Z . -10.26 15.58 -36.76
O4 SO4 Z . -8.57 17.11 -36.01
S SO4 AA . 5.94 1.32 -14.84
O1 SO4 AA . 7.16 0.86 -15.49
O2 SO4 AA . 6.09 2.71 -14.45
O3 SO4 AA . 4.81 1.21 -15.76
O4 SO4 AA . 5.68 0.49 -13.66
S SO4 BA . -19.04 -3.38 -35.46
O1 SO4 BA . -17.98 -4.38 -35.50
O2 SO4 BA . -19.17 -2.74 -36.77
O3 SO4 BA . -20.31 -4.04 -35.12
O4 SO4 BA . -18.74 -2.36 -34.47
#